data_1H7Y
#
_entry.id   1H7Y
#
_cell.length_a   1.000
_cell.length_b   1.000
_cell.length_c   1.000
_cell.angle_alpha   90.00
_cell.angle_beta   90.00
_cell.angle_gamma   90.00
#
_symmetry.space_group_name_H-M   'P 1'
#
_entity_poly.entity_id   1
_entity_poly.type   'polypeptide(L)'
_entity_poly.pdbx_seq_one_letter_code
;MLLYKDVISGDELVSDAYDLKEVDDIVYEADCQMVTVKQGGDVDIGANPSAEDAEENAEEGTETVNNLVYSFRLSPTSFD
KKSYMSYIKGYMKAIKARLQESNPERVPVFEKNAIGFVKKILANFKDYDFYIGESMDPDAMVVLMNYREDGITPYMIFFK
DGLVSEKF
;
_entity_poly.pdbx_strand_id   A
#
# COMPACT_ATOMS: atom_id res chain seq x y z
N MET A 1 14.43 8.51 4.57
CA MET A 1 14.91 9.50 3.57
C MET A 1 14.92 8.87 2.18
N LEU A 2 15.13 7.58 2.11
CA LEU A 2 15.15 6.91 0.78
C LEU A 2 13.75 6.96 0.17
N LEU A 3 13.67 7.04 -1.12
CA LEU A 3 12.34 7.10 -1.77
C LEU A 3 12.18 5.90 -2.70
N TYR A 4 11.11 5.16 -2.53
CA TYR A 4 10.88 3.97 -3.38
C TYR A 4 9.66 4.18 -4.26
N LYS A 5 9.84 4.10 -5.55
CA LYS A 5 8.68 4.28 -6.48
C LYS A 5 8.59 3.08 -7.42
N ASP A 6 7.46 2.88 -8.04
CA ASP A 6 7.31 1.72 -8.97
C ASP A 6 7.48 2.21 -10.41
N VAL A 7 7.90 1.35 -11.29
CA VAL A 7 8.09 1.76 -12.71
C VAL A 7 6.83 1.42 -13.51
N ILE A 8 6.00 0.56 -12.99
CA ILE A 8 4.76 0.18 -13.72
C ILE A 8 3.74 1.32 -13.61
N SER A 9 3.57 1.86 -12.43
CA SER A 9 2.59 2.97 -12.26
C SER A 9 2.31 3.17 -10.77
N GLY A 10 3.32 3.14 -9.95
CA GLY A 10 3.09 3.33 -8.49
C GLY A 10 3.39 4.78 -8.11
N ASP A 11 4.43 5.35 -8.64
CA ASP A 11 4.77 6.76 -8.30
C ASP A 11 4.94 6.90 -6.79
N GLU A 12 6.16 6.90 -6.32
CA GLU A 12 6.39 7.03 -4.85
C GLU A 12 5.42 6.11 -4.10
N LEU A 13 5.75 4.85 -4.00
CA LEU A 13 4.84 3.90 -3.29
C LEU A 13 5.14 3.92 -1.78
N VAL A 14 6.37 4.14 -1.41
CA VAL A 14 6.70 4.16 0.05
C VAL A 14 8.10 4.75 0.24
N SER A 15 8.50 4.96 1.47
CA SER A 15 9.86 5.53 1.71
C SER A 15 10.46 4.95 2.99
N ASP A 16 11.73 5.16 3.22
CA ASP A 16 12.37 4.63 4.44
C ASP A 16 12.32 5.67 5.55
N ALA A 17 11.84 6.86 5.24
CA ALA A 17 11.76 7.92 6.27
C ALA A 17 11.02 7.38 7.50
N TYR A 18 10.24 6.35 7.32
CA TYR A 18 9.49 5.77 8.47
C TYR A 18 10.24 4.55 9.01
N ASP A 19 10.50 3.60 8.15
CA ASP A 19 11.21 2.36 8.57
C ASP A 19 10.84 1.25 7.59
N LEU A 20 11.79 0.55 7.06
CA LEU A 20 11.44 -0.51 6.08
C LEU A 20 12.13 -1.83 6.44
N LYS A 21 11.39 -2.90 6.41
CA LYS A 21 11.97 -4.23 6.72
C LYS A 21 11.55 -5.22 5.63
N GLU A 22 12.48 -5.91 5.05
CA GLU A 22 12.10 -6.87 3.98
C GLU A 22 11.90 -8.27 4.58
N VAL A 23 10.80 -8.89 4.28
CA VAL A 23 10.53 -10.24 4.84
C VAL A 23 11.32 -11.28 4.05
N ASP A 24 11.66 -12.38 4.67
CA ASP A 24 12.44 -13.44 3.96
C ASP A 24 11.88 -13.65 2.56
N ASP A 25 10.60 -13.40 2.37
CA ASP A 25 10.00 -13.60 1.04
C ASP A 25 10.60 -12.58 0.04
N ILE A 26 9.86 -11.58 -0.35
CA ILE A 26 10.39 -10.58 -1.30
C ILE A 26 9.51 -9.32 -1.26
N VAL A 27 9.24 -8.82 -0.09
CA VAL A 27 8.40 -7.60 0.01
C VAL A 27 8.95 -6.68 1.10
N TYR A 28 8.73 -5.40 0.96
CA TYR A 28 9.24 -4.44 1.99
C TYR A 28 8.09 -4.05 2.92
N GLU A 29 8.39 -3.60 4.10
CA GLU A 29 7.30 -3.19 5.04
C GLU A 29 7.57 -1.79 5.58
N ALA A 30 6.71 -0.85 5.27
CA ALA A 30 6.92 0.54 5.79
C ALA A 30 5.91 0.83 6.89
N ASP A 31 6.38 0.97 8.11
CA ASP A 31 5.45 1.25 9.25
C ASP A 31 4.93 2.68 9.17
N CYS A 32 3.71 2.91 9.58
CA CYS A 32 3.15 4.28 9.55
C CYS A 32 2.65 4.66 10.94
N GLN A 33 2.72 5.91 11.30
CA GLN A 33 2.24 6.33 12.65
C GLN A 33 1.03 7.25 12.52
N MET A 34 0.33 7.48 13.59
CA MET A 34 -0.87 8.36 13.54
C MET A 34 -0.51 9.74 14.07
N VAL A 35 -0.91 10.78 13.39
CA VAL A 35 -0.59 12.15 13.87
C VAL A 35 -1.87 13.00 13.85
N THR A 36 -1.97 13.95 14.74
CA THR A 36 -3.19 14.81 14.77
C THR A 36 -2.90 16.12 14.02
N VAL A 37 -3.70 16.45 13.06
CA VAL A 37 -3.48 17.71 12.28
C VAL A 37 -4.79 18.47 12.16
N LYS A 38 -4.73 19.74 11.87
CA LYS A 38 -5.98 20.54 11.75
C LYS A 38 -6.41 20.58 10.27
N GLN A 39 -7.33 19.73 9.90
CA GLN A 39 -7.80 19.72 8.49
C GLN A 39 -9.18 20.37 8.40
N GLY A 40 -9.38 21.19 7.39
CA GLY A 40 -10.71 21.86 7.25
C GLY A 40 -11.41 21.36 5.99
N GLY A 41 -11.37 20.07 5.76
CA GLY A 41 -12.03 19.51 4.54
C GLY A 41 -11.15 19.74 3.32
N ASP A 42 -11.28 18.93 2.31
CA ASP A 42 -10.45 19.10 1.10
C ASP A 42 -11.27 18.73 -0.14
N VAL A 43 -11.84 17.56 -0.15
CA VAL A 43 -12.65 17.14 -1.34
C VAL A 43 -11.91 17.51 -2.62
N ASP A 44 -10.96 16.71 -3.02
CA ASP A 44 -10.21 17.01 -4.27
C ASP A 44 -9.69 18.45 -4.21
N ILE A 45 -9.12 18.93 -5.28
CA ILE A 45 -8.60 20.32 -5.29
C ILE A 45 -9.67 21.27 -5.84
N GLY A 46 -10.83 21.28 -5.24
CA GLY A 46 -11.92 22.17 -5.73
C GLY A 46 -13.14 21.34 -6.10
N ALA A 47 -14.24 21.57 -5.43
CA ALA A 47 -15.47 20.78 -5.76
C ALA A 47 -16.54 21.04 -4.69
N ASN A 48 -16.80 22.29 -4.38
CA ASN A 48 -17.83 22.61 -3.35
C ASN A 48 -18.54 23.91 -3.71
N PRO A 49 -19.82 23.94 -3.47
CA PRO A 49 -20.66 25.11 -3.76
C PRO A 49 -20.47 26.20 -2.69
N SER A 50 -21.26 26.15 -1.65
CA SER A 50 -21.13 27.16 -0.56
C SER A 50 -21.16 26.46 0.79
N ALA A 51 -20.37 26.91 1.73
CA ALA A 51 -20.35 26.26 3.07
C ALA A 51 -20.04 27.31 4.14
N GLU A 52 -20.03 26.93 5.38
CA GLU A 52 -19.73 27.91 6.46
C GLU A 52 -18.51 27.43 7.26
N ASP A 53 -18.26 26.15 7.27
CA ASP A 53 -17.08 25.63 8.03
C ASP A 53 -17.28 25.91 9.52
N ALA A 54 -18.48 25.79 10.00
CA ALA A 54 -18.74 26.04 11.44
C ALA A 54 -19.06 24.72 12.14
N GLU A 55 -20.15 24.10 11.76
CA GLU A 55 -20.53 22.80 12.39
C GLU A 55 -20.84 23.02 13.87
N GLU A 56 -19.85 22.90 14.73
CA GLU A 56 -20.10 23.10 16.19
C GLU A 56 -19.16 24.18 16.72
N ASN A 57 -19.36 24.59 17.95
CA ASN A 57 -18.48 25.63 18.54
C ASN A 57 -17.64 25.03 19.67
N ALA A 58 -17.53 23.73 19.70
CA ALA A 58 -16.72 23.08 20.77
C ALA A 58 -15.71 22.13 20.14
N GLU A 59 -15.44 22.29 18.87
CA GLU A 59 -14.45 21.40 18.20
C GLU A 59 -14.33 21.78 16.72
N GLU A 60 -13.15 22.09 16.27
CA GLU A 60 -12.97 22.48 14.85
C GLU A 60 -13.12 21.23 13.96
N GLY A 61 -12.17 20.34 14.03
CA GLY A 61 -12.25 19.11 13.19
C GLY A 61 -10.88 18.43 13.14
N THR A 62 -10.31 18.13 14.28
CA THR A 62 -8.98 17.47 14.29
C THR A 62 -9.14 15.99 13.95
N GLU A 63 -8.45 15.52 12.95
CA GLU A 63 -8.56 14.08 12.57
C GLU A 63 -7.17 13.48 12.43
N THR A 64 -6.92 12.36 13.06
CA THR A 64 -5.58 11.72 12.97
C THR A 64 -5.50 10.89 11.67
N VAL A 65 -4.38 10.92 11.01
CA VAL A 65 -4.25 10.14 9.75
C VAL A 65 -2.83 9.58 9.65
N ASN A 66 -2.64 8.52 8.91
CA ASN A 66 -1.28 7.93 8.78
C ASN A 66 -0.34 8.97 8.17
N ASN A 67 0.92 8.88 8.47
CA ASN A 67 1.90 9.87 7.90
C ASN A 67 2.35 9.41 6.51
N LEU A 68 2.15 8.14 6.21
CA LEU A 68 2.57 7.65 4.87
C LEU A 68 1.46 7.94 3.87
N VAL A 69 0.23 7.74 4.26
CA VAL A 69 -0.90 8.02 3.34
C VAL A 69 -1.05 9.54 3.17
N TYR A 70 -0.84 10.29 4.22
CA TYR A 70 -0.98 11.76 4.13
C TYR A 70 0.15 12.34 3.28
N SER A 71 1.35 11.88 3.47
CA SER A 71 2.49 12.41 2.67
C SER A 71 2.43 11.86 1.24
N PHE A 72 1.85 10.70 1.06
CA PHE A 72 1.77 10.12 -0.31
C PHE A 72 0.30 10.05 -0.73
N ARG A 73 -0.55 10.76 -0.06
CA ARG A 73 -2.01 10.76 -0.41
C ARG A 73 -2.46 9.35 -0.83
N LEU A 74 -2.05 8.33 -0.11
CA LEU A 74 -2.48 6.96 -0.48
C LEU A 74 -4.00 6.96 -0.68
N SER A 75 -4.49 6.22 -1.63
CA SER A 75 -5.96 6.19 -1.85
C SER A 75 -6.45 4.74 -1.90
N PRO A 76 -7.14 4.33 -0.86
CA PRO A 76 -7.68 2.96 -0.76
C PRO A 76 -8.94 2.82 -1.61
N THR A 77 -9.05 1.76 -2.37
CA THR A 77 -10.24 1.58 -3.23
C THR A 77 -10.89 0.23 -2.91
N SER A 78 -12.15 0.08 -3.26
CA SER A 78 -12.84 -1.21 -2.98
C SER A 78 -12.44 -2.23 -4.06
N PHE A 79 -12.68 -3.48 -3.82
CA PHE A 79 -12.31 -4.51 -4.83
C PHE A 79 -13.28 -5.69 -4.75
N ASP A 80 -13.08 -6.69 -5.57
CA ASP A 80 -13.97 -7.88 -5.54
C ASP A 80 -13.15 -9.13 -5.24
N LYS A 81 -13.75 -10.14 -4.66
CA LYS A 81 -12.98 -11.37 -4.35
C LYS A 81 -12.46 -12.00 -5.64
N LYS A 82 -13.31 -12.20 -6.61
CA LYS A 82 -12.85 -12.81 -7.89
C LYS A 82 -12.02 -11.79 -8.68
N SER A 83 -12.32 -10.54 -8.53
CA SER A 83 -11.56 -9.49 -9.27
C SER A 83 -10.12 -9.45 -8.75
N TYR A 84 -9.93 -9.79 -7.51
CA TYR A 84 -8.56 -9.77 -6.93
C TYR A 84 -7.70 -10.85 -7.61
N MET A 85 -8.28 -11.96 -7.92
CA MET A 85 -7.50 -13.06 -8.58
C MET A 85 -7.04 -12.61 -9.96
N SER A 86 -7.86 -11.87 -10.67
CA SER A 86 -7.47 -11.41 -12.03
C SER A 86 -6.37 -10.34 -11.95
N TYR A 87 -6.38 -9.54 -10.92
CA TYR A 87 -5.33 -8.49 -10.81
C TYR A 87 -4.00 -9.09 -10.36
N ILE A 88 -4.04 -10.04 -9.46
CA ILE A 88 -2.77 -10.65 -8.98
C ILE A 88 -2.23 -11.63 -10.03
N LYS A 89 -3.09 -12.16 -10.84
CA LYS A 89 -2.61 -13.12 -11.89
C LYS A 89 -1.97 -12.36 -13.03
N GLY A 90 -2.68 -11.44 -13.63
CA GLY A 90 -2.10 -10.65 -14.76
C GLY A 90 -0.97 -9.76 -14.26
N TYR A 91 -0.97 -9.44 -12.99
CA TYR A 91 0.12 -8.56 -12.46
C TYR A 91 1.35 -9.42 -12.19
N MET A 92 1.16 -10.59 -11.66
CA MET A 92 2.32 -11.47 -11.38
C MET A 92 3.00 -11.82 -12.72
N LYS A 93 2.21 -12.08 -13.72
CA LYS A 93 2.79 -12.41 -15.04
C LYS A 93 3.54 -11.20 -15.58
N ALA A 94 2.99 -10.02 -15.37
CA ALA A 94 3.67 -8.78 -15.85
C ALA A 94 5.09 -8.73 -15.27
N ILE A 95 5.23 -8.98 -14.01
CA ILE A 95 6.59 -8.97 -13.39
C ILE A 95 7.44 -10.08 -14.00
N LYS A 96 6.86 -11.24 -14.20
CA LYS A 96 7.64 -12.35 -14.80
C LYS A 96 8.32 -11.87 -16.07
N ALA A 97 7.67 -11.04 -16.84
CA ALA A 97 8.29 -10.53 -18.10
C ALA A 97 9.36 -9.49 -17.76
N ARG A 98 9.12 -8.66 -16.77
CA ARG A 98 10.14 -7.64 -16.40
C ARG A 98 11.44 -8.33 -16.00
N LEU A 99 11.35 -9.50 -15.42
CA LEU A 99 12.58 -10.23 -15.01
C LEU A 99 13.28 -10.77 -16.26
N GLN A 100 12.53 -11.40 -17.13
CA GLN A 100 13.14 -11.96 -18.37
C GLN A 100 13.88 -10.86 -19.13
N GLU A 101 13.36 -9.66 -19.13
CA GLU A 101 14.03 -8.55 -19.86
C GLU A 101 15.18 -8.00 -19.01
N SER A 102 15.06 -8.05 -17.72
CA SER A 102 16.16 -7.53 -16.85
C SER A 102 16.92 -8.69 -16.23
N ASN A 103 16.38 -9.30 -15.21
CA ASN A 103 17.07 -10.44 -14.56
C ASN A 103 16.20 -11.70 -14.65
N PRO A 104 16.60 -12.63 -15.49
CA PRO A 104 15.87 -13.89 -15.68
C PRO A 104 16.09 -14.82 -14.48
N GLU A 105 17.11 -14.59 -13.72
CA GLU A 105 17.37 -15.45 -12.53
C GLU A 105 16.36 -15.11 -11.43
N ARG A 106 15.65 -14.03 -11.59
CA ARG A 106 14.65 -13.64 -10.55
C ARG A 106 13.27 -14.19 -10.94
N VAL A 107 13.19 -14.89 -12.05
CA VAL A 107 11.89 -15.44 -12.48
C VAL A 107 11.44 -16.61 -11.58
N PRO A 108 12.35 -17.50 -11.25
CA PRO A 108 12.03 -18.67 -10.40
C PRO A 108 11.89 -18.26 -8.93
N VAL A 109 12.87 -17.59 -8.39
CA VAL A 109 12.77 -17.18 -6.96
C VAL A 109 11.53 -16.29 -6.76
N PHE A 110 11.24 -15.46 -7.72
CA PHE A 110 10.06 -14.55 -7.61
C PHE A 110 8.76 -15.37 -7.68
N GLU A 111 8.73 -16.37 -8.51
CA GLU A 111 7.48 -17.18 -8.65
C GLU A 111 7.21 -17.98 -7.37
N LYS A 112 8.18 -18.67 -6.86
CA LYS A 112 7.96 -19.49 -5.63
C LYS A 112 7.65 -18.60 -4.43
N ASN A 113 8.45 -17.59 -4.19
CA ASN A 113 8.20 -16.70 -3.02
C ASN A 113 6.87 -15.95 -3.18
N ALA A 114 6.64 -15.36 -4.32
CA ALA A 114 5.37 -14.61 -4.53
C ALA A 114 4.17 -15.55 -4.44
N ILE A 115 4.35 -16.78 -4.84
CA ILE A 115 3.20 -17.74 -4.78
C ILE A 115 2.87 -18.04 -3.31
N GLY A 116 3.86 -18.17 -2.48
CA GLY A 116 3.59 -18.47 -1.04
C GLY A 116 2.87 -17.29 -0.38
N PHE A 117 3.35 -16.10 -0.60
CA PHE A 117 2.71 -14.90 0.02
C PHE A 117 1.27 -14.77 -0.49
N VAL A 118 1.05 -14.99 -1.77
CA VAL A 118 -0.33 -14.86 -2.32
C VAL A 118 -1.26 -15.86 -1.62
N LYS A 119 -0.75 -17.02 -1.29
CA LYS A 119 -1.61 -18.04 -0.62
C LYS A 119 -1.98 -17.56 0.79
N LYS A 120 -1.06 -16.94 1.47
CA LYS A 120 -1.37 -16.47 2.86
C LYS A 120 -2.18 -15.17 2.80
N ILE A 121 -2.19 -14.51 1.68
CA ILE A 121 -2.97 -13.24 1.56
C ILE A 121 -4.44 -13.57 1.26
N LEU A 122 -4.69 -14.57 0.47
CA LEU A 122 -6.12 -14.92 0.14
C LEU A 122 -6.84 -15.35 1.42
N ALA A 123 -6.14 -15.93 2.35
CA ALA A 123 -6.80 -16.36 3.61
C ALA A 123 -7.54 -15.17 4.25
N ASN A 124 -7.09 -13.97 3.98
CA ASN A 124 -7.76 -12.78 4.56
C ASN A 124 -7.50 -11.57 3.66
N PHE A 125 -7.82 -11.68 2.40
CA PHE A 125 -7.60 -10.54 1.47
C PHE A 125 -8.40 -9.32 1.95
N LYS A 126 -9.43 -9.54 2.73
CA LYS A 126 -10.23 -8.39 3.23
C LYS A 126 -9.46 -7.69 4.36
N ASP A 127 -8.89 -8.44 5.25
CA ASP A 127 -8.13 -7.83 6.37
C ASP A 127 -6.91 -7.09 5.81
N TYR A 128 -6.42 -7.51 4.68
CA TYR A 128 -5.24 -6.84 4.08
C TYR A 128 -5.71 -5.62 3.26
N ASP A 129 -6.98 -5.53 3.01
CA ASP A 129 -7.49 -4.36 2.23
C ASP A 129 -6.69 -4.22 0.93
N PHE A 130 -7.05 -3.28 0.11
CA PHE A 130 -6.31 -3.07 -1.16
C PHE A 130 -6.16 -1.57 -1.39
N TYR A 131 -4.95 -1.10 -1.50
CA TYR A 131 -4.74 0.36 -1.72
C TYR A 131 -4.38 0.65 -3.17
N ILE A 132 -4.37 1.90 -3.53
CA ILE A 132 -4.01 2.28 -4.93
C ILE A 132 -3.49 3.72 -4.94
N GLY A 133 -2.51 4.01 -5.75
CA GLY A 133 -1.96 5.39 -5.80
C GLY A 133 -2.87 6.29 -6.65
N GLU A 134 -2.51 7.54 -6.81
CA GLU A 134 -3.35 8.47 -7.62
C GLU A 134 -3.37 8.00 -9.07
N SER A 135 -2.43 7.18 -9.46
CA SER A 135 -2.40 6.69 -10.85
C SER A 135 -3.73 6.01 -11.18
N MET A 136 -4.32 5.37 -10.21
CA MET A 136 -5.61 4.68 -10.44
C MET A 136 -5.40 3.53 -11.43
N ASP A 137 -4.48 2.66 -11.15
CA ASP A 137 -4.23 1.52 -12.07
C ASP A 137 -4.24 0.21 -11.26
N PRO A 138 -5.15 -0.68 -11.61
CA PRO A 138 -5.27 -1.98 -10.92
C PRO A 138 -4.14 -2.93 -11.34
N ASP A 139 -3.23 -2.45 -12.15
CA ASP A 139 -2.10 -3.30 -12.59
C ASP A 139 -0.78 -2.65 -12.17
N ALA A 140 -0.84 -1.65 -11.33
CA ALA A 140 0.41 -0.97 -10.89
C ALA A 140 0.86 -1.53 -9.54
N MET A 141 1.62 -0.77 -8.80
CA MET A 141 2.09 -1.25 -7.47
C MET A 141 0.89 -1.41 -6.54
N VAL A 142 0.68 -2.59 -6.03
CA VAL A 142 -0.47 -2.82 -5.12
C VAL A 142 0.02 -2.95 -3.68
N VAL A 143 -0.42 -2.10 -2.80
CA VAL A 143 0.03 -2.19 -1.39
C VAL A 143 -1.13 -2.66 -0.51
N LEU A 144 -0.86 -3.48 0.45
CA LEU A 144 -1.95 -3.97 1.35
C LEU A 144 -1.71 -3.45 2.77
N MET A 145 -2.75 -3.07 3.46
CA MET A 145 -2.56 -2.55 4.84
C MET A 145 -2.99 -3.60 5.85
N ASN A 146 -2.09 -4.03 6.70
CA ASN A 146 -2.44 -5.06 7.70
C ASN A 146 -1.81 -4.70 9.05
N TYR A 147 -2.46 -5.02 10.13
CA TYR A 147 -1.89 -4.68 11.47
C TYR A 147 -0.97 -5.81 11.92
N ARG A 148 0.07 -5.49 12.63
CA ARG A 148 1.00 -6.55 13.11
C ARG A 148 0.24 -7.55 13.98
N GLU A 149 0.93 -8.46 14.62
CA GLU A 149 0.24 -9.45 15.47
C GLU A 149 -0.37 -8.75 16.69
N ASP A 150 0.08 -7.56 16.99
CA ASP A 150 -0.46 -6.83 18.16
C ASP A 150 -1.71 -6.05 17.74
N GLY A 151 -1.60 -5.24 16.72
CA GLY A 151 -2.77 -4.46 16.25
C GLY A 151 -2.50 -2.97 16.46
N ILE A 152 -1.63 -2.64 17.38
CA ILE A 152 -1.32 -1.20 17.63
C ILE A 152 -0.24 -0.73 16.65
N THR A 153 0.18 -1.58 15.75
CA THR A 153 1.24 -1.17 14.79
C THR A 153 0.72 -1.37 13.35
N PRO A 154 0.31 -0.29 12.73
CA PRO A 154 -0.19 -0.31 11.35
C PRO A 154 0.98 -0.36 10.36
N TYR A 155 1.03 -1.34 9.51
CA TYR A 155 2.15 -1.44 8.53
C TYR A 155 1.63 -1.91 7.18
N MET A 156 2.24 -1.47 6.12
CA MET A 156 1.79 -1.91 4.76
C MET A 156 2.95 -2.62 4.05
N ILE A 157 2.66 -3.43 3.07
CA ILE A 157 3.75 -4.16 2.36
C ILE A 157 3.79 -3.71 0.90
N PHE A 158 4.98 -3.60 0.35
CA PHE A 158 5.11 -3.18 -1.08
C PHE A 158 5.97 -4.21 -1.81
N PHE A 159 5.39 -4.92 -2.74
CA PHE A 159 6.18 -5.95 -3.49
C PHE A 159 7.55 -5.38 -3.86
N LYS A 160 8.60 -5.98 -3.39
CA LYS A 160 9.97 -5.47 -3.70
C LYS A 160 10.27 -5.67 -5.19
N ASP A 161 9.68 -6.65 -5.80
CA ASP A 161 9.94 -6.89 -7.25
C ASP A 161 9.56 -5.63 -8.04
N GLY A 162 8.49 -4.99 -7.68
CA GLY A 162 8.07 -3.77 -8.41
C GLY A 162 8.37 -2.54 -7.54
N LEU A 163 9.51 -2.51 -6.93
CA LEU A 163 9.86 -1.33 -6.06
C LEU A 163 11.35 -1.03 -6.21
N VAL A 164 11.68 0.20 -6.54
CA VAL A 164 13.11 0.56 -6.71
C VAL A 164 13.51 1.55 -5.61
N SER A 165 14.78 1.62 -5.32
CA SER A 165 15.25 2.55 -4.26
C SER A 165 15.85 3.80 -4.91
N GLU A 166 15.58 4.95 -4.36
CA GLU A 166 16.12 6.21 -4.95
C GLU A 166 16.83 7.02 -3.86
N LYS A 167 18.08 7.33 -4.06
CA LYS A 167 18.83 8.11 -3.05
C LYS A 167 18.69 9.61 -3.35
N PHE A 168 18.51 10.42 -2.35
CA PHE A 168 18.38 11.89 -2.57
C PHE A 168 19.70 12.44 -3.12
N MET A 1 16.87 8.72 3.92
CA MET A 1 15.50 8.93 3.38
C MET A 1 15.46 8.51 1.91
N LEU A 2 15.13 7.29 1.64
CA LEU A 2 15.07 6.82 0.22
C LEU A 2 13.62 6.84 -0.26
N LEU A 3 13.42 6.98 -1.55
CA LEU A 3 12.04 7.01 -2.08
C LEU A 3 11.81 5.77 -2.96
N TYR A 4 10.66 5.16 -2.84
CA TYR A 4 10.39 3.95 -3.66
C TYR A 4 9.22 4.22 -4.60
N LYS A 5 9.50 4.35 -5.88
CA LYS A 5 8.41 4.62 -6.86
C LYS A 5 8.12 3.35 -7.65
N ASP A 6 6.99 3.29 -8.30
CA ASP A 6 6.65 2.08 -9.10
C ASP A 6 7.37 2.13 -10.45
N VAL A 7 7.57 1.00 -11.07
CA VAL A 7 8.27 0.99 -12.39
C VAL A 7 7.26 0.72 -13.50
N ILE A 8 6.12 0.18 -13.17
CA ILE A 8 5.10 -0.09 -14.22
C ILE A 8 4.25 1.17 -14.45
N SER A 9 4.16 2.02 -13.47
CA SER A 9 3.35 3.26 -13.64
C SER A 9 4.25 4.48 -13.47
N GLY A 10 4.89 4.61 -12.33
CA GLY A 10 5.77 5.79 -12.11
C GLY A 10 5.09 6.76 -11.14
N ASP A 11 5.05 6.42 -9.89
CA ASP A 11 4.39 7.33 -8.90
C ASP A 11 4.85 6.96 -7.48
N GLU A 12 4.69 7.86 -6.55
CA GLU A 12 5.13 7.57 -5.15
C GLU A 12 4.46 6.28 -4.67
N LEU A 13 5.23 5.37 -4.14
CA LEU A 13 4.65 4.09 -3.64
C LEU A 13 4.91 3.97 -2.14
N VAL A 14 6.12 3.63 -1.78
CA VAL A 14 6.45 3.50 -0.33
C VAL A 14 7.75 4.26 -0.05
N SER A 15 8.08 4.49 1.19
CA SER A 15 9.33 5.24 1.48
C SER A 15 10.09 4.57 2.63
N ASP A 16 11.39 4.67 2.60
CA ASP A 16 12.21 4.04 3.69
C ASP A 16 12.24 4.99 4.90
N ALA A 17 11.51 6.07 4.84
CA ALA A 17 11.50 7.02 5.99
C ALA A 17 10.87 6.33 7.20
N TYR A 18 10.07 5.33 6.96
CA TYR A 18 9.41 4.60 8.08
C TYR A 18 10.17 3.30 8.35
N ASP A 19 11.40 3.21 7.94
CA ASP A 19 12.18 1.97 8.16
C ASP A 19 11.44 0.80 7.49
N LEU A 20 12.00 0.25 6.47
CA LEU A 20 11.33 -0.87 5.77
C LEU A 20 11.98 -2.20 6.14
N LYS A 21 11.21 -3.25 6.19
CA LYS A 21 11.78 -4.58 6.54
C LYS A 21 11.35 -5.62 5.52
N GLU A 22 12.29 -6.28 4.90
CA GLU A 22 11.94 -7.32 3.89
C GLU A 22 11.59 -8.61 4.63
N VAL A 23 10.47 -9.21 4.33
CA VAL A 23 10.09 -10.46 5.04
C VAL A 23 10.69 -11.67 4.32
N ASP A 24 11.87 -12.09 4.75
CA ASP A 24 12.55 -13.27 4.14
C ASP A 24 12.06 -13.55 2.72
N ASP A 25 11.93 -12.54 1.90
CA ASP A 25 11.46 -12.78 0.51
C ASP A 25 11.84 -11.59 -0.38
N ILE A 26 10.87 -10.85 -0.88
CA ILE A 26 11.20 -9.69 -1.74
C ILE A 26 10.19 -8.56 -1.48
N VAL A 27 9.42 -8.66 -0.43
CA VAL A 27 8.42 -7.60 -0.13
C VAL A 27 8.93 -6.74 1.02
N TYR A 28 8.85 -5.45 0.89
CA TYR A 28 9.32 -4.55 1.98
C TYR A 28 8.12 -4.11 2.82
N GLU A 29 8.32 -3.83 4.07
CA GLU A 29 7.18 -3.38 4.92
C GLU A 29 7.44 -1.97 5.42
N ALA A 30 6.60 -1.04 5.05
CA ALA A 30 6.79 0.37 5.51
C ALA A 30 5.89 0.61 6.74
N ASP A 31 6.49 0.80 7.89
CA ASP A 31 5.68 1.03 9.11
C ASP A 31 4.98 2.38 9.03
N CYS A 32 3.84 2.50 9.67
CA CYS A 32 3.10 3.80 9.63
C CYS A 32 3.18 4.46 11.01
N GLN A 33 3.27 5.76 11.06
CA GLN A 33 3.37 6.46 12.37
C GLN A 33 2.14 7.35 12.56
N MET A 34 1.58 7.35 13.75
CA MET A 34 0.38 8.19 14.00
C MET A 34 0.82 9.63 14.29
N VAL A 35 0.24 10.59 13.63
CA VAL A 35 0.62 12.01 13.87
C VAL A 35 -0.57 12.76 14.47
N THR A 36 -0.33 13.55 15.49
CA THR A 36 -1.45 14.30 16.12
C THR A 36 -1.73 15.56 15.31
N VAL A 37 -2.86 15.62 14.65
CA VAL A 37 -3.20 16.81 13.84
C VAL A 37 -4.67 17.19 14.05
N LYS A 38 -4.94 18.43 14.30
CA LYS A 38 -6.35 18.85 14.52
C LYS A 38 -7.14 18.70 13.23
N GLN A 39 -7.99 17.70 13.14
CA GLN A 39 -8.79 17.51 11.90
C GLN A 39 -10.15 18.20 12.04
N GLY A 40 -10.67 18.73 10.96
CA GLY A 40 -11.99 19.41 11.04
C GLY A 40 -12.40 19.88 9.63
N GLY A 41 -12.97 19.01 8.85
CA GLY A 41 -13.39 19.41 7.48
C GLY A 41 -14.89 19.69 7.45
N ASP A 42 -15.61 19.04 6.59
CA ASP A 42 -17.08 19.27 6.53
C ASP A 42 -17.35 20.74 6.24
N VAL A 43 -16.64 21.33 5.31
CA VAL A 43 -16.85 22.77 5.00
C VAL A 43 -17.45 22.90 3.59
N ASP A 44 -17.78 21.81 2.97
CA ASP A 44 -18.37 21.88 1.60
C ASP A 44 -17.42 22.65 0.67
N ILE A 45 -16.26 22.12 0.43
CA ILE A 45 -15.29 22.82 -0.47
C ILE A 45 -14.70 21.81 -1.46
N GLY A 46 -13.66 21.13 -1.06
CA GLY A 46 -13.02 20.14 -1.98
C GLY A 46 -11.89 19.42 -1.25
N ALA A 47 -10.68 19.61 -1.69
CA ALA A 47 -9.52 18.94 -1.01
C ALA A 47 -9.53 19.28 0.48
N ASN A 48 -9.22 18.33 1.31
CA ASN A 48 -9.20 18.60 2.78
C ASN A 48 -8.31 19.82 3.07
N PRO A 49 -8.71 20.60 4.05
CA PRO A 49 -7.96 21.80 4.45
C PRO A 49 -6.75 21.42 5.30
N SER A 50 -5.61 21.30 4.70
CA SER A 50 -4.39 20.93 5.47
C SER A 50 -3.90 22.16 6.26
N ALA A 51 -4.17 23.33 5.77
CA ALA A 51 -3.73 24.55 6.48
C ALA A 51 -4.52 25.76 5.98
N GLU A 52 -5.83 25.68 6.03
CA GLU A 52 -6.66 26.81 5.55
C GLU A 52 -7.75 27.11 6.58
N ASP A 53 -7.41 27.07 7.84
CA ASP A 53 -8.42 27.35 8.89
C ASP A 53 -7.71 27.58 10.23
N ALA A 54 -6.70 26.79 10.50
CA ALA A 54 -5.96 26.96 11.79
C ALA A 54 -4.58 26.29 11.66
N GLU A 55 -3.79 26.34 12.68
CA GLU A 55 -2.44 25.71 12.61
C GLU A 55 -1.89 25.51 14.02
N GLU A 56 -2.17 24.37 14.62
CA GLU A 56 -1.66 24.10 15.99
C GLU A 56 -2.22 25.14 16.97
N ASN A 57 -3.51 25.20 17.10
CA ASN A 57 -4.12 26.18 18.04
C ASN A 57 -4.54 25.46 19.33
N ALA A 58 -4.93 24.22 19.22
CA ALA A 58 -5.34 23.46 20.43
C ALA A 58 -4.62 22.11 20.46
N GLU A 59 -4.29 21.62 21.62
CA GLU A 59 -3.58 20.31 21.70
C GLU A 59 -4.39 19.35 22.58
N GLU A 60 -5.69 19.39 22.47
CA GLU A 60 -6.53 18.47 23.30
C GLU A 60 -7.64 17.89 22.42
N GLY A 61 -7.60 18.13 21.14
CA GLY A 61 -8.67 17.59 20.25
C GLY A 61 -8.06 17.27 18.88
N THR A 62 -7.16 16.34 18.82
CA THR A 62 -6.53 15.98 17.52
C THR A 62 -7.02 14.60 17.07
N GLU A 63 -6.49 14.08 16.00
CA GLU A 63 -6.93 12.75 15.51
C GLU A 63 -5.71 11.96 15.01
N THR A 64 -5.58 10.73 15.42
CA THR A 64 -4.42 9.91 14.97
C THR A 64 -4.60 9.54 13.50
N VAL A 65 -3.62 9.80 12.68
CA VAL A 65 -3.74 9.46 11.23
C VAL A 65 -2.39 8.97 10.70
N ASN A 66 -2.38 7.92 9.94
CA ASN A 66 -1.08 7.41 9.39
C ASN A 66 -0.40 8.54 8.61
N ASN A 67 0.89 8.52 8.54
CA ASN A 67 1.61 9.60 7.79
C ASN A 67 1.96 9.12 6.37
N LEU A 68 1.88 7.83 6.14
CA LEU A 68 2.21 7.31 4.79
C LEU A 68 0.97 7.39 3.91
N VAL A 69 -0.18 7.06 4.45
CA VAL A 69 -1.42 7.12 3.64
C VAL A 69 -1.81 8.59 3.44
N TYR A 70 -1.61 9.41 4.45
CA TYR A 70 -1.96 10.85 4.34
C TYR A 70 -1.03 11.56 3.36
N SER A 71 0.25 11.37 3.51
CA SER A 71 1.22 12.05 2.59
C SER A 71 1.11 11.45 1.18
N PHE A 72 1.22 10.14 1.08
CA PHE A 72 1.12 9.51 -0.26
C PHE A 72 -0.33 9.49 -0.73
N ARG A 73 -1.24 9.78 0.16
CA ARG A 73 -2.68 9.79 -0.24
C ARG A 73 -3.14 8.37 -0.57
N LEU A 74 -2.66 7.39 0.14
CA LEU A 74 -3.09 6.00 -0.16
C LEU A 74 -4.62 5.95 -0.22
N SER A 75 -5.17 5.80 -1.39
CA SER A 75 -6.65 5.78 -1.52
C SER A 75 -7.15 4.32 -1.39
N PRO A 76 -8.09 4.10 -0.49
CA PRO A 76 -8.67 2.77 -0.26
C PRO A 76 -9.72 2.46 -1.33
N THR A 77 -9.63 1.32 -1.96
CA THR A 77 -10.63 0.98 -3.01
C THR A 77 -11.04 -0.48 -2.85
N SER A 78 -12.32 -0.76 -2.95
CA SER A 78 -12.79 -2.16 -2.82
C SER A 78 -12.23 -2.99 -3.97
N PHE A 79 -12.67 -4.22 -4.11
CA PHE A 79 -12.16 -5.07 -5.21
C PHE A 79 -13.14 -6.20 -5.48
N ASP A 80 -12.82 -7.09 -6.39
CA ASP A 80 -13.74 -8.21 -6.70
C ASP A 80 -13.08 -9.54 -6.29
N LYS A 81 -13.85 -10.45 -5.77
CA LYS A 81 -13.29 -11.77 -5.34
C LYS A 81 -12.70 -12.50 -6.55
N LYS A 82 -13.41 -12.53 -7.65
CA LYS A 82 -12.89 -13.27 -8.85
C LYS A 82 -12.02 -12.34 -9.69
N SER A 83 -12.40 -11.10 -9.85
CA SER A 83 -11.59 -10.16 -10.66
C SER A 83 -10.17 -10.07 -10.08
N TYR A 84 -10.04 -10.23 -8.80
CA TYR A 84 -8.69 -10.14 -8.16
C TYR A 84 -7.75 -11.14 -8.83
N MET A 85 -8.16 -12.36 -8.97
CA MET A 85 -7.28 -13.40 -9.60
C MET A 85 -6.99 -13.02 -11.06
N SER A 86 -8.00 -12.65 -11.79
CA SER A 86 -7.80 -12.28 -13.22
C SER A 86 -6.74 -11.19 -13.33
N TYR A 87 -6.72 -10.27 -12.41
CA TYR A 87 -5.71 -9.18 -12.46
C TYR A 87 -4.35 -9.70 -12.01
N ILE A 88 -4.32 -10.61 -11.09
CA ILE A 88 -3.03 -11.16 -10.61
C ILE A 88 -2.42 -12.05 -11.70
N LYS A 89 -3.19 -12.44 -12.67
CA LYS A 89 -2.65 -13.30 -13.76
C LYS A 89 -1.86 -12.43 -14.74
N GLY A 90 -2.49 -11.43 -15.31
CA GLY A 90 -1.78 -10.55 -16.27
C GLY A 90 -0.70 -9.77 -15.54
N TYR A 91 -0.87 -9.55 -14.27
CA TYR A 91 0.15 -8.80 -13.49
C TYR A 91 1.32 -9.74 -13.19
N MET A 92 1.01 -10.98 -12.93
CA MET A 92 2.10 -11.96 -12.64
C MET A 92 2.99 -12.08 -13.87
N LYS A 93 2.41 -12.32 -15.01
CA LYS A 93 3.22 -12.45 -16.25
C LYS A 93 4.02 -11.17 -16.46
N ALA A 94 3.44 -10.04 -16.18
CA ALA A 94 4.18 -8.76 -16.35
C ALA A 94 5.48 -8.80 -15.55
N ILE A 95 5.40 -9.14 -14.29
CA ILE A 95 6.62 -9.19 -13.45
C ILE A 95 7.54 -10.30 -13.99
N LYS A 96 6.99 -11.32 -14.57
CA LYS A 96 7.84 -12.42 -15.11
C LYS A 96 8.73 -11.87 -16.22
N ALA A 97 8.18 -11.08 -17.10
CA ALA A 97 9.01 -10.50 -18.20
C ALA A 97 9.98 -9.48 -17.61
N ARG A 98 9.65 -8.90 -16.49
CA ARG A 98 10.55 -7.90 -15.87
C ARG A 98 11.78 -8.61 -15.30
N LEU A 99 11.59 -9.74 -14.68
CA LEU A 99 12.75 -10.48 -14.09
C LEU A 99 13.59 -11.10 -15.22
N GLN A 100 12.97 -11.78 -16.13
CA GLN A 100 13.73 -12.42 -17.23
C GLN A 100 14.52 -11.35 -18.01
N GLU A 101 14.01 -10.15 -18.08
CA GLU A 101 14.74 -9.09 -18.81
C GLU A 101 15.86 -8.54 -17.91
N SER A 102 15.64 -8.59 -16.62
CA SER A 102 16.68 -8.09 -15.68
C SER A 102 17.57 -9.26 -15.24
N ASN A 103 17.10 -10.05 -14.33
CA ASN A 103 17.90 -11.22 -13.86
C ASN A 103 16.99 -12.44 -13.68
N PRO A 104 17.48 -13.59 -14.07
CA PRO A 104 16.73 -14.85 -13.98
C PRO A 104 16.66 -15.34 -12.53
N GLU A 105 17.50 -14.84 -11.66
CA GLU A 105 17.48 -15.30 -10.25
C GLU A 105 16.24 -14.77 -9.54
N ARG A 106 15.51 -13.89 -10.18
CA ARG A 106 14.29 -13.33 -9.53
C ARG A 106 13.05 -14.04 -10.08
N VAL A 107 13.21 -14.90 -11.05
CA VAL A 107 12.05 -15.63 -11.61
C VAL A 107 11.49 -16.62 -10.58
N PRO A 108 12.36 -17.39 -9.98
CA PRO A 108 11.94 -18.40 -8.98
C PRO A 108 11.67 -17.73 -7.63
N VAL A 109 12.46 -16.77 -7.25
CA VAL A 109 12.25 -16.08 -5.93
C VAL A 109 10.94 -15.30 -5.97
N PHE A 110 10.74 -14.50 -6.98
CA PHE A 110 9.50 -13.69 -7.06
C PHE A 110 8.29 -14.59 -7.32
N GLU A 111 8.44 -15.59 -8.14
CA GLU A 111 7.29 -16.50 -8.44
C GLU A 111 6.83 -17.21 -7.16
N LYS A 112 7.74 -17.67 -6.36
CA LYS A 112 7.34 -18.38 -5.10
C LYS A 112 6.76 -17.38 -4.10
N ASN A 113 7.39 -16.26 -3.92
CA ASN A 113 6.87 -15.27 -2.95
C ASN A 113 5.44 -14.85 -3.31
N ALA A 114 5.16 -14.71 -4.57
CA ALA A 114 3.79 -14.30 -5.00
C ALA A 114 2.80 -15.44 -4.76
N ILE A 115 3.25 -16.66 -4.88
CA ILE A 115 2.32 -17.82 -4.67
C ILE A 115 1.95 -17.92 -3.18
N GLY A 116 2.92 -17.88 -2.31
CA GLY A 116 2.62 -18.00 -0.85
C GLY A 116 1.84 -16.76 -0.37
N PHE A 117 2.31 -15.60 -0.70
CA PHE A 117 1.60 -14.36 -0.25
C PHE A 117 0.16 -14.36 -0.77
N VAL A 118 -0.04 -14.74 -2.00
CA VAL A 118 -1.44 -14.75 -2.55
C VAL A 118 -2.33 -15.64 -1.69
N LYS A 119 -1.81 -16.74 -1.19
CA LYS A 119 -2.65 -17.64 -0.35
C LYS A 119 -2.94 -16.99 1.00
N LYS A 120 -1.94 -16.42 1.62
CA LYS A 120 -2.16 -15.76 2.94
C LYS A 120 -3.24 -14.70 2.83
N ILE A 121 -3.10 -13.78 1.91
CA ILE A 121 -4.12 -12.71 1.75
C ILE A 121 -5.50 -13.36 1.56
N LEU A 122 -5.63 -14.24 0.62
CA LEU A 122 -6.95 -14.91 0.39
C LEU A 122 -7.55 -15.34 1.73
N ALA A 123 -6.78 -16.00 2.55
CA ALA A 123 -7.30 -16.44 3.88
C ALA A 123 -8.06 -15.30 4.54
N ASN A 124 -7.48 -14.13 4.55
CA ASN A 124 -8.16 -12.97 5.19
C ASN A 124 -7.96 -11.72 4.31
N PHE A 125 -8.53 -11.71 3.14
CA PHE A 125 -8.38 -10.52 2.24
C PHE A 125 -8.99 -9.30 2.92
N LYS A 126 -10.20 -9.41 3.40
CA LYS A 126 -10.85 -8.25 4.06
C LYS A 126 -9.92 -7.69 5.16
N ASP A 127 -9.10 -8.52 5.72
CA ASP A 127 -8.18 -8.02 6.80
C ASP A 127 -7.00 -7.28 6.16
N TYR A 128 -6.52 -7.76 5.05
CA TYR A 128 -5.37 -7.08 4.38
C TYR A 128 -5.86 -5.83 3.64
N ASP A 129 -7.15 -5.71 3.44
CA ASP A 129 -7.70 -4.53 2.73
C ASP A 129 -6.93 -4.32 1.42
N PHE A 130 -7.33 -3.34 0.65
CA PHE A 130 -6.64 -3.09 -0.63
C PHE A 130 -6.44 -1.58 -0.80
N TYR A 131 -5.21 -1.14 -0.93
CA TYR A 131 -4.97 0.33 -1.07
C TYR A 131 -4.56 0.68 -2.49
N ILE A 132 -4.40 1.94 -2.77
CA ILE A 132 -4.00 2.36 -4.14
C ILE A 132 -3.12 3.62 -4.05
N GLY A 133 -2.35 3.90 -5.06
CA GLY A 133 -1.49 5.11 -5.04
C GLY A 133 -2.26 6.31 -5.57
N GLU A 134 -1.71 7.49 -5.47
CA GLU A 134 -2.42 8.70 -5.96
C GLU A 134 -2.69 8.55 -7.47
N SER A 135 -1.90 7.75 -8.14
CA SER A 135 -2.10 7.56 -9.60
C SER A 135 -3.51 7.01 -9.84
N MET A 136 -3.99 6.17 -8.96
CA MET A 136 -5.36 5.59 -9.14
C MET A 136 -5.32 4.51 -10.20
N ASP A 137 -4.26 3.75 -10.25
CA ASP A 137 -4.16 2.66 -11.28
C ASP A 137 -3.99 1.31 -10.57
N PRO A 138 -4.85 0.37 -10.88
CA PRO A 138 -4.82 -0.97 -10.27
C PRO A 138 -3.68 -1.79 -10.88
N ASP A 139 -2.96 -1.21 -11.80
CA ASP A 139 -1.83 -1.96 -12.43
C ASP A 139 -0.51 -1.43 -11.88
N ALA A 140 -0.56 -0.45 -11.02
CA ALA A 140 0.70 0.11 -10.45
C ALA A 140 1.01 -0.57 -9.13
N MET A 141 0.89 -1.85 -9.08
CA MET A 141 1.18 -2.59 -7.81
C MET A 141 0.14 -2.23 -6.75
N VAL A 142 -0.30 -3.19 -5.98
CA VAL A 142 -1.30 -2.90 -4.93
C VAL A 142 -0.66 -3.08 -3.55
N VAL A 143 -0.98 -2.24 -2.61
CA VAL A 143 -0.38 -2.36 -1.26
C VAL A 143 -1.43 -2.84 -0.26
N LEU A 144 -1.03 -3.65 0.68
CA LEU A 144 -2.02 -4.15 1.69
C LEU A 144 -1.65 -3.58 3.06
N MET A 145 -2.63 -3.35 3.90
CA MET A 145 -2.33 -2.78 5.25
C MET A 145 -2.75 -3.79 6.33
N ASN A 146 -1.83 -4.17 7.17
CA ASN A 146 -2.16 -5.15 8.25
C ASN A 146 -1.42 -4.75 9.53
N TYR A 147 -1.97 -5.06 10.68
CA TYR A 147 -1.29 -4.72 11.96
C TYR A 147 -0.13 -5.68 12.21
N ARG A 148 0.85 -5.27 12.96
CA ARG A 148 2.01 -6.15 13.24
C ARG A 148 1.85 -6.76 14.64
N GLU A 149 2.85 -7.46 15.11
CA GLU A 149 2.75 -8.08 16.46
C GLU A 149 2.47 -7.00 17.50
N ASP A 150 2.91 -5.79 17.26
CA ASP A 150 2.67 -4.69 18.23
C ASP A 150 1.18 -4.63 18.57
N GLY A 151 0.34 -4.65 17.58
CA GLY A 151 -1.12 -4.58 17.84
C GLY A 151 -1.65 -3.20 17.46
N ILE A 152 -0.85 -2.19 17.65
CA ILE A 152 -1.28 -0.81 17.28
C ILE A 152 -0.31 -0.23 16.26
N THR A 153 0.42 -1.07 15.58
CA THR A 153 1.39 -0.57 14.57
C THR A 153 0.98 -1.08 13.17
N PRO A 154 0.37 -0.22 12.40
CA PRO A 154 -0.08 -0.56 11.05
C PRO A 154 1.09 -0.52 10.06
N TYR A 155 1.27 -1.56 9.28
CA TYR A 155 2.39 -1.58 8.31
C TYR A 155 1.86 -2.01 6.94
N MET A 156 2.49 -1.57 5.88
CA MET A 156 2.01 -1.96 4.52
C MET A 156 3.08 -2.77 3.81
N ILE A 157 2.70 -3.55 2.83
CA ILE A 157 3.70 -4.38 2.10
C ILE A 157 3.79 -3.91 0.65
N PHE A 158 4.97 -3.81 0.11
CA PHE A 158 5.12 -3.37 -1.31
C PHE A 158 6.02 -4.36 -2.05
N PHE A 159 5.71 -4.66 -3.28
CA PHE A 159 6.55 -5.63 -4.04
C PHE A 159 7.87 -4.95 -4.47
N LYS A 160 8.98 -5.45 -3.99
CA LYS A 160 10.29 -4.85 -4.39
C LYS A 160 10.55 -5.10 -5.87
N ASP A 161 10.03 -6.17 -6.39
CA ASP A 161 10.26 -6.49 -7.83
C ASP A 161 9.74 -5.34 -8.70
N GLY A 162 8.89 -4.51 -8.16
CA GLY A 162 8.35 -3.37 -8.97
C GLY A 162 8.59 -2.07 -8.22
N LEU A 163 9.73 -1.92 -7.61
CA LEU A 163 10.02 -0.65 -6.88
C LEU A 163 11.46 -0.21 -7.15
N VAL A 164 11.70 1.07 -7.13
CA VAL A 164 13.08 1.57 -7.38
C VAL A 164 13.49 2.52 -6.26
N SER A 165 14.57 2.24 -5.59
CA SER A 165 15.01 3.14 -4.48
C SER A 165 15.75 4.34 -5.05
N GLU A 166 15.42 5.52 -4.62
CA GLU A 166 16.09 6.74 -5.14
C GLU A 166 16.81 7.45 -3.98
N LYS A 167 18.08 7.71 -4.13
CA LYS A 167 18.83 8.39 -3.04
C LYS A 167 18.23 9.77 -2.78
N PHE A 168 17.75 10.01 -1.60
CA PHE A 168 17.15 11.33 -1.27
C PHE A 168 16.13 11.71 -2.35
N MET A 1 18.15 10.17 2.49
CA MET A 1 16.67 9.95 2.47
C MET A 1 16.29 9.05 1.30
N LEU A 2 16.31 7.76 1.51
CA LEU A 2 15.95 6.82 0.41
C LEU A 2 14.46 6.95 0.09
N LEU A 3 14.10 6.72 -1.15
CA LEU A 3 12.67 6.82 -1.54
C LEU A 3 12.24 5.51 -2.22
N TYR A 4 11.23 4.88 -1.72
CA TYR A 4 10.77 3.60 -2.33
C TYR A 4 9.53 3.85 -3.19
N LYS A 5 9.61 3.58 -4.46
CA LYS A 5 8.44 3.80 -5.35
C LYS A 5 8.30 2.61 -6.30
N ASP A 6 7.17 2.49 -6.95
CA ASP A 6 6.97 1.36 -7.89
C ASP A 6 7.83 1.57 -9.14
N VAL A 7 8.33 0.52 -9.72
CA VAL A 7 9.16 0.67 -10.94
C VAL A 7 8.39 0.16 -12.16
N ILE A 8 7.13 0.51 -12.26
CA ILE A 8 6.32 0.05 -13.42
C ILE A 8 5.39 1.17 -13.88
N SER A 9 4.84 1.92 -12.96
CA SER A 9 3.93 3.03 -13.34
C SER A 9 4.64 4.37 -13.16
N GLY A 10 4.88 4.77 -11.96
CA GLY A 10 5.58 6.07 -11.72
C GLY A 10 4.91 6.80 -10.55
N ASP A 11 5.30 6.47 -9.34
CA ASP A 11 4.70 7.15 -8.16
C ASP A 11 5.31 6.59 -6.88
N GLU A 12 5.56 7.42 -5.91
CA GLU A 12 6.16 6.93 -4.64
C GLU A 12 5.07 6.26 -3.78
N LEU A 13 5.44 5.26 -3.03
CA LEU A 13 4.44 4.57 -2.16
C LEU A 13 4.98 4.45 -0.75
N VAL A 14 6.24 4.11 -0.63
CA VAL A 14 6.85 3.98 0.73
C VAL A 14 8.25 4.58 0.70
N SER A 15 8.86 4.79 1.84
CA SER A 15 10.23 5.39 1.83
C SER A 15 10.95 5.12 3.15
N ASP A 16 12.19 5.52 3.23
CA ASP A 16 12.98 5.30 4.47
C ASP A 16 12.64 6.36 5.51
N ALA A 17 11.74 7.26 5.18
CA ALA A 17 11.36 8.32 6.16
C ALA A 17 10.69 7.66 7.36
N TYR A 18 10.26 6.44 7.21
CA TYR A 18 9.58 5.72 8.32
C TYR A 18 10.35 4.44 8.62
N ASP A 19 11.58 4.36 8.19
CA ASP A 19 12.37 3.12 8.44
C ASP A 19 11.70 1.94 7.75
N LEU A 20 12.45 1.12 7.06
CA LEU A 20 11.82 -0.03 6.36
C LEU A 20 12.51 -1.32 6.76
N LYS A 21 11.82 -2.43 6.65
CA LYS A 21 12.43 -3.73 7.02
C LYS A 21 12.15 -4.74 5.92
N GLU A 22 13.18 -5.29 5.33
CA GLU A 22 12.98 -6.28 4.25
C GLU A 22 12.83 -7.67 4.87
N VAL A 23 11.76 -8.37 4.55
CA VAL A 23 11.55 -9.72 5.14
C VAL A 23 12.46 -10.73 4.44
N ASP A 24 12.74 -11.83 5.07
CA ASP A 24 13.62 -12.86 4.44
C ASP A 24 13.23 -13.01 2.96
N ASP A 25 11.97 -12.87 2.65
CA ASP A 25 11.53 -13.00 1.24
C ASP A 25 12.06 -11.81 0.43
N ILE A 26 11.28 -11.27 -0.46
CA ILE A 26 11.75 -10.11 -1.26
C ILE A 26 10.71 -9.00 -1.20
N VAL A 27 10.44 -8.49 -0.04
CA VAL A 27 9.43 -7.40 0.10
C VAL A 27 9.84 -6.45 1.23
N TYR A 28 9.54 -5.20 1.11
CA TYR A 28 9.93 -4.23 2.18
C TYR A 28 8.69 -3.87 3.01
N GLU A 29 8.88 -3.41 4.22
CA GLU A 29 7.71 -3.05 5.07
C GLU A 29 7.91 -1.64 5.65
N ALA A 30 6.93 -0.78 5.51
CA ALA A 30 7.06 0.60 6.04
C ALA A 30 6.09 0.78 7.21
N ASP A 31 6.56 1.36 8.30
CA ASP A 31 5.66 1.56 9.47
C ASP A 31 5.13 3.00 9.46
N CYS A 32 3.85 3.17 9.70
CA CYS A 32 3.28 4.55 9.69
C CYS A 32 2.88 4.94 11.11
N GLN A 33 2.83 6.22 11.39
CA GLN A 33 2.45 6.67 12.75
C GLN A 33 1.18 7.53 12.67
N MET A 34 0.27 7.35 13.59
CA MET A 34 -0.98 8.16 13.56
C MET A 34 -0.70 9.55 14.14
N VAL A 35 -0.89 10.58 13.36
CA VAL A 35 -0.63 11.96 13.87
C VAL A 35 -1.89 12.81 13.71
N THR A 36 -1.93 13.96 14.31
CA THR A 36 -3.12 14.83 14.19
C THR A 36 -2.77 16.07 13.39
N VAL A 37 -3.71 16.61 12.67
CA VAL A 37 -3.42 17.83 11.85
C VAL A 37 -4.58 18.82 11.98
N LYS A 38 -4.28 20.09 11.92
CA LYS A 38 -5.37 21.10 12.04
C LYS A 38 -5.49 21.89 10.74
N GLN A 39 -6.40 21.51 9.89
CA GLN A 39 -6.57 22.24 8.60
C GLN A 39 -7.72 23.25 8.72
N GLY A 40 -7.42 24.52 8.61
CA GLY A 40 -8.49 25.55 8.72
C GLY A 40 -9.28 25.32 10.01
N GLY A 41 -8.66 25.56 11.14
CA GLY A 41 -9.37 25.36 12.43
C GLY A 41 -8.69 26.20 13.51
N ASP A 42 -7.75 25.64 14.22
CA ASP A 42 -7.04 26.41 15.28
C ASP A 42 -7.98 26.58 16.49
N VAL A 43 -8.80 25.61 16.76
CA VAL A 43 -9.73 25.72 17.91
C VAL A 43 -9.44 24.58 18.90
N ASP A 44 -8.30 24.60 19.53
CA ASP A 44 -7.96 23.52 20.49
C ASP A 44 -8.99 23.50 21.62
N ILE A 45 -8.96 22.49 22.45
CA ILE A 45 -9.93 22.41 23.57
C ILE A 45 -9.18 22.34 24.90
N GLY A 46 -7.90 22.56 24.88
CA GLY A 46 -7.12 22.52 26.14
C GLY A 46 -6.10 21.36 26.08
N ALA A 47 -4.90 21.60 26.53
CA ALA A 47 -3.87 20.52 26.50
C ALA A 47 -4.33 19.35 27.37
N ASN A 48 -3.43 18.47 27.72
CA ASN A 48 -3.82 17.31 28.57
C ASN A 48 -4.83 16.44 27.82
N PRO A 49 -4.79 15.16 28.10
CA PRO A 49 -5.68 14.18 27.47
C PRO A 49 -7.07 14.22 28.13
N SER A 50 -7.99 14.96 27.56
CA SER A 50 -9.35 15.04 28.16
C SER A 50 -10.40 14.81 27.06
N ALA A 51 -10.12 13.96 26.12
CA ALA A 51 -11.09 13.70 25.03
C ALA A 51 -11.84 12.40 25.33
N GLU A 52 -13.07 12.30 24.89
CA GLU A 52 -13.86 11.07 25.15
C GLU A 52 -14.69 10.73 23.91
N ASP A 53 -14.55 9.53 23.41
CA ASP A 53 -15.33 9.13 22.21
C ASP A 53 -16.21 7.93 22.54
N ALA A 54 -17.49 8.13 22.63
CA ALA A 54 -18.40 6.99 22.96
C ALA A 54 -18.06 5.79 22.07
N GLU A 55 -18.06 5.99 20.78
CA GLU A 55 -17.73 4.85 19.86
C GLU A 55 -17.89 5.32 18.41
N GLU A 56 -18.81 6.21 18.15
CA GLU A 56 -19.00 6.70 16.76
C GLU A 56 -19.78 8.02 16.79
N ASN A 57 -19.11 9.11 16.55
CA ASN A 57 -19.81 10.43 16.56
C ASN A 57 -19.08 11.40 15.62
N ALA A 58 -19.63 12.56 15.42
CA ALA A 58 -18.98 13.56 14.52
C ALA A 58 -17.95 14.37 15.31
N GLU A 59 -16.92 14.82 14.67
CA GLU A 59 -15.88 15.61 15.39
C GLU A 59 -15.81 17.02 14.79
N GLU A 60 -15.46 17.11 13.53
CA GLU A 60 -15.39 18.45 12.88
C GLU A 60 -14.35 19.31 13.60
N GLY A 61 -13.10 19.19 13.22
CA GLY A 61 -12.04 20.01 13.89
C GLY A 61 -10.79 19.15 14.08
N THR A 62 -9.92 19.12 13.10
CA THR A 62 -8.68 18.31 13.23
C THR A 62 -9.04 16.84 13.39
N GLU A 63 -8.28 15.96 12.78
CA GLU A 63 -8.59 14.51 12.91
C GLU A 63 -7.29 13.70 12.75
N THR A 64 -7.20 12.59 13.42
CA THR A 64 -5.95 11.76 13.30
C THR A 64 -5.97 11.00 11.97
N VAL A 65 -4.85 10.97 11.28
CA VAL A 65 -4.80 10.27 9.98
C VAL A 65 -3.43 9.62 9.80
N ASN A 66 -3.34 8.65 8.92
CA ASN A 66 -2.02 7.97 8.71
C ASN A 66 -0.99 9.01 8.24
N ASN A 67 0.26 8.75 8.50
CA ASN A 67 1.32 9.71 8.08
C ASN A 67 1.78 9.39 6.65
N LEU A 68 1.91 8.12 6.34
CA LEU A 68 2.37 7.74 4.97
C LEU A 68 1.18 7.80 4.03
N VAL A 69 0.01 7.47 4.50
CA VAL A 69 -1.19 7.51 3.63
C VAL A 69 -1.50 8.97 3.26
N TYR A 70 -1.36 9.85 4.20
CA TYR A 70 -1.64 11.29 3.92
C TYR A 70 -0.59 11.87 2.97
N SER A 71 0.66 11.71 3.31
CA SER A 71 1.75 12.26 2.44
C SER A 71 1.73 11.60 1.07
N PHE A 72 1.29 10.37 0.99
CA PHE A 72 1.27 9.67 -0.34
C PHE A 72 -0.14 9.66 -0.90
N ARG A 73 -1.10 10.13 -0.16
CA ARG A 73 -2.51 10.15 -0.67
C ARG A 73 -2.98 8.72 -0.92
N LEU A 74 -2.46 7.77 -0.20
CA LEU A 74 -2.90 6.36 -0.41
C LEU A 74 -4.43 6.29 -0.41
N SER A 75 -5.00 5.50 -1.28
CA SER A 75 -6.49 5.40 -1.33
C SER A 75 -6.92 3.95 -1.14
N PRO A 76 -7.97 3.76 -0.39
CA PRO A 76 -8.50 2.41 -0.10
C PRO A 76 -9.32 1.92 -1.29
N THR A 77 -9.10 0.70 -1.71
CA THR A 77 -9.88 0.16 -2.87
C THR A 77 -10.49 -1.18 -2.49
N SER A 78 -11.42 -1.66 -3.27
CA SER A 78 -12.06 -2.96 -2.95
C SER A 78 -12.77 -3.50 -4.20
N PHE A 79 -12.52 -4.74 -4.55
CA PHE A 79 -13.17 -5.32 -5.74
C PHE A 79 -13.54 -6.78 -5.47
N ASP A 80 -14.45 -7.33 -6.23
CA ASP A 80 -14.86 -8.74 -6.02
C ASP A 80 -13.64 -9.59 -5.68
N LYS A 81 -13.71 -10.37 -4.63
CA LYS A 81 -12.53 -11.21 -4.25
C LYS A 81 -12.23 -12.20 -5.37
N LYS A 82 -13.24 -12.63 -6.08
CA LYS A 82 -12.99 -13.61 -7.18
C LYS A 82 -12.34 -12.91 -8.37
N SER A 83 -12.83 -11.75 -8.73
CA SER A 83 -12.24 -11.01 -9.88
C SER A 83 -10.79 -10.65 -9.57
N TYR A 84 -10.50 -10.30 -8.35
CA TYR A 84 -9.09 -9.93 -8.00
C TYR A 84 -8.16 -11.10 -8.37
N MET A 85 -8.61 -12.31 -8.23
CA MET A 85 -7.74 -13.46 -8.58
C MET A 85 -7.30 -13.34 -10.04
N SER A 86 -8.21 -13.08 -10.93
CA SER A 86 -7.85 -12.95 -12.37
C SER A 86 -6.83 -11.81 -12.51
N TYR A 87 -7.08 -10.70 -11.88
CA TYR A 87 -6.13 -9.56 -11.98
C TYR A 87 -4.82 -9.93 -11.27
N ILE A 88 -4.87 -10.93 -10.43
CA ILE A 88 -3.64 -11.36 -9.71
C ILE A 88 -2.75 -12.14 -10.67
N LYS A 89 -3.34 -12.82 -11.62
CA LYS A 89 -2.55 -13.59 -12.61
C LYS A 89 -1.98 -12.63 -13.66
N GLY A 90 -2.73 -11.63 -14.01
CA GLY A 90 -2.25 -10.65 -15.03
C GLY A 90 -1.07 -9.85 -14.48
N TYR A 91 -1.10 -9.53 -13.20
CA TYR A 91 0.02 -8.75 -12.61
C TYR A 91 1.19 -9.70 -12.34
N MET A 92 0.90 -10.90 -11.94
CA MET A 92 2.00 -11.87 -11.67
C MET A 92 2.76 -12.12 -12.98
N LYS A 93 2.05 -12.21 -14.07
CA LYS A 93 2.72 -12.45 -15.38
C LYS A 93 3.50 -11.19 -15.76
N ALA A 94 2.99 -10.04 -15.41
CA ALA A 94 3.69 -8.78 -15.74
C ALA A 94 5.12 -8.83 -15.19
N ILE A 95 5.28 -9.28 -13.98
CA ILE A 95 6.64 -9.37 -13.39
C ILE A 95 7.45 -10.44 -14.14
N LYS A 96 6.80 -11.49 -14.55
CA LYS A 96 7.53 -12.56 -15.30
C LYS A 96 8.12 -11.96 -16.58
N ALA A 97 7.43 -11.05 -17.19
CA ALA A 97 7.95 -10.43 -18.45
C ALA A 97 9.11 -9.49 -18.12
N ARG A 98 8.88 -8.53 -17.26
CA ARG A 98 9.96 -7.56 -16.90
C ARG A 98 11.22 -8.32 -16.49
N LEU A 99 11.07 -9.46 -15.88
CA LEU A 99 12.27 -10.23 -15.46
C LEU A 99 12.94 -10.86 -16.69
N GLN A 100 12.16 -11.43 -17.57
CA GLN A 100 12.75 -12.05 -18.79
C GLN A 100 13.55 -11.00 -19.56
N GLU A 101 13.08 -9.79 -19.60
CA GLU A 101 13.81 -8.72 -20.33
C GLU A 101 15.04 -8.29 -19.52
N SER A 102 14.94 -8.33 -18.21
CA SER A 102 16.09 -7.92 -17.37
C SER A 102 16.87 -9.16 -16.91
N ASN A 103 16.30 -9.91 -16.00
CA ASN A 103 17.01 -11.13 -15.51
C ASN A 103 15.98 -12.26 -15.30
N PRO A 104 16.16 -13.34 -16.02
CA PRO A 104 15.26 -14.51 -15.94
C PRO A 104 15.51 -15.29 -14.64
N GLU A 105 16.63 -15.07 -14.02
CA GLU A 105 16.93 -15.79 -12.75
C GLU A 105 15.99 -15.31 -11.64
N ARG A 106 15.26 -14.26 -11.88
CA ARG A 106 14.33 -13.74 -10.84
C ARG A 106 12.91 -14.19 -11.16
N VAL A 107 12.70 -14.81 -12.29
CA VAL A 107 11.34 -15.28 -12.65
C VAL A 107 10.90 -16.47 -11.78
N PRO A 108 11.79 -17.41 -11.55
CA PRO A 108 11.48 -18.60 -10.73
C PRO A 108 11.48 -18.26 -9.25
N VAL A 109 12.54 -17.68 -8.76
CA VAL A 109 12.58 -17.32 -7.31
C VAL A 109 11.38 -16.45 -6.96
N PHE A 110 11.16 -15.39 -7.68
CA PHE A 110 10.00 -14.51 -7.38
C PHE A 110 8.70 -15.31 -7.58
N GLU A 111 8.67 -16.16 -8.58
CA GLU A 111 7.43 -16.95 -8.83
C GLU A 111 7.01 -17.70 -7.57
N LYS A 112 7.92 -18.37 -6.92
CA LYS A 112 7.54 -19.13 -5.69
C LYS A 112 7.15 -18.16 -4.56
N ASN A 113 7.80 -17.04 -4.48
CA ASN A 113 7.46 -16.06 -3.40
C ASN A 113 6.06 -15.47 -3.62
N ALA A 114 5.66 -15.32 -4.86
CA ALA A 114 4.31 -14.74 -5.14
C ALA A 114 3.22 -15.74 -4.76
N ILE A 115 3.51 -17.01 -4.85
CA ILE A 115 2.48 -18.02 -4.50
C ILE A 115 2.27 -18.02 -2.98
N GLY A 116 3.33 -17.89 -2.23
CA GLY A 116 3.21 -17.88 -0.75
C GLY A 116 2.47 -16.60 -0.30
N PHE A 117 2.86 -15.48 -0.83
CA PHE A 117 2.19 -14.21 -0.43
C PHE A 117 0.75 -14.18 -0.94
N VAL A 118 0.49 -14.81 -2.06
CA VAL A 118 -0.90 -14.82 -2.60
C VAL A 118 -1.81 -15.64 -1.69
N LYS A 119 -1.41 -16.84 -1.36
CA LYS A 119 -2.25 -17.67 -0.47
C LYS A 119 -2.33 -17.04 0.93
N LYS A 120 -1.31 -16.32 1.32
CA LYS A 120 -1.34 -15.68 2.67
C LYS A 120 -2.40 -14.58 2.70
N ILE A 121 -2.25 -13.59 1.86
CA ILE A 121 -3.24 -12.48 1.83
C ILE A 121 -4.65 -13.05 1.62
N LEU A 122 -4.77 -14.06 0.80
CA LEU A 122 -6.11 -14.65 0.55
C LEU A 122 -6.77 -15.02 1.88
N ALA A 123 -6.02 -15.57 2.80
CA ALA A 123 -6.63 -15.94 4.12
C ALA A 123 -7.38 -14.74 4.69
N ASN A 124 -6.85 -13.57 4.52
CA ASN A 124 -7.53 -12.34 5.05
C ASN A 124 -7.60 -11.29 3.93
N PHE A 125 -8.30 -11.59 2.87
CA PHE A 125 -8.41 -10.61 1.75
C PHE A 125 -9.05 -9.31 2.24
N LYS A 126 -10.03 -9.40 3.10
CA LYS A 126 -10.69 -8.16 3.60
C LYS A 126 -9.81 -7.48 4.65
N ASP A 127 -9.05 -8.25 5.39
CA ASP A 127 -8.17 -7.63 6.43
C ASP A 127 -6.97 -6.96 5.77
N TYR A 128 -6.60 -7.38 4.59
CA TYR A 128 -5.43 -6.76 3.91
C TYR A 128 -5.90 -5.64 2.99
N ASP A 129 -7.06 -5.79 2.41
CA ASP A 129 -7.58 -4.74 1.49
C ASP A 129 -6.54 -4.45 0.41
N PHE A 130 -6.82 -3.51 -0.45
CA PHE A 130 -5.85 -3.17 -1.53
C PHE A 130 -5.85 -1.65 -1.74
N TYR A 131 -4.71 -1.03 -1.59
CA TYR A 131 -4.67 0.45 -1.77
C TYR A 131 -4.19 0.83 -3.17
N ILE A 132 -4.23 2.09 -3.49
CA ILE A 132 -3.77 2.53 -4.84
C ILE A 132 -3.38 4.01 -4.78
N GLY A 133 -2.30 4.37 -5.41
CA GLY A 133 -1.87 5.81 -5.38
C GLY A 133 -2.95 6.68 -6.01
N GLU A 134 -2.83 7.97 -5.90
CA GLU A 134 -3.85 8.88 -6.49
C GLU A 134 -3.78 8.79 -8.01
N SER A 135 -2.71 8.30 -8.54
CA SER A 135 -2.57 8.18 -10.01
C SER A 135 -3.68 7.28 -10.56
N MET A 136 -4.03 6.24 -9.82
CA MET A 136 -5.10 5.32 -10.30
C MET A 136 -4.58 4.52 -11.49
N ASP A 137 -3.43 3.94 -11.37
CA ASP A 137 -2.86 3.15 -12.49
C ASP A 137 -3.02 1.64 -12.19
N PRO A 138 -3.75 0.95 -13.02
CA PRO A 138 -4.00 -0.49 -12.86
C PRO A 138 -2.74 -1.28 -13.25
N ASP A 139 -1.70 -0.61 -13.64
CA ASP A 139 -0.46 -1.31 -14.02
C ASP A 139 0.54 -1.23 -12.87
N ALA A 140 0.23 -0.45 -11.86
CA ALA A 140 1.15 -0.33 -10.70
C ALA A 140 0.81 -1.41 -9.67
N MET A 141 1.76 -1.81 -8.89
CA MET A 141 1.50 -2.87 -7.86
C MET A 141 0.52 -2.32 -6.81
N VAL A 142 -0.04 -3.19 -6.01
CA VAL A 142 -1.00 -2.72 -4.96
C VAL A 142 -0.36 -2.91 -3.58
N VAL A 143 -0.60 -1.99 -2.68
CA VAL A 143 0.00 -2.11 -1.32
C VAL A 143 -1.05 -2.70 -0.37
N LEU A 144 -0.64 -3.59 0.49
CA LEU A 144 -1.61 -4.20 1.43
C LEU A 144 -1.38 -3.63 2.84
N MET A 145 -2.42 -3.30 3.54
CA MET A 145 -2.26 -2.74 4.92
C MET A 145 -2.72 -3.77 5.94
N ASN A 146 -1.98 -3.94 7.01
CA ASN A 146 -2.37 -4.93 8.05
C ASN A 146 -1.83 -4.48 9.41
N TYR A 147 -2.33 -5.05 10.47
CA TYR A 147 -1.85 -4.66 11.82
C TYR A 147 -1.00 -5.79 12.40
N ARG A 148 0.10 -5.46 13.01
CA ARG A 148 0.98 -6.52 13.61
C ARG A 148 0.23 -7.21 14.75
N GLU A 149 0.72 -8.32 15.21
CA GLU A 149 0.04 -9.04 16.33
C GLU A 149 -0.37 -8.03 17.40
N ASP A 150 0.36 -6.95 17.52
CA ASP A 150 0.01 -5.93 18.54
C ASP A 150 -1.37 -5.34 18.24
N GLY A 151 -1.59 -4.91 17.02
CA GLY A 151 -2.91 -4.33 16.66
C GLY A 151 -2.81 -2.81 16.64
N ILE A 152 -1.82 -2.27 17.31
CA ILE A 152 -1.66 -0.79 17.35
C ILE A 152 -0.49 -0.39 16.44
N THR A 153 0.06 -1.33 15.72
CA THR A 153 1.22 -1.02 14.84
C THR A 153 0.80 -1.20 13.38
N PRO A 154 0.50 -0.10 12.72
CA PRO A 154 0.09 -0.12 11.30
C PRO A 154 1.29 -0.30 10.39
N TYR A 155 1.32 -1.35 9.63
CA TYR A 155 2.47 -1.58 8.71
C TYR A 155 1.97 -2.08 7.36
N MET A 156 2.54 -1.60 6.29
CA MET A 156 2.09 -2.05 4.95
C MET A 156 3.25 -2.76 4.24
N ILE A 157 2.94 -3.70 3.39
CA ILE A 157 4.03 -4.43 2.68
C ILE A 157 4.09 -3.98 1.23
N PHE A 158 5.27 -4.00 0.65
CA PHE A 158 5.39 -3.56 -0.77
C PHE A 158 6.21 -4.60 -1.55
N PHE A 159 5.62 -5.21 -2.53
CA PHE A 159 6.36 -6.23 -3.33
C PHE A 159 7.66 -5.62 -3.85
N LYS A 160 8.78 -6.21 -3.51
CA LYS A 160 10.08 -5.66 -3.98
C LYS A 160 10.19 -5.82 -5.50
N ASP A 161 9.51 -6.80 -6.05
CA ASP A 161 9.57 -7.00 -7.52
C ASP A 161 9.15 -5.70 -8.23
N GLY A 162 8.09 -5.09 -7.76
CA GLY A 162 7.63 -3.83 -8.41
C GLY A 162 7.93 -2.65 -7.49
N LEU A 163 8.94 -2.75 -6.68
CA LEU A 163 9.28 -1.64 -5.75
C LEU A 163 10.79 -1.61 -5.54
N VAL A 164 11.40 -0.47 -5.74
CA VAL A 164 12.88 -0.39 -5.56
C VAL A 164 13.23 0.89 -4.80
N SER A 165 14.35 0.92 -4.13
CA SER A 165 14.75 2.13 -3.38
C SER A 165 15.55 3.06 -4.29
N GLU A 166 15.47 4.34 -4.05
CA GLU A 166 16.23 5.30 -4.91
C GLU A 166 16.78 6.44 -4.04
N LYS A 167 18.06 6.64 -4.05
CA LYS A 167 18.65 7.74 -3.23
C LYS A 167 18.70 9.03 -4.05
N PHE A 168 18.52 10.15 -3.41
CA PHE A 168 18.55 11.44 -4.15
C PHE A 168 18.94 12.58 -3.20
N MET A 1 15.78 10.58 3.69
CA MET A 1 14.42 10.50 3.08
C MET A 1 14.52 9.92 1.67
N LEU A 2 14.29 8.63 1.53
CA LEU A 2 14.37 8.01 0.17
C LEU A 2 12.95 7.79 -0.37
N LEU A 3 12.80 7.78 -1.66
CA LEU A 3 11.44 7.58 -2.25
C LEU A 3 11.35 6.18 -2.87
N TYR A 4 10.19 5.58 -2.80
CA TYR A 4 10.02 4.23 -3.39
C TYR A 4 8.92 4.27 -4.45
N LYS A 5 9.27 4.11 -5.70
CA LYS A 5 8.23 4.14 -6.77
C LYS A 5 8.11 2.77 -7.42
N ASP A 6 7.00 2.47 -8.04
CA ASP A 6 6.82 1.15 -8.69
C ASP A 6 7.40 1.21 -10.11
N VAL A 7 7.78 0.08 -10.65
CA VAL A 7 8.35 0.06 -12.03
C VAL A 7 7.23 -0.17 -13.04
N ILE A 8 6.02 -0.32 -12.59
CA ILE A 8 4.88 -0.56 -13.52
C ILE A 8 4.44 0.77 -14.13
N SER A 9 4.04 1.70 -13.32
CA SER A 9 3.58 3.02 -13.86
C SER A 9 4.48 4.13 -13.32
N GLY A 10 5.60 3.78 -12.75
CA GLY A 10 6.51 4.83 -12.20
C GLY A 10 5.70 5.86 -11.41
N ASP A 11 5.18 5.48 -10.28
CA ASP A 11 4.38 6.44 -9.47
C ASP A 11 4.76 6.30 -8.00
N GLU A 12 4.87 7.39 -7.30
CA GLU A 12 5.25 7.32 -5.85
C GLU A 12 4.43 6.22 -5.17
N LEU A 13 5.01 5.52 -4.24
CA LEU A 13 4.27 4.44 -3.54
C LEU A 13 4.51 4.55 -2.03
N VAL A 14 5.74 4.40 -1.62
CA VAL A 14 6.05 4.50 -0.16
C VAL A 14 7.42 5.15 0.01
N SER A 15 7.88 5.31 1.23
CA SER A 15 9.22 5.96 1.42
C SER A 15 9.91 5.41 2.66
N ASP A 16 11.19 5.67 2.79
CA ASP A 16 11.93 5.16 3.97
C ASP A 16 11.80 6.16 5.11
N ALA A 17 10.97 7.16 4.97
CA ALA A 17 10.80 8.15 6.05
C ALA A 17 10.14 7.47 7.25
N TYR A 18 9.67 6.27 7.07
CA TYR A 18 9.01 5.54 8.19
C TYR A 18 9.76 4.23 8.44
N ASP A 19 11.00 4.16 8.01
CA ASP A 19 11.77 2.90 8.21
C ASP A 19 11.11 1.78 7.41
N LEU A 20 11.88 1.04 6.67
CA LEU A 20 11.27 -0.04 5.85
C LEU A 20 11.96 -1.38 6.15
N LYS A 21 11.22 -2.45 6.18
CA LYS A 21 11.82 -3.78 6.47
C LYS A 21 11.60 -4.71 5.27
N GLU A 22 12.59 -5.50 4.94
CA GLU A 22 12.44 -6.42 3.78
C GLU A 22 12.09 -7.82 4.31
N VAL A 23 10.91 -8.28 4.04
CA VAL A 23 10.50 -9.64 4.51
C VAL A 23 11.41 -10.69 3.89
N ASP A 24 11.60 -11.80 4.55
CA ASP A 24 12.48 -12.87 4.00
C ASP A 24 12.02 -13.23 2.58
N ASP A 25 10.81 -12.91 2.24
CA ASP A 25 10.31 -13.25 0.87
C ASP A 25 10.91 -12.27 -0.13
N ILE A 26 10.18 -11.25 -0.52
CA ILE A 26 10.73 -10.27 -1.50
C ILE A 26 9.85 -9.01 -1.52
N VAL A 27 9.68 -8.38 -0.39
CA VAL A 27 8.84 -7.16 -0.35
C VAL A 27 9.31 -6.25 0.79
N TYR A 28 9.00 -4.98 0.71
CA TYR A 28 9.42 -4.04 1.79
C TYR A 28 8.20 -3.72 2.66
N GLU A 29 8.44 -3.21 3.85
CA GLU A 29 7.29 -2.88 4.74
C GLU A 29 7.46 -1.46 5.28
N ALA A 30 6.55 -0.58 4.98
CA ALA A 30 6.66 0.82 5.48
C ALA A 30 5.66 1.01 6.62
N ASP A 31 6.14 1.20 7.82
CA ASP A 31 5.22 1.37 8.98
C ASP A 31 4.66 2.81 8.98
N CYS A 32 3.48 2.98 9.49
CA CYS A 32 2.88 4.34 9.53
C CYS A 32 2.47 4.67 10.97
N GLN A 33 2.00 5.87 11.21
CA GLN A 33 1.59 6.25 12.59
C GLN A 33 0.25 6.98 12.53
N MET A 34 -0.42 7.11 13.65
CA MET A 34 -1.73 7.82 13.66
C MET A 34 -1.54 9.24 14.20
N VAL A 35 -1.98 10.21 13.45
CA VAL A 35 -1.82 11.63 13.92
C VAL A 35 -3.20 12.25 14.17
N THR A 36 -3.39 12.86 15.29
CA THR A 36 -4.70 13.49 15.60
C THR A 36 -4.72 14.93 15.09
N VAL A 37 -5.51 15.21 14.09
CA VAL A 37 -5.56 16.60 13.56
C VAL A 37 -7.02 17.07 13.47
N LYS A 38 -7.29 18.25 13.93
CA LYS A 38 -8.69 18.77 13.89
C LYS A 38 -9.02 19.20 12.45
N GLN A 39 -9.58 18.32 11.67
CA GLN A 39 -9.92 18.68 10.27
C GLN A 39 -11.43 18.54 10.05
N GLY A 40 -12.05 19.54 9.47
CA GLY A 40 -13.52 19.46 9.23
C GLY A 40 -14.26 20.01 10.45
N GLY A 41 -14.05 19.43 11.60
CA GLY A 41 -14.75 19.92 12.82
C GLY A 41 -15.87 18.95 13.18
N ASP A 42 -17.10 19.35 13.00
CA ASP A 42 -18.23 18.45 13.33
C ASP A 42 -17.97 17.78 14.69
N VAL A 43 -18.33 18.43 15.76
CA VAL A 43 -18.10 17.83 17.10
C VAL A 43 -19.21 16.83 17.42
N ASP A 44 -20.38 17.03 16.86
CA ASP A 44 -21.50 16.09 17.13
C ASP A 44 -22.07 15.58 15.81
N ILE A 45 -23.04 16.27 15.25
CA ILE A 45 -23.63 15.82 13.97
C ILE A 45 -24.45 16.96 13.35
N GLY A 46 -25.14 17.70 14.17
CA GLY A 46 -25.96 18.83 13.63
C GLY A 46 -26.51 19.65 14.80
N ALA A 47 -26.52 20.95 14.68
CA ALA A 47 -27.04 21.80 15.79
C ALA A 47 -26.25 21.50 17.07
N ASN A 48 -25.01 21.90 17.12
CA ASN A 48 -24.19 21.63 18.34
C ASN A 48 -24.86 22.32 19.55
N PRO A 49 -25.11 21.56 20.58
CA PRO A 49 -25.74 22.08 21.81
C PRO A 49 -24.70 22.82 22.66
N SER A 50 -24.23 23.94 22.21
CA SER A 50 -23.22 24.71 22.99
C SER A 50 -21.86 24.02 22.85
N ALA A 51 -21.02 24.50 21.98
CA ALA A 51 -19.68 23.88 21.79
C ALA A 51 -18.94 23.86 23.13
N GLU A 52 -17.69 23.51 23.11
CA GLU A 52 -16.90 23.48 24.38
C GLU A 52 -17.53 22.46 25.35
N ASP A 53 -17.01 21.26 25.37
CA ASP A 53 -17.56 20.22 26.28
C ASP A 53 -19.10 20.25 26.20
N ALA A 54 -19.74 20.91 27.12
CA ALA A 54 -21.24 20.95 27.09
C ALA A 54 -21.79 19.53 27.06
N GLU A 55 -21.94 18.90 28.19
CA GLU A 55 -22.47 17.51 28.21
C GLU A 55 -21.73 16.66 27.19
N GLU A 56 -20.67 15.99 27.61
CA GLU A 56 -19.90 15.14 26.67
C GLU A 56 -20.61 13.80 26.51
N ASN A 57 -21.04 13.48 25.32
CA ASN A 57 -21.72 12.17 25.09
C ASN A 57 -21.55 11.75 23.62
N ALA A 58 -20.49 12.16 23.00
CA ALA A 58 -20.27 11.79 21.58
C ALA A 58 -18.80 12.01 21.21
N GLU A 59 -18.49 11.99 19.94
CA GLU A 59 -17.07 12.20 19.52
C GLU A 59 -16.72 13.69 19.64
N GLU A 60 -15.46 14.01 19.62
CA GLU A 60 -15.06 15.44 19.73
C GLU A 60 -15.05 16.08 18.33
N GLY A 61 -14.74 15.31 17.32
CA GLY A 61 -14.72 15.88 15.94
C GLY A 61 -13.29 15.79 15.38
N THR A 62 -12.53 14.84 15.83
CA THR A 62 -11.14 14.69 15.32
C THR A 62 -11.06 13.50 14.37
N GLU A 63 -10.11 13.50 13.47
CA GLU A 63 -9.98 12.36 12.52
C GLU A 63 -8.52 11.94 12.41
N THR A 64 -8.19 10.76 12.86
CA THR A 64 -6.78 10.29 12.78
C THR A 64 -6.46 9.87 11.35
N VAL A 65 -5.39 10.34 10.81
CA VAL A 65 -5.04 9.98 9.40
C VAL A 65 -3.59 9.47 9.35
N ASN A 66 -3.38 8.29 8.82
CA ASN A 66 -2.00 7.74 8.75
C ASN A 66 -1.09 8.78 8.10
N ASN A 67 0.13 8.90 8.57
CA ASN A 67 1.06 9.90 7.98
C ASN A 67 1.54 9.42 6.61
N LEU A 68 1.47 8.14 6.36
CA LEU A 68 1.92 7.62 5.03
C LEU A 68 0.80 7.83 4.02
N VAL A 69 -0.42 7.67 4.43
CA VAL A 69 -1.56 7.85 3.50
C VAL A 69 -1.72 9.34 3.17
N TYR A 70 -1.84 10.17 4.16
CA TYR A 70 -2.01 11.63 3.89
C TYR A 70 -0.78 12.18 3.16
N SER A 71 0.39 11.77 3.55
CA SER A 71 1.62 12.27 2.89
C SER A 71 1.71 11.73 1.45
N PHE A 72 1.22 10.54 1.22
CA PHE A 72 1.28 9.97 -0.15
C PHE A 72 -0.13 9.90 -0.75
N ARG A 73 -1.08 10.56 -0.15
CA ARG A 73 -2.47 10.52 -0.68
C ARG A 73 -2.83 9.09 -1.09
N LEU A 74 -2.98 8.22 -0.13
CA LEU A 74 -3.33 6.80 -0.46
C LEU A 74 -4.85 6.66 -0.51
N SER A 75 -5.35 5.94 -1.47
CA SER A 75 -6.83 5.74 -1.57
C SER A 75 -7.20 4.38 -0.98
N PRO A 76 -7.98 4.38 0.06
CA PRO A 76 -8.41 3.14 0.73
C PRO A 76 -9.57 2.50 -0.03
N THR A 77 -9.43 1.26 -0.42
CA THR A 77 -10.52 0.58 -1.15
C THR A 77 -10.75 -0.81 -0.54
N SER A 78 -11.75 -1.52 -0.99
CA SER A 78 -12.01 -2.87 -0.39
C SER A 78 -12.48 -3.83 -1.49
N PHE A 79 -12.41 -3.43 -2.72
CA PHE A 79 -12.85 -4.35 -3.82
C PHE A 79 -11.68 -5.25 -4.24
N ASP A 80 -11.87 -6.54 -4.18
CA ASP A 80 -10.77 -7.46 -4.58
C ASP A 80 -11.25 -8.92 -4.56
N LYS A 81 -12.54 -9.14 -4.65
CA LYS A 81 -13.05 -10.55 -4.64
C LYS A 81 -12.52 -11.29 -5.87
N LYS A 82 -12.73 -10.74 -7.04
CA LYS A 82 -12.24 -11.40 -8.27
C LYS A 82 -11.32 -10.45 -9.04
N SER A 83 -11.48 -9.17 -8.85
CA SER A 83 -10.61 -8.20 -9.57
C SER A 83 -9.18 -8.29 -9.01
N TYR A 84 -9.05 -8.64 -7.77
CA TYR A 84 -7.69 -8.75 -7.17
C TYR A 84 -6.88 -9.78 -7.96
N MET A 85 -7.44 -10.92 -8.25
CA MET A 85 -6.68 -11.96 -9.00
C MET A 85 -6.36 -11.46 -10.41
N SER A 86 -7.19 -10.61 -10.97
CA SER A 86 -6.92 -10.11 -12.34
C SER A 86 -5.74 -9.14 -12.35
N TYR A 87 -5.78 -8.11 -11.55
CA TYR A 87 -4.67 -7.13 -11.53
C TYR A 87 -3.38 -7.81 -11.04
N ILE A 88 -3.49 -8.64 -10.05
CA ILE A 88 -2.28 -9.34 -9.52
C ILE A 88 -1.78 -10.35 -10.56
N LYS A 89 -2.63 -10.77 -11.45
CA LYS A 89 -2.20 -11.75 -12.48
C LYS A 89 -1.41 -11.02 -13.58
N GLY A 90 -2.00 -10.01 -14.16
CA GLY A 90 -1.28 -9.26 -15.23
C GLY A 90 -0.09 -8.53 -14.63
N TYR A 91 -0.09 -8.33 -13.34
CA TYR A 91 1.06 -7.64 -12.70
C TYR A 91 2.18 -8.66 -12.50
N MET A 92 1.84 -9.86 -12.12
CA MET A 92 2.88 -10.90 -11.94
C MET A 92 3.54 -11.20 -13.28
N LYS A 93 2.75 -11.27 -14.32
CA LYS A 93 3.32 -11.55 -15.67
C LYS A 93 4.26 -10.41 -16.07
N ALA A 94 3.84 -9.19 -15.84
CA ALA A 94 4.71 -8.03 -16.20
C ALA A 94 6.08 -8.22 -15.53
N ILE A 95 6.09 -8.49 -14.25
CA ILE A 95 7.39 -8.69 -13.55
C ILE A 95 8.12 -9.86 -14.20
N LYS A 96 7.38 -10.82 -14.68
CA LYS A 96 8.02 -12.00 -15.34
C LYS A 96 8.91 -11.51 -16.47
N ALA A 97 8.39 -10.67 -17.33
CA ALA A 97 9.21 -10.15 -18.45
C ALA A 97 10.41 -9.37 -17.89
N ARG A 98 10.22 -8.69 -16.79
CA ARG A 98 11.34 -7.91 -16.19
C ARG A 98 12.48 -8.87 -15.87
N LEU A 99 12.17 -10.01 -15.30
CA LEU A 99 13.23 -10.99 -14.96
C LEU A 99 13.89 -11.49 -16.25
N GLN A 100 13.10 -11.87 -17.22
CA GLN A 100 13.69 -12.35 -18.50
C GLN A 100 14.66 -11.29 -19.02
N GLU A 101 14.46 -10.06 -18.64
CA GLU A 101 15.38 -8.97 -19.09
C GLU A 101 16.69 -9.06 -18.31
N SER A 102 16.60 -9.28 -17.02
CA SER A 102 17.83 -9.38 -16.19
C SER A 102 18.29 -10.84 -16.16
N ASN A 103 17.58 -11.68 -15.48
CA ASN A 103 17.98 -13.12 -15.42
C ASN A 103 16.71 -13.98 -15.29
N PRO A 104 16.68 -15.06 -16.02
CA PRO A 104 15.54 -16.00 -16.02
C PRO A 104 15.52 -16.85 -14.75
N GLU A 105 16.62 -16.90 -14.04
CA GLU A 105 16.66 -17.73 -12.80
C GLU A 105 15.77 -17.10 -11.72
N ARG A 106 15.36 -15.88 -11.91
CA ARG A 106 14.48 -15.22 -10.90
C ARG A 106 13.02 -15.43 -11.28
N VAL A 107 12.76 -16.00 -12.42
CA VAL A 107 11.34 -16.22 -12.85
C VAL A 107 10.68 -17.32 -12.01
N PRO A 108 11.38 -18.41 -11.76
CA PRO A 108 10.82 -19.54 -10.99
C PRO A 108 10.82 -19.22 -9.48
N VAL A 109 11.95 -18.87 -8.94
CA VAL A 109 12.01 -18.56 -7.49
C VAL A 109 11.02 -17.44 -7.15
N PHE A 110 11.00 -16.41 -7.94
CA PHE A 110 10.06 -15.27 -7.65
C PHE A 110 8.60 -15.72 -7.79
N GLU A 111 8.28 -16.44 -8.83
CA GLU A 111 6.87 -16.88 -9.02
C GLU A 111 6.40 -17.70 -7.81
N LYS A 112 7.18 -18.65 -7.36
CA LYS A 112 6.77 -19.48 -6.20
C LYS A 112 6.74 -18.64 -4.92
N ASN A 113 7.59 -17.67 -4.82
CA ASN A 113 7.62 -16.84 -3.58
C ASN A 113 6.32 -16.03 -3.47
N ALA A 114 5.99 -15.29 -4.49
CA ALA A 114 4.75 -14.47 -4.43
C ALA A 114 3.52 -15.39 -4.49
N ILE A 115 3.65 -16.55 -5.07
CA ILE A 115 2.49 -17.48 -5.14
C ILE A 115 2.06 -17.87 -3.72
N GLY A 116 2.99 -18.26 -2.89
CA GLY A 116 2.63 -18.65 -1.50
C GLY A 116 2.04 -17.44 -0.78
N PHE A 117 2.61 -16.28 -0.99
CA PHE A 117 2.08 -15.07 -0.31
C PHE A 117 0.63 -14.83 -0.74
N VAL A 118 0.31 -15.13 -1.97
CA VAL A 118 -1.09 -14.93 -2.44
C VAL A 118 -2.03 -15.95 -1.78
N LYS A 119 -1.56 -17.16 -1.61
CA LYS A 119 -2.41 -18.19 -0.97
C LYS A 119 -2.71 -17.80 0.47
N LYS A 120 -1.83 -17.08 1.11
CA LYS A 120 -2.07 -16.68 2.52
C LYS A 120 -2.99 -15.44 2.55
N ILE A 121 -2.69 -14.46 1.77
CA ILE A 121 -3.53 -13.23 1.76
C ILE A 121 -4.99 -13.62 1.53
N LEU A 122 -5.24 -14.59 0.69
CA LEU A 122 -6.65 -15.02 0.43
C LEU A 122 -7.31 -15.44 1.74
N ALA A 123 -6.62 -16.22 2.54
CA ALA A 123 -7.20 -16.67 3.83
C ALA A 123 -7.78 -15.48 4.58
N ASN A 124 -7.13 -14.36 4.54
CA ASN A 124 -7.65 -13.16 5.27
C ASN A 124 -7.51 -11.92 4.37
N PHE A 125 -7.88 -12.03 3.13
CA PHE A 125 -7.77 -10.85 2.22
C PHE A 125 -8.69 -9.73 2.72
N LYS A 126 -9.69 -10.07 3.48
CA LYS A 126 -10.63 -9.04 4.00
C LYS A 126 -9.91 -8.20 5.06
N ASP A 127 -9.24 -8.83 5.99
CA ASP A 127 -8.52 -8.07 7.05
C ASP A 127 -7.30 -7.37 6.43
N TYR A 128 -6.81 -7.87 5.33
CA TYR A 128 -5.63 -7.24 4.68
C TYR A 128 -6.07 -5.97 3.95
N ASP A 129 -7.35 -5.76 3.81
CA ASP A 129 -7.84 -4.54 3.11
C ASP A 129 -7.13 -4.43 1.75
N PHE A 130 -7.33 -3.34 1.07
CA PHE A 130 -6.67 -3.15 -0.25
C PHE A 130 -6.41 -1.66 -0.46
N TYR A 131 -5.18 -1.28 -0.66
CA TYR A 131 -4.88 0.16 -0.85
C TYR A 131 -4.52 0.43 -2.31
N ILE A 132 -4.49 1.68 -2.70
CA ILE A 132 -4.14 2.02 -4.11
C ILE A 132 -3.39 3.35 -4.14
N GLY A 133 -2.27 3.39 -4.82
CA GLY A 133 -1.50 4.66 -4.88
C GLY A 133 -2.34 5.75 -5.56
N GLU A 134 -1.80 6.93 -5.69
CA GLU A 134 -2.57 8.04 -6.33
C GLU A 134 -2.86 7.67 -7.79
N SER A 135 -2.06 6.80 -8.35
CA SER A 135 -2.29 6.39 -9.77
C SER A 135 -3.69 5.80 -9.92
N MET A 136 -4.16 5.11 -8.91
CA MET A 136 -5.51 4.50 -8.99
C MET A 136 -5.46 3.26 -9.86
N ASP A 137 -4.29 2.69 -10.04
CA ASP A 137 -4.17 1.46 -10.88
C ASP A 137 -3.73 0.28 -10.00
N PRO A 138 -4.56 -0.73 -9.93
CA PRO A 138 -4.27 -1.93 -9.13
C PRO A 138 -3.22 -2.79 -9.82
N ASP A 139 -2.82 -2.42 -11.01
CA ASP A 139 -1.79 -3.22 -11.72
C ASP A 139 -0.42 -2.59 -11.49
N ALA A 140 -0.39 -1.46 -10.81
CA ALA A 140 0.92 -0.80 -10.54
C ALA A 140 1.39 -1.15 -9.14
N MET A 141 1.33 -2.41 -8.79
CA MET A 141 1.76 -2.84 -7.44
C MET A 141 0.65 -2.56 -6.42
N VAL A 142 0.09 -3.58 -5.85
CA VAL A 142 -1.01 -3.37 -4.86
C VAL A 142 -0.42 -3.40 -3.44
N VAL A 143 -0.75 -2.42 -2.64
CA VAL A 143 -0.21 -2.39 -1.26
C VAL A 143 -1.27 -2.92 -0.29
N LEU A 144 -0.87 -3.71 0.67
CA LEU A 144 -1.86 -4.26 1.62
C LEU A 144 -1.58 -3.71 3.03
N MET A 145 -2.60 -3.50 3.81
CA MET A 145 -2.40 -2.97 5.19
C MET A 145 -2.69 -4.08 6.19
N ASN A 146 -1.77 -4.37 7.06
CA ASN A 146 -2.00 -5.44 8.08
C ASN A 146 -1.45 -4.99 9.42
N TYR A 147 -2.16 -5.28 10.49
CA TYR A 147 -1.67 -4.87 11.84
C TYR A 147 -0.57 -5.82 12.30
N ARG A 148 0.38 -5.33 13.04
CA ARG A 148 1.49 -6.20 13.52
C ARG A 148 1.00 -7.02 14.72
N GLU A 149 1.85 -7.86 15.25
CA GLU A 149 1.45 -8.69 16.43
C GLU A 149 0.89 -7.77 17.52
N ASP A 150 1.29 -6.53 17.53
CA ASP A 150 0.78 -5.59 18.57
C ASP A 150 -0.69 -5.26 18.27
N GLY A 151 -0.99 -4.90 17.05
CA GLY A 151 -2.40 -4.56 16.71
C GLY A 151 -2.55 -3.05 16.55
N ILE A 152 -1.73 -2.30 17.23
CA ILE A 152 -1.82 -0.82 17.11
C ILE A 152 -0.75 -0.30 16.16
N THR A 153 -0.10 -1.18 15.45
CA THR A 153 0.97 -0.73 14.50
C THR A 153 0.61 -1.19 13.09
N PRO A 154 0.09 -0.28 12.31
CA PRO A 154 -0.30 -0.55 10.91
C PRO A 154 0.93 -0.49 9.99
N TYR A 155 1.11 -1.47 9.16
CA TYR A 155 2.28 -1.46 8.23
C TYR A 155 1.83 -1.88 6.83
N MET A 156 2.40 -1.30 5.81
CA MET A 156 2.00 -1.64 4.42
C MET A 156 3.10 -2.46 3.75
N ILE A 157 2.79 -3.12 2.67
CA ILE A 157 3.80 -3.95 1.96
C ILE A 157 3.90 -3.49 0.50
N PHE A 158 5.10 -3.42 -0.03
CA PHE A 158 5.26 -2.97 -1.44
C PHE A 158 6.15 -3.97 -2.19
N PHE A 159 5.60 -4.64 -3.18
CA PHE A 159 6.41 -5.64 -3.93
C PHE A 159 7.79 -5.06 -4.23
N LYS A 160 8.82 -5.68 -3.70
CA LYS A 160 10.21 -5.18 -3.94
C LYS A 160 10.59 -5.39 -5.40
N ASP A 161 10.27 -6.53 -5.96
CA ASP A 161 10.63 -6.80 -7.38
C ASP A 161 10.26 -5.61 -8.26
N GLY A 162 9.17 -4.94 -7.96
CA GLY A 162 8.75 -3.77 -8.79
C GLY A 162 8.92 -2.48 -7.99
N LEU A 163 10.07 -2.27 -7.39
CA LEU A 163 10.28 -1.02 -6.61
C LEU A 163 11.63 -0.42 -6.95
N VAL A 164 11.79 0.86 -6.78
CA VAL A 164 13.08 1.52 -7.10
C VAL A 164 13.37 2.62 -6.08
N SER A 165 14.51 2.58 -5.45
CA SER A 165 14.84 3.63 -4.44
C SER A 165 15.40 4.86 -5.15
N GLU A 166 14.95 6.03 -4.76
CA GLU A 166 15.44 7.27 -5.42
C GLU A 166 15.94 8.25 -4.35
N LYS A 167 17.16 8.69 -4.47
CA LYS A 167 17.71 9.65 -3.46
C LYS A 167 16.99 10.99 -3.59
N PHE A 168 16.28 11.41 -2.58
CA PHE A 168 15.57 12.72 -2.64
C PHE A 168 16.56 13.82 -2.99
N MET A 1 18.06 8.15 4.86
CA MET A 1 16.71 8.41 4.26
C MET A 1 16.72 7.91 2.80
N LEU A 2 15.99 6.88 2.52
CA LEU A 2 15.94 6.36 1.13
C LEU A 2 14.55 6.58 0.54
N LEU A 3 14.46 6.73 -0.75
CA LEU A 3 13.13 6.93 -1.38
C LEU A 3 12.70 5.66 -2.11
N TYR A 4 11.57 5.13 -1.77
CA TYR A 4 11.09 3.89 -2.43
C TYR A 4 9.99 4.24 -3.44
N LYS A 5 10.21 3.98 -4.69
CA LYS A 5 9.18 4.32 -5.72
C LYS A 5 8.93 3.09 -6.60
N ASP A 6 7.70 2.89 -7.00
CA ASP A 6 7.39 1.72 -7.87
C ASP A 6 7.89 1.99 -9.30
N VAL A 7 8.13 0.95 -10.05
CA VAL A 7 8.61 1.14 -11.44
C VAL A 7 7.44 1.01 -12.42
N ILE A 8 6.28 0.65 -11.92
CA ILE A 8 5.10 0.52 -12.81
C ILE A 8 4.20 1.75 -12.67
N SER A 9 3.69 1.99 -11.49
CA SER A 9 2.81 3.17 -11.28
C SER A 9 3.40 4.39 -11.99
N GLY A 10 4.68 4.63 -11.81
CA GLY A 10 5.31 5.80 -12.48
C GLY A 10 6.51 6.27 -11.66
N ASP A 11 6.27 6.73 -10.45
CA ASP A 11 7.41 7.19 -9.59
C ASP A 11 6.87 7.58 -8.21
N GLU A 12 6.38 6.61 -7.48
CA GLU A 12 5.84 6.91 -6.12
C GLU A 12 5.33 5.62 -5.48
N LEU A 13 5.54 5.45 -4.20
CA LEU A 13 5.06 4.21 -3.54
C LEU A 13 5.24 4.33 -2.02
N VAL A 14 6.45 4.21 -1.54
CA VAL A 14 6.70 4.32 -0.08
C VAL A 14 8.13 4.81 0.15
N SER A 15 8.60 4.83 1.37
CA SER A 15 9.99 5.30 1.62
C SER A 15 10.47 4.83 3.00
N ASP A 16 11.71 5.07 3.32
CA ASP A 16 12.25 4.64 4.64
C ASP A 16 11.89 5.68 5.72
N ALA A 17 11.04 6.61 5.41
CA ALA A 17 10.66 7.63 6.43
C ALA A 17 9.90 6.95 7.56
N TYR A 18 9.55 5.71 7.39
CA TYR A 18 8.80 4.99 8.46
C TYR A 18 9.53 3.68 8.79
N ASP A 19 10.79 3.60 8.46
CA ASP A 19 11.55 2.36 8.75
C ASP A 19 11.02 1.25 7.83
N LEU A 20 11.89 0.56 7.15
CA LEU A 20 11.41 -0.51 6.24
C LEU A 20 12.11 -1.83 6.55
N LYS A 21 11.43 -2.92 6.35
CA LYS A 21 12.05 -4.25 6.64
C LYS A 21 11.77 -5.20 5.47
N GLU A 22 12.76 -5.95 5.06
CA GLU A 22 12.56 -6.89 3.93
C GLU A 22 12.32 -8.29 4.49
N VAL A 23 11.14 -8.82 4.31
CA VAL A 23 10.83 -10.18 4.82
C VAL A 23 11.74 -11.20 4.14
N ASP A 24 11.95 -12.33 4.76
CA ASP A 24 12.82 -13.38 4.14
C ASP A 24 12.50 -13.49 2.66
N ASP A 25 11.28 -13.20 2.29
CA ASP A 25 10.90 -13.29 0.85
C ASP A 25 11.49 -12.09 0.10
N ILE A 26 10.79 -11.56 -0.87
CA ILE A 26 11.33 -10.40 -1.62
C ILE A 26 10.34 -9.23 -1.53
N VAL A 27 9.97 -8.84 -0.34
CA VAL A 27 9.01 -7.70 -0.19
C VAL A 27 9.48 -6.78 0.94
N TYR A 28 9.12 -5.53 0.88
CA TYR A 28 9.54 -4.59 1.95
C TYR A 28 8.34 -4.25 2.82
N GLU A 29 8.57 -3.72 3.99
CA GLU A 29 7.43 -3.37 4.88
C GLU A 29 7.57 -1.93 5.36
N ALA A 30 6.60 -1.09 5.05
CA ALA A 30 6.69 0.33 5.49
C ALA A 30 5.56 0.60 6.48
N ASP A 31 5.89 0.84 7.72
CA ASP A 31 4.84 1.09 8.74
C ASP A 31 4.26 2.50 8.56
N CYS A 32 2.99 2.66 8.81
CA CYS A 32 2.36 4.01 8.67
C CYS A 32 2.15 4.61 10.06
N GLN A 33 2.65 5.80 10.28
CA GLN A 33 2.48 6.44 11.62
C GLN A 33 1.45 7.55 11.54
N MET A 34 0.82 7.87 12.63
CA MET A 34 -0.20 8.96 12.64
C MET A 34 0.43 10.20 13.28
N VAL A 35 0.24 11.35 12.70
CA VAL A 35 0.82 12.59 13.29
C VAL A 35 -0.16 13.74 13.13
N THR A 36 0.16 14.87 13.70
CA THR A 36 -0.74 16.05 13.59
C THR A 36 -0.32 16.92 12.40
N VAL A 37 -1.17 17.07 11.43
CA VAL A 37 -0.80 17.91 10.24
C VAL A 37 -1.83 19.02 10.06
N LYS A 38 -1.38 20.25 10.00
CA LYS A 38 -2.34 21.38 9.82
C LYS A 38 -3.09 21.21 8.50
N GLN A 39 -4.29 20.70 8.55
CA GLN A 39 -5.06 20.50 7.29
C GLN A 39 -5.73 21.82 6.88
N GLY A 40 -5.35 22.36 5.76
CA GLY A 40 -5.95 23.65 5.30
C GLY A 40 -6.92 23.38 4.16
N GLY A 41 -7.47 22.19 4.09
CA GLY A 41 -8.42 21.86 3.00
C GLY A 41 -9.74 22.60 3.22
N ASP A 42 -10.38 23.03 2.17
CA ASP A 42 -11.67 23.75 2.33
C ASP A 42 -12.57 23.45 1.13
N VAL A 43 -12.63 22.23 0.71
CA VAL A 43 -13.49 21.88 -0.46
C VAL A 43 -14.95 21.84 -0.04
N ASP A 44 -15.20 21.76 1.24
CA ASP A 44 -16.62 21.71 1.73
C ASP A 44 -17.19 23.13 1.75
N ILE A 45 -16.34 24.12 1.71
CA ILE A 45 -16.81 25.54 1.74
C ILE A 45 -18.00 25.68 2.69
N GLY A 46 -17.80 25.39 3.95
CA GLY A 46 -18.92 25.52 4.92
C GLY A 46 -19.47 26.95 4.87
N ALA A 47 -20.77 27.11 5.02
CA ALA A 47 -21.36 28.47 4.98
C ALA A 47 -21.07 29.19 6.31
N ASN A 48 -20.23 30.18 6.28
CA ASN A 48 -19.91 30.92 7.54
C ASN A 48 -20.86 32.12 7.67
N PRO A 49 -21.19 32.44 8.90
CA PRO A 49 -22.08 33.57 9.22
C PRO A 49 -21.33 34.89 9.10
N SER A 50 -20.67 35.31 10.16
CA SER A 50 -19.91 36.58 10.10
C SER A 50 -18.42 36.29 10.02
N ALA A 51 -17.87 35.69 11.04
CA ALA A 51 -16.42 35.36 11.03
C ALA A 51 -16.01 34.79 12.38
N GLU A 52 -16.74 33.84 12.89
CA GLU A 52 -16.40 33.24 14.20
C GLU A 52 -15.72 31.88 14.00
N ASP A 53 -14.60 31.87 13.34
CA ASP A 53 -13.87 30.59 13.10
C ASP A 53 -14.78 29.64 12.31
N ALA A 54 -14.26 28.52 11.89
CA ALA A 54 -15.08 27.55 11.12
C ALA A 54 -15.98 26.77 12.08
N GLU A 55 -17.09 26.27 11.59
CA GLU A 55 -18.00 25.50 12.47
C GLU A 55 -17.21 24.42 13.23
N GLU A 56 -16.12 23.96 12.66
CA GLU A 56 -15.31 22.92 13.36
C GLU A 56 -14.11 22.54 12.50
N ASN A 57 -13.26 21.67 12.99
CA ASN A 57 -12.07 21.27 12.20
C ASN A 57 -11.43 22.50 11.56
N ALA A 58 -10.67 23.25 12.32
CA ALA A 58 -10.02 24.46 11.76
C ALA A 58 -8.80 24.84 12.60
N GLU A 59 -8.34 26.05 12.49
CA GLU A 59 -7.16 26.48 13.29
C GLU A 59 -7.31 25.99 14.74
N GLU A 60 -6.22 25.80 15.43
CA GLU A 60 -6.29 25.33 16.84
C GLU A 60 -7.09 24.02 16.91
N GLY A 61 -6.56 22.97 16.34
CA GLY A 61 -7.29 21.67 16.38
C GLY A 61 -6.96 20.87 15.12
N THR A 62 -5.70 20.59 14.88
CA THR A 62 -5.33 19.81 13.67
C THR A 62 -6.08 18.47 13.69
N GLU A 63 -5.63 17.52 12.91
CA GLU A 63 -6.31 16.19 12.88
C GLU A 63 -5.28 15.10 12.64
N THR A 64 -5.41 13.98 13.30
CA THR A 64 -4.44 12.87 13.11
C THR A 64 -4.80 12.10 11.84
N VAL A 65 -3.86 11.95 10.93
CA VAL A 65 -4.14 11.21 9.68
C VAL A 65 -2.95 10.31 9.34
N ASN A 66 -3.16 9.30 8.54
CA ASN A 66 -2.04 8.38 8.18
C ASN A 66 -0.88 9.20 7.61
N ASN A 67 0.33 8.81 7.90
CA ASN A 67 1.50 9.57 7.37
C ASN A 67 1.97 8.96 6.05
N LEU A 68 1.71 7.70 5.84
CA LEU A 68 2.13 7.05 4.58
C LEU A 68 1.04 7.24 3.53
N VAL A 69 -0.19 6.98 3.90
CA VAL A 69 -1.31 7.15 2.95
C VAL A 69 -1.37 8.61 2.51
N TYR A 70 -1.32 9.52 3.45
CA TYR A 70 -1.39 10.97 3.10
C TYR A 70 -0.11 11.39 2.37
N SER A 71 1.02 11.02 2.89
CA SER A 71 2.31 11.43 2.24
C SER A 71 2.28 11.10 0.74
N PHE A 72 1.96 9.89 0.38
CA PHE A 72 1.93 9.52 -1.06
C PHE A 72 0.49 9.49 -1.58
N ARG A 73 -0.44 9.94 -0.79
CA ARG A 73 -1.86 9.92 -1.25
C ARG A 73 -2.26 8.50 -1.63
N LEU A 74 -2.86 7.79 -0.72
CA LEU A 74 -3.27 6.38 -1.02
C LEU A 74 -4.80 6.29 -1.01
N SER A 75 -5.38 5.57 -1.93
CA SER A 75 -6.86 5.44 -1.97
C SER A 75 -7.24 3.96 -1.96
N PRO A 76 -8.05 3.58 -1.00
CA PRO A 76 -8.52 2.19 -0.86
C PRO A 76 -9.64 1.91 -1.86
N THR A 77 -9.86 0.66 -2.19
CA THR A 77 -10.94 0.32 -3.15
C THR A 77 -12.22 -0.02 -2.38
N SER A 78 -13.24 -0.45 -3.06
CA SER A 78 -14.51 -0.79 -2.36
C SER A 78 -15.07 -2.10 -2.91
N PHE A 79 -14.34 -2.74 -3.79
CA PHE A 79 -14.84 -4.03 -4.36
C PHE A 79 -13.65 -4.81 -4.96
N ASP A 80 -13.46 -6.02 -4.52
CA ASP A 80 -12.33 -6.83 -5.06
C ASP A 80 -12.58 -8.31 -4.75
N LYS A 81 -13.82 -8.68 -4.56
CA LYS A 81 -14.12 -10.11 -4.26
C LYS A 81 -13.62 -10.98 -5.40
N LYS A 82 -14.00 -10.68 -6.61
CA LYS A 82 -13.53 -11.49 -7.76
C LYS A 82 -12.54 -10.67 -8.59
N SER A 83 -12.60 -9.37 -8.49
CA SER A 83 -11.66 -8.52 -9.26
C SER A 83 -10.26 -8.62 -8.66
N TYR A 84 -10.18 -8.82 -7.36
CA TYR A 84 -8.84 -8.93 -6.71
C TYR A 84 -8.06 -10.08 -7.34
N MET A 85 -8.72 -11.15 -7.68
CA MET A 85 -8.01 -12.32 -8.29
C MET A 85 -7.39 -11.90 -9.62
N SER A 86 -8.18 -11.34 -10.51
CA SER A 86 -7.63 -10.93 -11.83
C SER A 86 -6.55 -9.87 -11.63
N TYR A 87 -6.63 -9.09 -10.58
CA TYR A 87 -5.60 -8.04 -10.35
C TYR A 87 -4.27 -8.69 -9.99
N ILE A 88 -4.28 -9.65 -9.10
CA ILE A 88 -3.01 -10.33 -8.71
C ILE A 88 -2.46 -11.08 -9.92
N LYS A 89 -3.30 -11.45 -10.84
CA LYS A 89 -2.82 -12.19 -12.04
C LYS A 89 -2.09 -11.24 -12.98
N GLY A 90 -2.65 -10.09 -13.24
CA GLY A 90 -2.00 -9.12 -14.16
C GLY A 90 -0.71 -8.60 -13.53
N TYR A 91 -0.62 -8.59 -12.23
CA TYR A 91 0.62 -8.11 -11.57
C TYR A 91 1.66 -9.22 -11.56
N MET A 92 1.24 -10.43 -11.39
CA MET A 92 2.21 -11.57 -11.36
C MET A 92 2.90 -11.69 -12.73
N LYS A 93 2.16 -11.54 -13.79
CA LYS A 93 2.77 -11.65 -15.15
C LYS A 93 3.62 -10.41 -15.44
N ALA A 94 3.14 -9.25 -15.07
CA ALA A 94 3.92 -8.01 -15.34
C ALA A 94 5.32 -8.14 -14.74
N ILE A 95 5.42 -8.63 -13.53
CA ILE A 95 6.76 -8.78 -12.90
C ILE A 95 7.60 -9.76 -13.72
N LYS A 96 7.00 -10.78 -14.25
CA LYS A 96 7.76 -11.76 -15.06
C LYS A 96 8.55 -11.02 -16.14
N ALA A 97 7.89 -10.18 -16.89
CA ALA A 97 8.59 -9.41 -17.95
C ALA A 97 9.62 -8.46 -17.32
N ARG A 98 9.36 -8.03 -16.11
CA ARG A 98 10.30 -7.10 -15.44
C ARG A 98 11.63 -7.84 -15.16
N LEU A 99 11.57 -9.10 -14.83
CA LEU A 99 12.82 -9.86 -14.55
C LEU A 99 13.55 -10.12 -15.87
N GLN A 100 12.87 -10.63 -16.86
CA GLN A 100 13.54 -10.91 -18.15
C GLN A 100 14.27 -9.65 -18.62
N GLU A 101 13.72 -8.50 -18.32
CA GLU A 101 14.39 -7.23 -18.73
C GLU A 101 15.64 -7.03 -17.88
N SER A 102 15.58 -7.38 -16.62
CA SER A 102 16.76 -7.22 -15.73
C SER A 102 17.53 -8.54 -15.65
N ASN A 103 17.09 -9.44 -14.81
CA ASN A 103 17.81 -10.74 -14.68
C ASN A 103 16.79 -11.89 -14.73
N PRO A 104 17.10 -12.90 -15.49
CA PRO A 104 16.23 -14.08 -15.65
C PRO A 104 16.30 -14.98 -14.41
N GLU A 105 17.31 -14.84 -13.61
CA GLU A 105 17.44 -15.69 -12.39
C GLU A 105 16.34 -15.30 -11.38
N ARG A 106 15.63 -14.24 -11.63
CA ARG A 106 14.57 -13.81 -10.68
C ARG A 106 13.22 -14.39 -11.14
N VAL A 107 13.19 -15.06 -12.25
CA VAL A 107 11.91 -15.65 -12.75
C VAL A 107 11.49 -16.86 -11.89
N PRO A 108 12.42 -17.74 -11.60
CA PRO A 108 12.14 -18.95 -10.80
C PRO A 108 12.02 -18.62 -9.31
N VAL A 109 12.94 -17.87 -8.78
CA VAL A 109 12.87 -17.52 -7.33
C VAL A 109 11.61 -16.69 -7.06
N PHE A 110 11.34 -15.73 -7.89
CA PHE A 110 10.15 -14.87 -7.70
C PHE A 110 8.87 -15.70 -7.83
N GLU A 111 8.81 -16.59 -8.78
CA GLU A 111 7.58 -17.41 -8.97
C GLU A 111 7.31 -18.24 -7.71
N LYS A 112 8.32 -18.80 -7.11
CA LYS A 112 8.11 -19.64 -5.89
C LYS A 112 7.72 -18.77 -4.69
N ASN A 113 8.44 -17.71 -4.44
CA ASN A 113 8.11 -16.85 -3.26
C ASN A 113 6.70 -16.27 -3.41
N ALA A 114 6.42 -15.61 -4.50
CA ALA A 114 5.07 -15.01 -4.68
C ALA A 114 4.00 -16.12 -4.66
N ILE A 115 4.36 -17.32 -5.02
CA ILE A 115 3.36 -18.43 -5.00
C ILE A 115 2.91 -18.69 -3.55
N GLY A 116 3.84 -18.82 -2.65
CA GLY A 116 3.45 -19.08 -1.23
C GLY A 116 2.75 -17.85 -0.65
N PHE A 117 3.14 -16.68 -1.07
CA PHE A 117 2.50 -15.44 -0.53
C PHE A 117 1.02 -15.41 -0.93
N VAL A 118 0.71 -15.71 -2.16
CA VAL A 118 -0.71 -15.67 -2.60
C VAL A 118 -1.58 -16.54 -1.68
N LYS A 119 -1.09 -17.67 -1.26
CA LYS A 119 -1.90 -18.56 -0.38
C LYS A 119 -2.07 -17.93 1.01
N LYS A 120 -0.99 -17.51 1.62
CA LYS A 120 -1.11 -16.92 2.98
C LYS A 120 -1.75 -15.53 2.91
N ILE A 121 -1.89 -14.98 1.73
CA ILE A 121 -2.51 -13.62 1.61
C ILE A 121 -4.04 -13.75 1.61
N LEU A 122 -4.56 -14.70 0.87
CA LEU A 122 -6.04 -14.87 0.82
C LEU A 122 -6.61 -15.01 2.23
N ALA A 123 -5.89 -15.66 3.10
CA ALA A 123 -6.41 -15.83 4.50
C ALA A 123 -6.96 -14.50 5.01
N ASN A 124 -6.31 -13.41 4.70
CA ASN A 124 -6.80 -12.09 5.17
C ASN A 124 -7.28 -11.25 3.98
N PHE A 125 -8.12 -11.81 3.14
CA PHE A 125 -8.63 -11.04 1.97
C PHE A 125 -9.44 -9.84 2.43
N LYS A 126 -10.43 -10.06 3.25
CA LYS A 126 -11.25 -8.92 3.73
C LYS A 126 -10.60 -8.33 4.98
N ASP A 127 -9.57 -8.96 5.47
CA ASP A 127 -8.88 -8.44 6.69
C ASP A 127 -7.94 -7.28 6.31
N TYR A 128 -7.22 -7.40 5.22
CA TYR A 128 -6.30 -6.29 4.84
C TYR A 128 -6.91 -5.45 3.72
N ASP A 129 -8.16 -5.64 3.41
CA ASP A 129 -8.79 -4.84 2.32
C ASP A 129 -7.83 -4.77 1.13
N PHE A 130 -7.92 -3.72 0.36
CA PHE A 130 -7.01 -3.59 -0.82
C PHE A 130 -6.75 -2.11 -1.08
N TYR A 131 -5.51 -1.69 -1.04
CA TYR A 131 -5.20 -0.25 -1.28
C TYR A 131 -4.62 -0.07 -2.68
N ILE A 132 -4.60 1.15 -3.15
CA ILE A 132 -4.03 1.42 -4.50
C ILE A 132 -3.59 2.88 -4.59
N GLY A 133 -2.43 3.12 -5.15
CA GLY A 133 -1.94 4.53 -5.26
C GLY A 133 -3.06 5.41 -5.83
N GLU A 134 -3.00 6.69 -5.56
CA GLU A 134 -4.06 7.60 -6.07
C GLU A 134 -4.12 7.50 -7.60
N SER A 135 -3.09 6.98 -8.21
CA SER A 135 -3.09 6.86 -9.70
C SER A 135 -4.30 6.03 -10.13
N MET A 136 -4.63 5.01 -9.39
CA MET A 136 -5.79 4.16 -9.76
C MET A 136 -5.43 3.27 -10.95
N ASP A 137 -4.18 2.96 -11.10
CA ASP A 137 -3.76 2.09 -12.24
C ASP A 137 -3.98 0.61 -11.87
N PRO A 138 -4.88 -0.03 -12.57
CA PRO A 138 -5.20 -1.45 -12.34
C PRO A 138 -4.10 -2.34 -12.89
N ASP A 139 -3.06 -1.76 -13.43
CA ASP A 139 -1.95 -2.57 -13.99
C ASP A 139 -0.65 -2.18 -13.28
N ALA A 140 -0.75 -1.50 -12.17
CA ALA A 140 0.49 -1.08 -11.43
C ALA A 140 0.76 -2.07 -10.30
N MET A 141 0.31 -1.79 -9.10
CA MET A 141 0.55 -2.71 -7.97
C MET A 141 -0.41 -2.38 -6.82
N VAL A 142 -0.95 -3.38 -6.18
CA VAL A 142 -1.89 -3.12 -5.05
C VAL A 142 -1.17 -3.38 -3.73
N VAL A 143 -1.34 -2.51 -2.77
CA VAL A 143 -0.67 -2.72 -1.45
C VAL A 143 -1.70 -3.21 -0.43
N LEU A 144 -1.39 -4.27 0.27
CA LEU A 144 -2.34 -4.80 1.28
C LEU A 144 -2.08 -4.12 2.62
N MET A 145 -3.08 -4.01 3.45
CA MET A 145 -2.88 -3.36 4.78
C MET A 145 -3.03 -4.40 5.88
N ASN A 146 -1.97 -4.65 6.61
CA ASN A 146 -2.05 -5.66 7.70
C ASN A 146 -1.70 -5.00 9.04
N TYR A 147 -1.99 -5.67 10.12
CA TYR A 147 -1.66 -5.08 11.46
C TYR A 147 -0.49 -5.83 12.08
N ARG A 148 0.45 -5.13 12.64
CA ARG A 148 1.63 -5.81 13.26
C ARG A 148 1.14 -6.74 14.38
N GLU A 149 2.03 -7.51 14.94
CA GLU A 149 1.62 -8.42 16.04
C GLU A 149 1.00 -7.62 17.17
N ASP A 150 1.44 -6.41 17.36
CA ASP A 150 0.87 -5.56 18.44
C ASP A 150 -0.58 -5.20 18.10
N GLY A 151 -0.82 -4.77 16.89
CA GLY A 151 -2.21 -4.42 16.49
C GLY A 151 -2.37 -2.89 16.50
N ILE A 152 -1.61 -2.21 17.31
CA ILE A 152 -1.71 -0.72 17.37
C ILE A 152 -0.78 -0.12 16.31
N THR A 153 0.08 -0.92 15.73
CA THR A 153 1.01 -0.40 14.70
C THR A 153 0.70 -1.05 13.35
N PRO A 154 0.02 -0.32 12.49
CA PRO A 154 -0.35 -0.80 11.15
C PRO A 154 0.86 -0.75 10.21
N TYR A 155 0.99 -1.71 9.33
CA TYR A 155 2.14 -1.71 8.39
C TYR A 155 1.69 -2.23 7.03
N MET A 156 2.24 -1.71 5.97
CA MET A 156 1.86 -2.18 4.61
C MET A 156 3.02 -2.95 4.00
N ILE A 157 2.78 -3.65 2.93
CA ILE A 157 3.88 -4.43 2.28
C ILE A 157 3.90 -4.14 0.78
N PHE A 158 5.06 -3.99 0.21
CA PHE A 158 5.14 -3.72 -1.25
C PHE A 158 6.00 -4.81 -1.92
N PHE A 159 5.78 -5.06 -3.18
CA PHE A 159 6.58 -6.10 -3.88
C PHE A 159 7.97 -5.55 -4.19
N LYS A 160 8.99 -6.10 -3.57
CA LYS A 160 10.37 -5.60 -3.82
C LYS A 160 10.70 -5.77 -5.31
N ASP A 161 10.38 -6.90 -5.88
CA ASP A 161 10.68 -7.11 -7.32
C ASP A 161 10.17 -5.92 -8.12
N GLY A 162 9.04 -5.38 -7.76
CA GLY A 162 8.49 -4.21 -8.50
C GLY A 162 8.69 -2.95 -7.66
N LEU A 163 9.88 -2.76 -7.14
CA LEU A 163 10.15 -1.56 -6.30
C LEU A 163 11.63 -1.20 -6.40
N VAL A 164 11.93 0.03 -6.74
CA VAL A 164 13.35 0.44 -6.86
C VAL A 164 13.69 1.45 -5.75
N SER A 165 14.86 1.35 -5.19
CA SER A 165 15.25 2.28 -4.10
C SER A 165 16.24 3.31 -4.65
N GLU A 166 16.03 4.57 -4.34
CA GLU A 166 16.96 5.62 -4.85
C GLU A 166 17.64 6.30 -3.67
N LYS A 167 18.95 6.36 -3.68
CA LYS A 167 19.68 7.02 -2.56
C LYS A 167 19.38 8.52 -2.58
N PHE A 168 18.87 9.05 -1.49
CA PHE A 168 18.56 10.50 -1.45
C PHE A 168 19.08 11.09 -0.13
N MET A 1 17.54 9.36 4.47
CA MET A 1 16.19 9.55 3.88
C MET A 1 16.17 9.01 2.45
N LEU A 2 15.62 7.85 2.26
CA LEU A 2 15.57 7.26 0.89
C LEU A 2 14.12 7.24 0.39
N LEU A 3 13.93 7.29 -0.90
CA LEU A 3 12.56 7.25 -1.46
C LEU A 3 12.38 5.98 -2.28
N TYR A 4 11.22 5.39 -2.23
CA TYR A 4 10.99 4.14 -3.01
C TYR A 4 9.85 4.35 -4.00
N LYS A 5 10.15 4.34 -5.27
CA LYS A 5 9.08 4.54 -6.29
C LYS A 5 8.97 3.29 -7.17
N ASP A 6 7.83 3.10 -7.79
CA ASP A 6 7.65 1.89 -8.66
C ASP A 6 8.03 2.25 -10.09
N VAL A 7 8.40 1.28 -10.88
CA VAL A 7 8.79 1.56 -12.29
C VAL A 7 7.59 1.26 -13.20
N ILE A 8 6.85 0.22 -12.92
CA ILE A 8 5.68 -0.11 -13.76
C ILE A 8 4.86 1.15 -14.01
N SER A 9 4.07 1.56 -13.05
CA SER A 9 3.24 2.78 -13.23
C SER A 9 2.72 3.27 -11.87
N GLY A 10 3.47 3.03 -10.83
CA GLY A 10 3.01 3.47 -9.48
C GLY A 10 3.97 4.53 -8.93
N ASP A 11 3.98 5.70 -9.52
CA ASP A 11 4.89 6.77 -9.03
C ASP A 11 4.69 6.96 -7.53
N GLU A 12 5.74 7.24 -6.81
CA GLU A 12 5.60 7.44 -5.33
C GLU A 12 5.01 6.17 -4.70
N LEU A 13 5.79 5.48 -3.92
CA LEU A 13 5.29 4.24 -3.27
C LEU A 13 5.40 4.37 -1.75
N VAL A 14 6.60 4.28 -1.24
CA VAL A 14 6.79 4.40 0.24
C VAL A 14 8.18 5.00 0.51
N SER A 15 8.51 5.28 1.74
CA SER A 15 9.85 5.87 2.02
C SER A 15 10.47 5.23 3.27
N ASP A 16 11.75 5.45 3.47
CA ASP A 16 12.43 4.86 4.65
C ASP A 16 12.26 5.77 5.86
N ALA A 17 11.43 6.78 5.75
CA ALA A 17 11.21 7.70 6.89
C ALA A 17 10.54 6.93 8.03
N TYR A 18 9.83 5.88 7.69
CA TYR A 18 9.14 5.08 8.74
C TYR A 18 9.95 3.80 9.00
N ASP A 19 11.20 3.81 8.66
CA ASP A 19 12.05 2.60 8.86
C ASP A 19 11.47 1.44 8.05
N LEU A 20 12.25 0.87 7.18
CA LEU A 20 11.73 -0.25 6.35
C LEU A 20 12.51 -1.53 6.67
N LYS A 21 11.89 -2.66 6.49
CA LYS A 21 12.60 -3.95 6.78
C LYS A 21 12.42 -4.92 5.61
N GLU A 22 13.39 -5.76 5.39
CA GLU A 22 13.28 -6.74 4.27
C GLU A 22 12.65 -8.03 4.78
N VAL A 23 11.59 -8.46 4.16
CA VAL A 23 10.92 -9.72 4.62
C VAL A 23 11.71 -10.93 4.12
N ASP A 24 11.70 -12.00 4.88
CA ASP A 24 12.46 -13.21 4.47
C ASP A 24 12.22 -13.49 2.97
N ASP A 25 11.06 -13.15 2.48
CA ASP A 25 10.79 -13.40 1.03
C ASP A 25 11.56 -12.39 0.18
N ILE A 26 10.91 -11.36 -0.30
CA ILE A 26 11.64 -10.35 -1.13
C ILE A 26 10.78 -9.08 -1.25
N VAL A 27 10.46 -8.47 -0.15
CA VAL A 27 9.62 -7.24 -0.20
C VAL A 27 10.06 -6.28 0.91
N TYR A 28 9.61 -5.05 0.86
CA TYR A 28 9.99 -4.06 1.90
C TYR A 28 8.75 -3.72 2.75
N GLU A 29 8.93 -3.50 4.02
CA GLU A 29 7.77 -3.15 4.88
C GLU A 29 7.94 -1.75 5.45
N ALA A 30 6.99 -0.88 5.24
CA ALA A 30 7.10 0.50 5.77
C ALA A 30 6.04 0.71 6.84
N ASP A 31 6.44 0.88 8.07
CA ASP A 31 5.46 1.08 9.17
C ASP A 31 4.74 2.42 8.99
N CYS A 32 3.52 2.51 9.42
CA CYS A 32 2.76 3.79 9.28
C CYS A 32 1.88 3.98 10.52
N GLN A 33 1.22 5.11 10.62
CA GLN A 33 0.35 5.37 11.80
C GLN A 33 -1.10 5.48 11.34
N MET A 34 -2.02 5.37 12.25
CA MET A 34 -3.46 5.48 11.87
C MET A 34 -4.08 6.69 12.56
N VAL A 35 -4.59 7.62 11.79
CA VAL A 35 -5.20 8.83 12.40
C VAL A 35 -6.68 8.90 12.02
N THR A 36 -7.53 9.25 12.95
CA THR A 36 -8.98 9.33 12.63
C THR A 36 -9.32 10.73 12.11
N VAL A 37 -10.07 10.80 11.04
CA VAL A 37 -10.44 12.14 10.49
C VAL A 37 -11.91 12.13 10.10
N LYS A 38 -12.53 13.28 10.05
CA LYS A 38 -13.97 13.34 9.69
C LYS A 38 -14.14 14.10 8.37
N GLN A 39 -14.49 13.41 7.32
CA GLN A 39 -14.67 14.09 6.01
C GLN A 39 -16.16 14.36 5.77
N GLY A 40 -16.48 15.27 4.89
CA GLY A 40 -17.91 15.56 4.62
C GLY A 40 -18.70 14.26 4.50
N GLY A 41 -18.45 13.49 3.47
CA GLY A 41 -19.17 12.21 3.31
C GLY A 41 -19.04 11.72 1.86
N ASP A 42 -19.84 12.25 0.98
CA ASP A 42 -19.75 11.82 -0.46
C ASP A 42 -20.88 12.48 -1.25
N VAL A 43 -20.60 13.54 -1.94
CA VAL A 43 -21.66 14.22 -2.74
C VAL A 43 -22.02 13.37 -3.95
N ASP A 44 -21.06 12.67 -4.51
CA ASP A 44 -21.34 11.82 -5.70
C ASP A 44 -21.74 10.42 -5.24
N ILE A 45 -23.02 10.12 -5.28
CA ILE A 45 -23.48 8.77 -4.85
C ILE A 45 -24.54 8.26 -5.83
N GLY A 46 -24.54 8.78 -7.03
CA GLY A 46 -25.57 8.33 -8.02
C GLY A 46 -25.50 6.81 -8.16
N ALA A 47 -26.34 6.24 -8.98
CA ALA A 47 -26.34 4.77 -9.15
C ALA A 47 -26.59 4.08 -7.81
N ASN A 48 -26.54 2.77 -7.77
CA ASN A 48 -26.78 2.06 -6.49
C ASN A 48 -28.22 2.29 -6.04
N PRO A 49 -28.78 1.29 -5.41
CA PRO A 49 -30.17 1.35 -4.91
C PRO A 49 -30.23 2.16 -3.61
N SER A 50 -31.42 2.40 -3.12
CA SER A 50 -31.55 3.18 -1.86
C SER A 50 -32.28 2.33 -0.81
N ALA A 51 -32.46 2.86 0.37
CA ALA A 51 -33.16 2.08 1.43
C ALA A 51 -33.63 3.05 2.53
N GLU A 52 -34.27 2.53 3.54
CA GLU A 52 -34.74 3.41 4.64
C GLU A 52 -33.56 3.86 5.49
N ASP A 53 -32.61 2.99 5.70
CA ASP A 53 -31.42 3.35 6.53
C ASP A 53 -30.21 3.52 5.60
N ALA A 54 -29.66 4.70 5.55
CA ALA A 54 -28.48 4.93 4.67
C ALA A 54 -28.85 4.57 3.23
N GLU A 55 -27.93 4.70 2.32
CA GLU A 55 -28.23 4.36 0.90
C GLU A 55 -27.99 2.87 0.67
N GLU A 56 -26.78 2.40 0.90
CA GLU A 56 -26.49 0.95 0.69
C GLU A 56 -25.84 0.38 1.95
N ASN A 57 -25.36 -0.83 1.89
CA ASN A 57 -24.71 -1.45 3.08
C ASN A 57 -23.27 -0.92 3.21
N ALA A 58 -22.51 -1.49 4.10
CA ALA A 58 -21.10 -1.04 4.26
C ALA A 58 -21.09 0.39 4.81
N GLU A 59 -21.15 0.54 6.11
CA GLU A 59 -21.14 1.91 6.70
C GLU A 59 -20.03 2.73 6.03
N GLU A 60 -20.38 3.85 5.45
CA GLU A 60 -19.34 4.69 4.78
C GLU A 60 -19.41 6.12 5.32
N GLY A 61 -19.23 6.30 6.60
CA GLY A 61 -19.28 7.67 7.17
C GLY A 61 -17.86 8.22 7.30
N THR A 62 -17.34 8.26 8.49
CA THR A 62 -15.95 8.78 8.68
C THR A 62 -14.96 7.78 8.08
N GLU A 63 -13.72 8.17 7.92
CA GLU A 63 -12.72 7.23 7.34
C GLU A 63 -11.34 7.51 7.94
N THR A 64 -10.60 6.49 8.23
CA THR A 64 -9.25 6.67 8.82
C THR A 64 -8.20 6.70 7.71
N VAL A 65 -7.18 7.51 7.84
CA VAL A 65 -6.13 7.57 6.79
C VAL A 65 -4.75 7.32 7.42
N ASN A 66 -3.97 6.46 6.83
CA ASN A 66 -2.62 6.18 7.40
C ASN A 66 -1.71 7.39 7.15
N ASN A 67 -1.02 7.84 8.15
CA ASN A 67 -0.12 9.02 7.98
C ASN A 67 0.72 8.83 6.71
N LEU A 68 0.93 7.61 6.29
CA LEU A 68 1.74 7.38 5.06
C LEU A 68 0.83 7.56 3.85
N VAL A 69 -0.36 7.05 3.92
CA VAL A 69 -1.30 7.19 2.78
C VAL A 69 -1.46 8.68 2.46
N TYR A 70 -1.84 9.47 3.42
CA TYR A 70 -2.01 10.93 3.18
C TYR A 70 -0.68 11.54 2.74
N SER A 71 0.39 11.15 3.37
CA SER A 71 1.73 11.72 3.01
C SER A 71 1.96 11.60 1.51
N PHE A 72 1.67 10.47 0.93
CA PHE A 72 1.88 10.29 -0.53
C PHE A 72 0.54 10.16 -1.25
N ARG A 73 -0.52 10.61 -0.61
CA ARG A 73 -1.86 10.52 -1.27
C ARG A 73 -2.09 9.09 -1.80
N LEU A 74 -2.51 8.19 -0.95
CA LEU A 74 -2.76 6.80 -1.41
C LEU A 74 -4.24 6.65 -1.75
N SER A 75 -4.63 5.56 -2.37
CA SER A 75 -6.06 5.39 -2.73
C SER A 75 -6.57 4.03 -2.21
N PRO A 76 -7.30 4.06 -1.13
CA PRO A 76 -7.87 2.85 -0.53
C PRO A 76 -9.13 2.41 -1.28
N THR A 77 -9.12 1.25 -1.87
CA THR A 77 -10.32 0.78 -2.61
C THR A 77 -11.26 0.06 -1.66
N SER A 78 -12.51 -0.09 -2.03
CA SER A 78 -13.48 -0.77 -1.13
C SER A 78 -14.15 -1.93 -1.87
N PHE A 79 -13.74 -2.19 -3.08
CA PHE A 79 -14.37 -3.31 -3.84
C PHE A 79 -13.29 -4.09 -4.60
N ASP A 80 -13.27 -5.39 -4.43
CA ASP A 80 -12.26 -6.22 -5.14
C ASP A 80 -12.30 -7.65 -4.59
N LYS A 81 -13.46 -8.12 -4.19
CA LYS A 81 -13.56 -9.51 -3.66
C LYS A 81 -13.16 -10.50 -4.74
N LYS A 82 -13.62 -10.28 -5.95
CA LYS A 82 -13.26 -11.21 -7.06
C LYS A 82 -12.40 -10.47 -8.07
N SER A 83 -12.56 -9.18 -8.17
CA SER A 83 -11.74 -8.39 -9.14
C SER A 83 -10.29 -8.36 -8.67
N TYR A 84 -10.07 -8.44 -7.38
CA TYR A 84 -8.69 -8.42 -6.85
C TYR A 84 -7.86 -9.53 -7.52
N MET A 85 -8.37 -10.72 -7.56
CA MET A 85 -7.60 -11.84 -8.20
C MET A 85 -7.43 -11.56 -9.69
N SER A 86 -8.34 -10.86 -10.29
CA SER A 86 -8.22 -10.57 -11.75
C SER A 86 -7.01 -9.66 -12.02
N TYR A 87 -6.95 -8.53 -11.37
CA TYR A 87 -5.81 -7.61 -11.60
C TYR A 87 -4.53 -8.20 -10.99
N ILE A 88 -4.54 -8.47 -9.71
CA ILE A 88 -3.33 -9.05 -9.06
C ILE A 88 -2.73 -10.13 -9.96
N LYS A 89 -3.56 -10.91 -10.60
CA LYS A 89 -3.04 -11.98 -11.49
C LYS A 89 -2.24 -11.36 -12.63
N GLY A 90 -2.83 -10.42 -13.32
CA GLY A 90 -2.11 -9.77 -14.46
C GLY A 90 -0.85 -9.07 -13.93
N TYR A 91 -0.80 -8.79 -12.66
CA TYR A 91 0.40 -8.14 -12.09
C TYR A 91 1.50 -9.18 -11.93
N MET A 92 1.13 -10.37 -11.57
CA MET A 92 2.14 -11.44 -11.40
C MET A 92 2.78 -11.73 -12.76
N LYS A 93 1.98 -11.79 -13.79
CA LYS A 93 2.53 -12.06 -15.16
C LYS A 93 3.40 -10.88 -15.60
N ALA A 94 3.06 -9.69 -15.18
CA ALA A 94 3.88 -8.50 -15.59
C ALA A 94 5.29 -8.61 -14.99
N ILE A 95 5.39 -8.99 -13.75
CA ILE A 95 6.72 -9.10 -13.10
C ILE A 95 7.59 -10.10 -13.90
N LYS A 96 7.04 -11.22 -14.26
CA LYS A 96 7.83 -12.21 -15.02
C LYS A 96 8.55 -11.50 -16.18
N ALA A 97 7.93 -10.50 -16.73
CA ALA A 97 8.56 -9.75 -17.86
C ALA A 97 9.70 -8.89 -17.32
N ARG A 98 9.46 -8.18 -16.25
CA ARG A 98 10.52 -7.34 -15.66
C ARG A 98 11.78 -8.18 -15.47
N LEU A 99 11.63 -9.42 -15.08
CA LEU A 99 12.81 -10.29 -14.89
C LEU A 99 13.44 -10.62 -16.25
N GLN A 100 12.64 -10.95 -17.22
CA GLN A 100 13.18 -11.27 -18.56
C GLN A 100 14.10 -10.15 -19.02
N GLU A 101 13.83 -8.94 -18.60
CA GLU A 101 14.69 -7.79 -19.00
C GLU A 101 15.96 -7.80 -18.15
N SER A 102 15.84 -8.11 -16.89
CA SER A 102 17.04 -8.13 -16.01
C SER A 102 17.65 -9.53 -16.04
N ASN A 103 17.13 -10.44 -15.25
CA ASN A 103 17.69 -11.82 -15.23
C ASN A 103 16.53 -12.83 -15.25
N PRO A 104 16.67 -13.84 -16.06
CA PRO A 104 15.65 -14.91 -16.19
C PRO A 104 15.68 -15.84 -14.98
N GLU A 105 16.72 -15.78 -14.20
CA GLU A 105 16.81 -16.66 -13.00
C GLU A 105 15.82 -16.20 -11.93
N ARG A 106 15.28 -15.02 -12.08
CA ARG A 106 14.32 -14.51 -11.06
C ARG A 106 12.89 -14.93 -11.44
N VAL A 107 12.71 -15.42 -12.64
CA VAL A 107 11.35 -15.84 -13.08
C VAL A 107 10.84 -17.02 -12.24
N PRO A 108 11.67 -18.01 -12.01
CA PRO A 108 11.29 -19.20 -11.25
C PRO A 108 11.25 -18.90 -9.75
N VAL A 109 12.34 -18.48 -9.18
CA VAL A 109 12.35 -18.19 -7.72
C VAL A 109 11.26 -17.16 -7.41
N PHE A 110 11.13 -16.14 -8.20
CA PHE A 110 10.08 -15.12 -7.95
C PHE A 110 8.70 -15.78 -7.92
N GLU A 111 8.39 -16.56 -8.92
CA GLU A 111 7.06 -17.21 -8.95
C GLU A 111 6.85 -18.06 -7.68
N LYS A 112 7.90 -18.57 -7.12
CA LYS A 112 7.75 -19.42 -5.90
C LYS A 112 7.37 -18.59 -4.67
N ASN A 113 8.06 -17.51 -4.41
CA ASN A 113 7.75 -16.69 -3.20
C ASN A 113 6.44 -15.92 -3.40
N ALA A 114 6.27 -15.29 -4.52
CA ALA A 114 5.02 -14.52 -4.78
C ALA A 114 3.79 -15.41 -4.57
N ILE A 115 3.81 -16.59 -5.13
CA ILE A 115 2.64 -17.50 -4.98
C ILE A 115 2.30 -17.67 -3.49
N GLY A 116 3.29 -17.86 -2.66
CA GLY A 116 3.02 -18.05 -1.21
C GLY A 116 2.43 -16.77 -0.61
N PHE A 117 2.95 -15.64 -0.99
CA PHE A 117 2.43 -14.35 -0.45
C PHE A 117 0.95 -14.19 -0.79
N VAL A 118 0.55 -14.63 -1.95
CA VAL A 118 -0.88 -14.50 -2.35
C VAL A 118 -1.77 -15.32 -1.42
N LYS A 119 -1.39 -16.54 -1.14
CA LYS A 119 -2.22 -17.40 -0.25
C LYS A 119 -2.25 -16.81 1.16
N LYS A 120 -1.20 -16.13 1.54
CA LYS A 120 -1.17 -15.54 2.92
C LYS A 120 -2.22 -14.44 3.05
N ILE A 121 -2.25 -13.52 2.12
CA ILE A 121 -3.26 -12.42 2.20
C ILE A 121 -4.66 -12.99 1.94
N LEU A 122 -4.77 -13.99 1.13
CA LEU A 122 -6.11 -14.58 0.84
C LEU A 122 -6.77 -15.02 2.15
N ALA A 123 -5.99 -15.41 3.12
CA ALA A 123 -6.58 -15.87 4.41
C ALA A 123 -7.56 -14.81 4.92
N ASN A 124 -7.16 -13.58 4.94
CA ASN A 124 -8.06 -12.50 5.44
C ASN A 124 -7.93 -11.26 4.56
N PHE A 125 -8.40 -11.33 3.34
CA PHE A 125 -8.30 -10.16 2.44
C PHE A 125 -9.12 -9.00 3.01
N LYS A 126 -10.07 -9.29 3.86
CA LYS A 126 -10.91 -8.21 4.44
C LYS A 126 -10.03 -7.26 5.28
N ASP A 127 -9.43 -7.75 6.33
CA ASP A 127 -8.57 -6.88 7.17
C ASP A 127 -7.34 -6.42 6.38
N TYR A 128 -6.98 -7.16 5.36
CA TYR A 128 -5.78 -6.77 4.56
C TYR A 128 -6.12 -5.59 3.64
N ASP A 129 -7.38 -5.33 3.43
CA ASP A 129 -7.77 -4.20 2.54
C ASP A 129 -6.91 -4.22 1.29
N PHE A 130 -6.96 -3.17 0.50
CA PHE A 130 -6.13 -3.13 -0.73
C PHE A 130 -5.86 -1.66 -1.08
N TYR A 131 -4.62 -1.29 -1.15
CA TYR A 131 -4.30 0.13 -1.47
C TYR A 131 -3.80 0.26 -2.91
N ILE A 132 -3.79 1.46 -3.42
CA ILE A 132 -3.30 1.67 -4.82
C ILE A 132 -2.81 3.12 -4.98
N GLY A 133 -1.72 3.32 -5.67
CA GLY A 133 -1.21 4.69 -5.87
C GLY A 133 -2.32 5.60 -6.39
N GLU A 134 -2.13 6.88 -6.32
CA GLU A 134 -3.19 7.82 -6.80
C GLU A 134 -3.33 7.70 -8.32
N SER A 135 -2.31 7.20 -8.98
CA SER A 135 -2.39 7.04 -10.46
C SER A 135 -3.52 6.08 -10.82
N MET A 136 -3.75 5.08 -10.02
CA MET A 136 -4.83 4.10 -10.31
C MET A 136 -4.38 3.15 -11.41
N ASP A 137 -3.22 2.56 -11.25
CA ASP A 137 -2.73 1.61 -12.28
C ASP A 137 -2.84 0.17 -11.74
N PRO A 138 -3.78 -0.57 -12.27
CA PRO A 138 -4.01 -1.96 -11.84
C PRO A 138 -2.92 -2.88 -12.39
N ASP A 139 -1.98 -2.33 -13.11
CA ASP A 139 -0.88 -3.17 -13.66
C ASP A 139 0.32 -3.09 -12.71
N ALA A 140 0.32 -2.15 -11.81
CA ALA A 140 1.47 -2.02 -10.86
C ALA A 140 1.31 -3.05 -9.74
N MET A 141 0.68 -2.67 -8.66
CA MET A 141 0.50 -3.63 -7.54
C MET A 141 -0.25 -2.93 -6.39
N VAL A 142 -1.02 -3.67 -5.63
CA VAL A 142 -1.77 -3.05 -4.51
C VAL A 142 -1.00 -3.27 -3.21
N VAL A 143 -0.93 -2.27 -2.37
CA VAL A 143 -0.20 -2.42 -1.09
C VAL A 143 -1.17 -2.86 0.00
N LEU A 144 -1.05 -4.07 0.47
CA LEU A 144 -1.99 -4.54 1.53
C LEU A 144 -1.54 -3.99 2.89
N MET A 145 -2.47 -3.76 3.78
CA MET A 145 -2.10 -3.21 5.12
C MET A 145 -2.64 -4.13 6.21
N ASN A 146 -1.81 -4.49 7.15
CA ASN A 146 -2.27 -5.39 8.26
C ASN A 146 -1.61 -4.96 9.56
N TYR A 147 -2.06 -5.48 10.67
CA TYR A 147 -1.46 -5.08 11.98
C TYR A 147 -0.11 -5.80 12.15
N ARG A 148 0.75 -5.29 12.99
CA ARG A 148 2.07 -5.94 13.20
C ARG A 148 2.58 -5.67 14.61
N GLU A 149 3.80 -6.07 14.89
CA GLU A 149 4.36 -5.84 16.25
C GLU A 149 3.45 -6.45 17.31
N ASP A 150 2.61 -5.66 17.91
CA ASP A 150 1.68 -6.21 18.95
C ASP A 150 0.26 -6.26 18.39
N GLY A 151 -0.04 -5.42 17.43
CA GLY A 151 -1.40 -5.42 16.84
C GLY A 151 -2.01 -4.03 16.97
N ILE A 152 -1.20 -3.03 17.21
CA ILE A 152 -1.73 -1.65 17.34
C ILE A 152 -1.11 -0.77 16.25
N THR A 153 0.01 -1.18 15.71
CA THR A 153 0.65 -0.35 14.64
C THR A 153 0.43 -1.02 13.28
N PRO A 154 -0.07 -0.25 12.35
CA PRO A 154 -0.35 -0.73 10.98
C PRO A 154 0.93 -0.70 10.13
N TYR A 155 1.06 -1.63 9.22
CA TYR A 155 2.27 -1.64 8.34
C TYR A 155 1.87 -2.13 6.95
N MET A 156 2.61 -1.77 5.93
CA MET A 156 2.25 -2.22 4.56
C MET A 156 3.46 -2.89 3.91
N ILE A 157 3.24 -3.65 2.86
CA ILE A 157 4.37 -4.33 2.19
C ILE A 157 4.39 -3.95 0.70
N PHE A 158 5.55 -3.84 0.12
CA PHE A 158 5.63 -3.47 -1.32
C PHE A 158 6.54 -4.47 -2.04
N PHE A 159 6.08 -5.04 -3.12
CA PHE A 159 6.91 -6.02 -3.87
C PHE A 159 8.29 -5.41 -4.14
N LYS A 160 9.34 -6.11 -3.79
CA LYS A 160 10.71 -5.57 -4.04
C LYS A 160 10.92 -5.41 -5.54
N ASP A 161 10.71 -6.45 -6.29
CA ASP A 161 10.90 -6.35 -7.77
C ASP A 161 10.21 -5.10 -8.29
N GLY A 162 9.01 -4.85 -7.85
CA GLY A 162 8.28 -3.64 -8.32
C GLY A 162 8.59 -2.47 -7.38
N LEU A 163 9.83 -2.30 -7.01
CA LEU A 163 10.20 -1.19 -6.10
C LEU A 163 11.69 -0.88 -6.26
N VAL A 164 12.03 0.34 -6.58
CA VAL A 164 13.46 0.70 -6.75
C VAL A 164 13.85 1.73 -5.69
N SER A 165 15.10 1.79 -5.34
CA SER A 165 15.55 2.78 -4.31
C SER A 165 15.99 4.07 -5.00
N GLU A 166 15.77 5.19 -4.37
CA GLU A 166 16.18 6.49 -4.99
C GLU A 166 16.80 7.38 -3.92
N LYS A 167 18.03 7.78 -4.11
CA LYS A 167 18.69 8.67 -3.10
C LYS A 167 18.05 10.06 -3.15
N PHE A 168 17.29 10.40 -2.14
CA PHE A 168 16.65 11.74 -2.13
C PHE A 168 16.07 12.04 -3.51
N MET A 1 18.08 9.04 3.20
CA MET A 1 16.62 8.84 3.04
C MET A 1 16.34 8.03 1.77
N LEU A 2 16.26 6.74 1.89
CA LEU A 2 16.00 5.90 0.70
C LEU A 2 14.58 6.13 0.18
N LEU A 3 14.39 6.04 -1.10
CA LEU A 3 13.04 6.24 -1.68
C LEU A 3 12.64 4.99 -2.46
N TYR A 4 11.42 4.57 -2.36
CA TYR A 4 11.00 3.35 -3.09
C TYR A 4 9.85 3.67 -4.04
N LYS A 5 10.11 3.66 -5.32
CA LYS A 5 9.04 3.98 -6.31
C LYS A 5 8.65 2.69 -7.05
N ASP A 6 7.57 2.71 -7.77
CA ASP A 6 7.14 1.51 -8.52
C ASP A 6 7.88 1.45 -9.86
N VAL A 7 8.11 0.29 -10.38
CA VAL A 7 8.83 0.18 -11.68
C VAL A 7 7.83 -0.25 -12.78
N ILE A 8 6.62 0.21 -12.70
CA ILE A 8 5.62 -0.17 -13.73
C ILE A 8 5.16 1.08 -14.48
N SER A 9 4.73 2.08 -13.76
CA SER A 9 4.26 3.33 -14.43
C SER A 9 5.05 4.52 -13.87
N GLY A 10 5.38 4.50 -12.61
CA GLY A 10 6.14 5.64 -12.01
C GLY A 10 5.25 6.38 -11.02
N ASP A 11 5.50 6.22 -9.75
CA ASP A 11 4.67 6.92 -8.73
C ASP A 11 5.22 6.63 -7.33
N GLU A 12 5.30 7.63 -6.50
CA GLU A 12 5.83 7.42 -5.12
C GLU A 12 5.14 6.21 -4.51
N LEU A 13 5.84 5.48 -3.67
CA LEU A 13 5.22 4.28 -3.04
C LEU A 13 5.51 4.30 -1.54
N VAL A 14 6.68 3.87 -1.15
CA VAL A 14 7.03 3.86 0.30
C VAL A 14 8.42 4.49 0.48
N SER A 15 8.78 4.80 1.69
CA SER A 15 10.12 5.41 1.92
C SER A 15 10.73 4.88 3.21
N ASP A 16 12.02 5.04 3.37
CA ASP A 16 12.69 4.53 4.61
C ASP A 16 12.53 5.56 5.73
N ALA A 17 11.86 6.64 5.47
CA ALA A 17 11.68 7.69 6.53
C ALA A 17 10.80 7.11 7.64
N TYR A 18 10.21 5.97 7.42
CA TYR A 18 9.33 5.37 8.47
C TYR A 18 9.90 4.01 8.88
N ASP A 19 11.16 3.78 8.64
CA ASP A 19 11.76 2.47 9.01
C ASP A 19 11.11 1.37 8.17
N LEU A 20 11.89 0.53 7.55
CA LEU A 20 11.32 -0.56 6.72
C LEU A 20 11.86 -1.91 7.17
N LYS A 21 11.05 -2.94 7.09
CA LYS A 21 11.52 -4.29 7.50
C LYS A 21 11.36 -5.26 6.33
N GLU A 22 12.35 -6.06 6.07
CA GLU A 22 12.24 -7.03 4.95
C GLU A 22 11.67 -8.35 5.49
N VAL A 23 10.59 -8.80 4.94
CA VAL A 23 9.97 -10.08 5.43
C VAL A 23 10.03 -11.14 4.33
N ASP A 24 10.69 -12.23 4.57
CA ASP A 24 10.78 -13.31 3.54
C ASP A 24 11.77 -12.89 2.44
N ASP A 25 12.43 -11.77 2.63
CA ASP A 25 13.41 -11.31 1.59
C ASP A 25 12.67 -11.11 0.26
N ILE A 26 11.83 -10.13 0.17
CA ILE A 26 11.09 -9.90 -1.10
C ILE A 26 10.07 -8.78 -0.92
N VAL A 27 9.55 -8.62 0.27
CA VAL A 27 8.54 -7.55 0.51
C VAL A 27 9.03 -6.59 1.59
N TYR A 28 8.81 -5.32 1.41
CA TYR A 28 9.26 -4.32 2.42
C TYR A 28 8.04 -3.83 3.22
N GLU A 29 8.22 -3.49 4.46
CA GLU A 29 7.08 -3.01 5.28
C GLU A 29 7.38 -1.59 5.79
N ALA A 30 6.56 -0.64 5.45
CA ALA A 30 6.81 0.76 5.93
C ALA A 30 5.80 1.10 7.03
N ASP A 31 6.27 1.27 8.24
CA ASP A 31 5.35 1.59 9.36
C ASP A 31 4.79 3.01 9.16
N CYS A 32 3.58 3.24 9.62
CA CYS A 32 2.98 4.59 9.46
C CYS A 32 3.11 5.36 10.78
N GLN A 33 3.19 6.67 10.70
CA GLN A 33 3.33 7.47 11.94
C GLN A 33 2.03 8.23 12.22
N MET A 34 1.57 8.21 13.44
CA MET A 34 0.31 8.94 13.77
C MET A 34 0.63 10.42 13.95
N VAL A 35 -0.18 11.29 13.40
CA VAL A 35 0.08 12.75 13.54
C VAL A 35 -1.25 13.48 13.71
N THR A 36 -1.40 14.25 14.75
CA THR A 36 -2.66 15.00 14.96
C THR A 36 -2.60 16.32 14.20
N VAL A 37 -3.71 16.74 13.64
CA VAL A 37 -3.71 18.01 12.87
C VAL A 37 -4.87 18.89 13.36
N LYS A 38 -4.62 20.16 13.53
CA LYS A 38 -5.70 21.07 14.01
C LYS A 38 -6.45 21.66 12.80
N GLN A 39 -7.61 21.15 12.50
CA GLN A 39 -8.38 21.67 11.34
C GLN A 39 -9.59 22.46 11.84
N GLY A 40 -9.79 23.65 11.34
CA GLY A 40 -10.95 24.47 11.79
C GLY A 40 -12.06 24.39 10.74
N GLY A 41 -11.87 23.63 9.71
CA GLY A 41 -12.93 23.51 8.66
C GLY A 41 -14.01 22.53 9.13
N ASP A 42 -14.81 22.04 8.22
CA ASP A 42 -15.87 21.08 8.61
C ASP A 42 -16.58 20.56 7.36
N VAL A 43 -15.89 19.85 6.51
CA VAL A 43 -16.54 19.32 5.28
C VAL A 43 -16.58 17.80 5.34
N ASP A 44 -15.46 17.15 5.16
CA ASP A 44 -15.43 15.67 5.21
C ASP A 44 -14.06 15.17 4.74
N ILE A 45 -13.50 15.82 3.75
CA ILE A 45 -12.16 15.40 3.24
C ILE A 45 -12.08 13.87 3.17
N GLY A 46 -13.20 13.22 2.94
CA GLY A 46 -13.20 11.74 2.87
C GLY A 46 -13.80 11.17 4.15
N ALA A 47 -13.14 10.22 4.76
CA ALA A 47 -13.67 9.62 6.01
C ALA A 47 -12.52 9.10 6.87
N ASN A 48 -11.67 9.98 7.34
CA ASN A 48 -10.52 9.53 8.18
C ASN A 48 -11.04 8.57 9.26
N PRO A 49 -10.65 7.32 9.15
CA PRO A 49 -11.08 6.28 10.11
C PRO A 49 -10.27 6.38 11.41
N SER A 50 -9.45 7.40 11.55
CA SER A 50 -8.64 7.55 12.78
C SER A 50 -7.72 6.33 12.95
N ALA A 51 -8.20 5.31 13.62
CA ALA A 51 -7.36 4.10 13.80
C ALA A 51 -8.26 2.88 14.03
N GLU A 52 -7.70 1.70 14.00
CA GLU A 52 -8.50 0.46 14.20
C GLU A 52 -9.85 0.60 13.50
N ASP A 53 -10.88 0.99 14.20
CA ASP A 53 -12.21 1.14 13.56
C ASP A 53 -13.05 2.16 14.34
N ALA A 54 -13.89 2.89 13.67
CA ALA A 54 -14.72 3.91 14.37
C ALA A 54 -16.12 3.35 14.60
N GLU A 55 -16.52 3.20 15.83
CA GLU A 55 -17.87 2.65 16.12
C GLU A 55 -18.67 3.69 16.92
N GLU A 56 -18.01 4.66 17.49
CA GLU A 56 -18.74 5.69 18.28
C GLU A 56 -19.00 6.91 17.39
N ASN A 57 -19.71 7.89 17.90
CA ASN A 57 -19.98 9.10 17.08
C ASN A 57 -19.73 10.36 17.92
N ALA A 58 -18.70 10.34 18.72
CA ALA A 58 -18.40 11.54 19.57
C ALA A 58 -17.02 12.08 19.21
N GLU A 59 -16.91 12.76 18.09
CA GLU A 59 -15.59 13.31 17.68
C GLU A 59 -15.67 14.84 17.67
N GLU A 60 -14.74 15.50 18.33
CA GLU A 60 -14.76 16.99 18.36
C GLU A 60 -13.44 17.50 18.91
N GLY A 61 -12.49 17.77 18.05
CA GLY A 61 -11.18 18.28 18.51
C GLY A 61 -10.05 17.68 17.66
N THR A 62 -9.59 18.42 16.69
CA THR A 62 -8.50 17.91 15.82
C THR A 62 -8.85 16.50 15.32
N GLU A 63 -7.94 15.86 14.63
CA GLU A 63 -8.22 14.49 14.12
C GLU A 63 -6.90 13.73 13.92
N THR A 64 -6.90 12.45 14.15
CA THR A 64 -5.66 11.66 13.96
C THR A 64 -5.63 11.07 12.54
N VAL A 65 -4.49 11.11 11.90
CA VAL A 65 -4.41 10.56 10.51
C VAL A 65 -3.01 9.99 10.28
N ASN A 66 -2.92 8.87 9.60
CA ASN A 66 -1.58 8.27 9.34
C ASN A 66 -0.69 9.29 8.61
N ASN A 67 0.59 9.18 8.74
CA ASN A 67 1.50 10.14 8.06
C ASN A 67 1.86 9.63 6.67
N LEU A 68 1.83 8.34 6.47
CA LEU A 68 2.17 7.80 5.13
C LEU A 68 0.92 7.85 4.24
N VAL A 69 -0.22 7.60 4.82
CA VAL A 69 -1.47 7.63 4.02
C VAL A 69 -1.83 9.08 3.69
N TYR A 70 -1.81 9.93 4.67
CA TYR A 70 -2.18 11.36 4.44
C TYR A 70 -1.11 12.07 3.59
N SER A 71 0.14 11.73 3.78
CA SER A 71 1.21 12.42 2.98
C SER A 71 1.29 11.82 1.57
N PHE A 72 1.42 10.52 1.46
CA PHE A 72 1.53 9.89 0.12
C PHE A 72 0.14 9.76 -0.50
N ARG A 73 -0.88 10.13 0.22
CA ARG A 73 -2.26 10.03 -0.33
C ARG A 73 -2.59 8.56 -0.62
N LEU A 74 -3.11 7.86 0.35
CA LEU A 74 -3.46 6.43 0.14
C LEU A 74 -4.99 6.29 0.19
N SER A 75 -5.55 5.50 -0.68
CA SER A 75 -7.03 5.33 -0.69
C SER A 75 -7.39 3.84 -0.75
N PRO A 76 -8.16 3.40 0.23
CA PRO A 76 -8.59 1.99 0.30
C PRO A 76 -9.75 1.76 -0.67
N THR A 77 -9.63 0.79 -1.54
CA THR A 77 -10.74 0.52 -2.50
C THR A 77 -11.19 -0.94 -2.37
N SER A 78 -12.42 -1.15 -1.99
CA SER A 78 -12.92 -2.55 -1.85
C SER A 78 -12.80 -3.26 -3.20
N PHE A 79 -12.64 -4.56 -3.19
CA PHE A 79 -12.51 -5.31 -4.46
C PHE A 79 -13.02 -6.74 -4.27
N ASP A 80 -13.44 -7.37 -5.34
CA ASP A 80 -13.94 -8.78 -5.22
C ASP A 80 -12.77 -9.75 -5.33
N LYS A 81 -12.61 -10.61 -4.35
CA LYS A 81 -11.48 -11.59 -4.40
C LYS A 81 -11.57 -12.43 -5.68
N LYS A 82 -12.76 -12.73 -6.13
CA LYS A 82 -12.90 -13.55 -7.37
C LYS A 82 -12.15 -12.89 -8.52
N SER A 83 -12.60 -11.73 -8.92
CA SER A 83 -11.93 -11.01 -10.04
C SER A 83 -10.47 -10.74 -9.68
N TYR A 84 -10.18 -10.59 -8.41
CA TYR A 84 -8.78 -10.31 -8.00
C TYR A 84 -7.86 -11.40 -8.53
N MET A 85 -8.32 -12.62 -8.58
CA MET A 85 -7.47 -13.72 -9.09
C MET A 85 -7.01 -13.38 -10.52
N SER A 86 -7.92 -13.00 -11.37
CA SER A 86 -7.54 -12.65 -12.76
C SER A 86 -6.57 -11.47 -12.74
N TYR A 87 -6.90 -10.43 -12.02
CA TYR A 87 -5.99 -9.25 -11.97
C TYR A 87 -4.65 -9.66 -11.35
N ILE A 88 -4.65 -10.76 -10.64
CA ILE A 88 -3.37 -11.23 -10.02
C ILE A 88 -2.53 -11.91 -11.12
N LYS A 89 -3.18 -12.49 -12.09
CA LYS A 89 -2.43 -13.16 -13.18
C LYS A 89 -1.83 -12.10 -14.11
N GLY A 90 -2.56 -11.05 -14.39
CA GLY A 90 -2.04 -9.97 -15.28
C GLY A 90 -0.89 -9.24 -14.60
N TYR A 91 -0.99 -9.01 -13.31
CA TYR A 91 0.09 -8.29 -12.59
C TYR A 91 1.27 -9.23 -12.41
N MET A 92 0.99 -10.49 -12.18
CA MET A 92 2.09 -11.46 -11.99
C MET A 92 2.87 -11.60 -13.30
N LYS A 93 2.19 -11.58 -14.41
CA LYS A 93 2.86 -11.71 -15.73
C LYS A 93 3.72 -10.46 -15.98
N ALA A 94 3.26 -9.31 -15.58
CA ALA A 94 4.06 -8.07 -15.81
C ALA A 94 5.47 -8.26 -15.22
N ILE A 95 5.54 -8.68 -13.99
CA ILE A 95 6.88 -8.89 -13.37
C ILE A 95 7.65 -9.94 -14.18
N LYS A 96 6.99 -10.99 -14.57
CA LYS A 96 7.68 -12.04 -15.37
C LYS A 96 8.48 -11.39 -16.50
N ALA A 97 7.84 -10.54 -17.27
CA ALA A 97 8.56 -9.87 -18.39
C ALA A 97 9.74 -9.09 -17.82
N ARG A 98 9.58 -8.52 -16.66
CA ARG A 98 10.71 -7.75 -16.04
C ARG A 98 11.87 -8.69 -15.73
N LEU A 99 11.58 -9.92 -15.39
CA LEU A 99 12.67 -10.89 -15.07
C LEU A 99 13.38 -11.32 -16.35
N GLN A 100 12.65 -11.73 -17.35
CA GLN A 100 13.30 -12.18 -18.62
C GLN A 100 14.19 -11.07 -19.16
N GLU A 101 13.80 -9.84 -18.99
CA GLU A 101 14.66 -8.72 -19.50
C GLU A 101 15.89 -8.58 -18.61
N SER A 102 15.74 -8.82 -17.33
CA SER A 102 16.90 -8.71 -16.41
C SER A 102 17.63 -10.05 -16.35
N ASN A 103 17.12 -10.97 -15.58
CA ASN A 103 17.77 -12.30 -15.48
C ASN A 103 16.71 -13.40 -15.54
N PRO A 104 17.00 -14.45 -16.28
CA PRO A 104 16.08 -15.58 -16.44
C PRO A 104 16.05 -16.45 -15.19
N GLU A 105 17.11 -16.44 -14.43
CA GLU A 105 17.15 -17.27 -13.19
C GLU A 105 16.20 -16.67 -12.14
N ARG A 106 15.64 -15.53 -12.42
CA ARG A 106 14.71 -14.91 -11.44
C ARG A 106 13.26 -15.21 -11.82
N VAL A 107 13.06 -15.86 -12.94
CA VAL A 107 11.67 -16.18 -13.39
C VAL A 107 11.05 -17.26 -12.48
N PRO A 108 11.79 -18.30 -12.19
CA PRO A 108 11.30 -19.41 -11.34
C PRO A 108 11.30 -19.02 -9.87
N VAL A 109 12.32 -18.35 -9.41
CA VAL A 109 12.38 -17.95 -7.97
C VAL A 109 11.28 -16.93 -7.67
N PHE A 110 11.10 -15.96 -8.54
CA PHE A 110 10.05 -14.92 -8.29
C PHE A 110 8.66 -15.54 -8.43
N GLU A 111 8.48 -16.44 -9.36
CA GLU A 111 7.13 -17.05 -9.56
C GLU A 111 6.69 -17.83 -8.31
N LYS A 112 7.51 -18.74 -7.85
CA LYS A 112 7.13 -19.55 -6.66
C LYS A 112 7.16 -18.69 -5.38
N ASN A 113 8.20 -17.93 -5.20
CA ASN A 113 8.29 -17.08 -3.97
C ASN A 113 7.06 -16.17 -3.87
N ALA A 114 6.79 -15.40 -4.90
CA ALA A 114 5.61 -14.49 -4.86
C ALA A 114 4.33 -15.30 -4.63
N ILE A 115 4.29 -16.50 -5.11
CA ILE A 115 3.05 -17.32 -4.93
C ILE A 115 2.77 -17.50 -3.43
N GLY A 116 3.80 -17.61 -2.63
CA GLY A 116 3.60 -17.79 -1.17
C GLY A 116 2.83 -16.59 -0.59
N PHE A 117 3.23 -15.40 -0.94
CA PHE A 117 2.53 -14.19 -0.39
C PHE A 117 1.11 -14.12 -0.94
N VAL A 118 0.89 -14.60 -2.14
CA VAL A 118 -0.48 -14.54 -2.74
C VAL A 118 -1.42 -15.47 -1.96
N LYS A 119 -0.97 -16.64 -1.62
CA LYS A 119 -1.85 -17.60 -0.89
C LYS A 119 -2.09 -17.07 0.54
N LYS A 120 -1.08 -16.57 1.17
CA LYS A 120 -1.25 -16.04 2.56
C LYS A 120 -2.28 -14.91 2.56
N ILE A 121 -2.04 -13.86 1.84
CA ILE A 121 -3.00 -12.73 1.80
C ILE A 121 -4.40 -13.25 1.41
N LEU A 122 -4.48 -14.05 0.39
CA LEU A 122 -5.79 -14.58 -0.04
C LEU A 122 -6.56 -15.12 1.18
N ALA A 123 -5.92 -15.94 1.98
CA ALA A 123 -6.61 -16.49 3.18
C ALA A 123 -7.27 -15.37 3.97
N ASN A 124 -6.61 -14.26 4.12
CA ASN A 124 -7.21 -13.13 4.88
C ASN A 124 -7.15 -11.85 4.04
N PHE A 125 -7.63 -11.91 2.83
CA PHE A 125 -7.60 -10.71 1.95
C PHE A 125 -8.48 -9.60 2.58
N LYS A 126 -9.47 -9.99 3.34
CA LYS A 126 -10.36 -8.98 3.97
C LYS A 126 -9.56 -8.13 4.97
N ASP A 127 -8.67 -8.75 5.70
CA ASP A 127 -7.87 -7.99 6.70
C ASP A 127 -6.71 -7.27 6.01
N TYR A 128 -6.30 -7.75 4.86
CA TYR A 128 -5.18 -7.08 4.14
C TYR A 128 -5.70 -5.87 3.36
N ASP A 129 -6.95 -5.88 2.99
CA ASP A 129 -7.51 -4.73 2.22
C ASP A 129 -6.61 -4.43 1.03
N PHE A 130 -6.95 -3.44 0.25
CA PHE A 130 -6.12 -3.09 -0.93
C PHE A 130 -6.11 -1.56 -1.08
N TYR A 131 -4.95 -0.96 -1.06
CA TYR A 131 -4.88 0.51 -1.20
C TYR A 131 -4.51 0.90 -2.63
N ILE A 132 -4.68 2.14 -2.96
CA ILE A 132 -4.34 2.61 -4.33
C ILE A 132 -4.07 4.11 -4.32
N GLY A 133 -3.18 4.58 -5.14
CA GLY A 133 -2.87 6.04 -5.17
C GLY A 133 -4.07 6.80 -5.76
N GLU A 134 -4.14 8.08 -5.54
CA GLU A 134 -5.27 8.87 -6.08
C GLU A 134 -5.31 8.72 -7.60
N SER A 135 -4.21 8.40 -8.20
CA SER A 135 -4.18 8.24 -9.68
C SER A 135 -4.99 7.00 -10.07
N MET A 136 -4.96 5.98 -9.26
CA MET A 136 -5.73 4.75 -9.58
C MET A 136 -5.06 4.03 -10.76
N ASP A 137 -3.85 3.57 -10.59
CA ASP A 137 -3.15 2.86 -11.70
C ASP A 137 -3.24 1.35 -11.46
N PRO A 138 -4.07 0.69 -12.23
CA PRO A 138 -4.26 -0.76 -12.12
C PRO A 138 -3.07 -1.49 -12.72
N ASP A 139 -2.33 -0.83 -13.56
CA ASP A 139 -1.14 -1.47 -14.18
C ASP A 139 -0.02 -1.53 -13.13
N ALA A 140 -0.21 -0.92 -12.00
CA ALA A 140 0.84 -0.95 -10.95
C ALA A 140 0.45 -1.96 -9.86
N MET A 141 1.23 -2.04 -8.82
CA MET A 141 0.90 -3.00 -7.73
C MET A 141 0.05 -2.31 -6.67
N VAL A 142 -0.53 -3.06 -5.77
CA VAL A 142 -1.37 -2.43 -4.71
C VAL A 142 -0.69 -2.65 -3.35
N VAL A 143 -0.76 -1.68 -2.49
CA VAL A 143 -0.12 -1.82 -1.15
C VAL A 143 -1.14 -2.41 -0.18
N LEU A 144 -0.76 -3.44 0.53
CA LEU A 144 -1.72 -4.06 1.48
C LEU A 144 -1.55 -3.43 2.86
N MET A 145 -2.63 -3.08 3.51
CA MET A 145 -2.53 -2.45 4.86
C MET A 145 -2.99 -3.46 5.92
N ASN A 146 -2.17 -3.71 6.91
CA ASN A 146 -2.56 -4.66 7.97
C ASN A 146 -2.12 -4.12 9.34
N TYR A 147 -2.56 -4.74 10.40
CA TYR A 147 -2.17 -4.25 11.75
C TYR A 147 -1.24 -5.27 12.41
N ARG A 148 -0.28 -4.80 13.18
CA ARG A 148 0.66 -5.74 13.84
C ARG A 148 -0.08 -6.56 14.90
N GLU A 149 0.56 -7.56 15.44
CA GLU A 149 -0.11 -8.39 16.48
C GLU A 149 -0.78 -7.50 17.52
N ASP A 150 -0.17 -6.38 17.82
CA ASP A 150 -0.77 -5.47 18.83
C ASP A 150 -1.92 -4.68 18.18
N GLY A 151 -1.71 -4.18 17.00
CA GLY A 151 -2.78 -3.41 16.32
C GLY A 151 -2.49 -1.91 16.46
N ILE A 152 -1.86 -1.54 17.54
CA ILE A 152 -1.54 -0.10 17.76
C ILE A 152 -0.49 0.36 16.73
N THR A 153 0.03 -0.56 15.96
CA THR A 153 1.06 -0.17 14.96
C THR A 153 0.59 -0.59 13.55
N PRO A 154 0.10 0.37 12.80
CA PRO A 154 -0.37 0.12 11.42
C PRO A 154 0.82 0.06 10.47
N TYR A 155 0.98 -1.03 9.77
CA TYR A 155 2.13 -1.16 8.83
C TYR A 155 1.62 -1.53 7.44
N MET A 156 2.30 -1.09 6.41
CA MET A 156 1.87 -1.42 5.03
C MET A 156 2.95 -2.26 4.35
N ILE A 157 2.65 -2.86 3.23
CA ILE A 157 3.67 -3.69 2.54
C ILE A 157 3.78 -3.27 1.07
N PHE A 158 4.95 -3.39 0.51
CA PHE A 158 5.14 -3.00 -0.92
C PHE A 158 5.98 -4.08 -1.61
N PHE A 159 5.49 -4.62 -2.69
CA PHE A 159 6.23 -5.69 -3.41
C PHE A 159 7.60 -5.16 -3.86
N LYS A 160 8.64 -5.92 -3.61
CA LYS A 160 10.01 -5.47 -4.04
C LYS A 160 10.10 -5.49 -5.57
N ASP A 161 9.57 -6.50 -6.19
CA ASP A 161 9.62 -6.57 -7.68
C ASP A 161 9.13 -5.24 -8.26
N GLY A 162 8.04 -4.74 -7.74
CA GLY A 162 7.51 -3.44 -8.25
C GLY A 162 7.96 -2.32 -7.32
N LEU A 163 9.22 -2.32 -6.96
CA LEU A 163 9.74 -1.27 -6.04
C LEU A 163 11.27 -1.22 -6.16
N VAL A 164 11.82 -0.06 -6.36
CA VAL A 164 13.30 0.05 -6.49
C VAL A 164 13.86 0.88 -5.34
N SER A 165 15.06 0.60 -4.92
CA SER A 165 15.66 1.37 -3.79
C SER A 165 16.55 2.47 -4.36
N GLU A 166 16.27 3.71 -4.04
CA GLU A 166 17.11 4.83 -4.55
C GLU A 166 17.77 5.57 -3.38
N LYS A 167 18.98 6.01 -3.55
CA LYS A 167 19.67 6.74 -2.46
C LYS A 167 19.41 8.25 -2.61
N PHE A 168 18.70 8.83 -1.69
CA PHE A 168 18.41 10.29 -1.78
C PHE A 168 19.08 11.02 -0.62
N MET A 1 17.59 8.56 3.96
CA MET A 1 16.24 8.78 3.36
C MET A 1 16.22 8.19 1.94
N LEU A 2 15.68 7.02 1.79
CA LEU A 2 15.62 6.40 0.43
C LEU A 2 14.22 6.56 -0.15
N LEU A 3 14.10 6.48 -1.45
CA LEU A 3 12.76 6.63 -2.08
C LEU A 3 12.35 5.29 -2.69
N TYR A 4 11.12 4.89 -2.49
CA TYR A 4 10.66 3.59 -3.06
C TYR A 4 9.51 3.85 -4.05
N LYS A 5 9.75 3.62 -5.30
CA LYS A 5 8.67 3.84 -6.31
C LYS A 5 8.42 2.55 -7.09
N ASP A 6 7.31 2.44 -7.75
CA ASP A 6 7.01 1.21 -8.52
C ASP A 6 7.39 1.43 -9.99
N VAL A 7 7.61 0.37 -10.72
CA VAL A 7 7.99 0.52 -12.16
C VAL A 7 6.89 -0.09 -13.04
N ILE A 8 5.67 0.33 -12.87
CA ILE A 8 4.57 -0.24 -13.71
C ILE A 8 3.59 0.87 -14.09
N SER A 9 3.14 1.64 -13.13
CA SER A 9 2.18 2.74 -13.43
C SER A 9 1.76 3.42 -12.14
N GLY A 10 2.69 3.71 -11.27
CA GLY A 10 2.33 4.36 -9.97
C GLY A 10 3.40 5.39 -9.61
N ASP A 11 4.64 5.04 -9.75
CA ASP A 11 5.73 6.00 -9.41
C ASP A 11 5.86 6.09 -7.89
N GLU A 12 6.02 7.27 -7.35
CA GLU A 12 6.14 7.42 -5.87
C GLU A 12 5.14 6.50 -5.17
N LEU A 13 5.60 5.60 -4.35
CA LEU A 13 4.67 4.68 -3.65
C LEU A 13 4.93 4.78 -2.14
N VAL A 14 6.10 4.43 -1.70
CA VAL A 14 6.43 4.51 -0.25
C VAL A 14 7.88 4.96 -0.09
N SER A 15 8.33 5.16 1.12
CA SER A 15 9.74 5.60 1.32
C SER A 15 10.29 5.04 2.63
N ASP A 16 11.58 5.16 2.83
CA ASP A 16 12.19 4.63 4.08
C ASP A 16 12.13 5.70 5.16
N ALA A 17 11.36 6.74 4.95
CA ALA A 17 11.25 7.81 5.98
C ALA A 17 10.55 7.24 7.21
N TYR A 18 9.93 6.11 7.08
CA TYR A 18 9.23 5.49 8.24
C TYR A 18 9.90 4.15 8.59
N ASP A 19 11.12 3.98 8.18
CA ASP A 19 11.83 2.70 8.47
C ASP A 19 11.11 1.58 7.71
N LEU A 20 11.84 0.78 6.99
CA LEU A 20 11.19 -0.31 6.21
C LEU A 20 11.80 -1.66 6.59
N LYS A 21 11.00 -2.68 6.64
CA LYS A 21 11.53 -4.03 6.98
C LYS A 21 11.38 -4.94 5.77
N GLU A 22 12.38 -5.72 5.46
CA GLU A 22 12.29 -6.63 4.29
C GLU A 22 11.93 -8.04 4.79
N VAL A 23 10.81 -8.55 4.38
CA VAL A 23 10.40 -9.91 4.82
C VAL A 23 11.34 -10.95 4.20
N ASP A 24 11.58 -12.03 4.89
CA ASP A 24 12.49 -13.08 4.33
C ASP A 24 12.11 -13.38 2.89
N ASP A 25 10.88 -13.13 2.52
CA ASP A 25 10.46 -13.40 1.11
C ASP A 25 10.96 -12.26 0.20
N ILE A 26 10.08 -11.45 -0.31
CA ILE A 26 10.53 -10.34 -1.21
C ILE A 26 9.49 -9.21 -1.16
N VAL A 27 9.33 -8.58 -0.02
CA VAL A 27 8.34 -7.48 0.08
C VAL A 27 8.83 -6.44 1.08
N TYR A 28 8.63 -5.18 0.80
CA TYR A 28 9.08 -4.13 1.74
C TYR A 28 7.90 -3.68 2.59
N GLU A 29 8.13 -3.29 3.82
CA GLU A 29 7.01 -2.84 4.68
C GLU A 29 7.28 -1.44 5.22
N ALA A 30 6.41 -0.51 4.95
CA ALA A 30 6.60 0.87 5.46
C ALA A 30 5.60 1.11 6.59
N ASP A 31 6.07 1.25 7.80
CA ASP A 31 5.15 1.46 8.95
C ASP A 31 4.54 2.86 8.90
N CYS A 32 3.31 2.99 9.33
CA CYS A 32 2.64 4.32 9.34
C CYS A 32 2.12 4.61 10.74
N GLN A 33 2.64 5.61 11.40
CA GLN A 33 2.18 5.92 12.77
C GLN A 33 1.05 6.95 12.73
N MET A 34 0.25 6.99 13.75
CA MET A 34 -0.87 7.97 13.79
C MET A 34 -0.40 9.25 14.49
N VAL A 35 -0.68 10.39 13.92
CA VAL A 35 -0.24 11.67 14.56
C VAL A 35 -1.46 12.50 14.93
N THR A 36 -1.41 13.21 16.02
CA THR A 36 -2.57 14.05 16.43
C THR A 36 -2.30 15.50 16.04
N VAL A 37 -3.11 16.05 15.17
CA VAL A 37 -2.90 17.46 14.75
C VAL A 37 -3.58 18.40 15.75
N LYS A 38 -2.83 19.29 16.33
CA LYS A 38 -3.44 20.24 17.32
C LYS A 38 -3.88 21.52 16.61
N GLN A 39 -5.16 21.69 16.41
CA GLN A 39 -5.65 22.91 15.73
C GLN A 39 -6.08 23.95 16.77
N GLY A 40 -6.11 25.20 16.40
CA GLY A 40 -6.51 26.26 17.37
C GLY A 40 -7.85 25.90 17.99
N GLY A 41 -8.79 25.47 17.19
CA GLY A 41 -10.13 25.11 17.73
C GLY A 41 -11.23 25.66 16.82
N ASP A 42 -12.45 25.67 17.28
CA ASP A 42 -13.56 26.21 16.44
C ASP A 42 -14.33 27.25 17.24
N VAL A 43 -14.53 27.03 18.51
CA VAL A 43 -15.28 28.01 19.34
C VAL A 43 -14.41 28.43 20.53
N ASP A 44 -14.55 27.76 21.64
CA ASP A 44 -13.73 28.12 22.84
C ASP A 44 -14.14 29.51 23.34
N ILE A 45 -13.52 30.54 22.82
CA ILE A 45 -13.88 31.91 23.27
C ILE A 45 -14.01 32.83 22.05
N GLY A 46 -13.12 32.71 21.11
CA GLY A 46 -13.20 33.57 19.90
C GLY A 46 -11.79 33.76 19.31
N ALA A 47 -11.71 34.04 18.04
CA ALA A 47 -10.38 34.24 17.41
C ALA A 47 -10.49 35.27 16.29
N ASN A 48 -10.61 36.53 16.64
CA ASN A 48 -10.72 37.59 15.60
C ASN A 48 -12.07 37.48 14.88
N PRO A 49 -12.60 38.61 14.50
CA PRO A 49 -13.89 38.68 13.79
C PRO A 49 -13.71 38.31 12.32
N SER A 50 -14.76 38.39 11.55
CA SER A 50 -14.66 38.05 10.10
C SER A 50 -14.17 36.61 9.94
N ALA A 51 -14.62 35.72 10.80
CA ALA A 51 -14.19 34.30 10.71
C ALA A 51 -12.67 34.24 10.54
N GLU A 52 -12.14 33.09 10.21
CA GLU A 52 -10.67 32.97 10.03
C GLU A 52 -10.37 32.53 8.60
N ASP A 53 -10.65 31.31 8.28
CA ASP A 53 -10.38 30.81 6.89
C ASP A 53 -10.79 29.35 6.79
N ALA A 54 -11.00 28.86 5.59
CA ALA A 54 -11.41 27.44 5.42
C ALA A 54 -12.72 27.20 6.15
N GLU A 55 -13.26 26.01 6.07
CA GLU A 55 -14.53 25.72 6.77
C GLU A 55 -14.24 25.27 8.20
N GLU A 56 -15.23 24.83 8.91
CA GLU A 56 -15.00 24.38 10.32
C GLU A 56 -15.53 22.96 10.49
N ASN A 57 -14.77 22.10 11.11
CA ASN A 57 -15.23 20.69 11.31
C ASN A 57 -14.14 19.89 12.00
N ALA A 58 -13.75 20.29 13.19
CA ALA A 58 -12.68 19.54 13.91
C ALA A 58 -13.01 19.48 15.41
N GLU A 59 -13.12 18.31 15.96
CA GLU A 59 -13.45 18.19 17.41
C GLU A 59 -12.80 16.92 17.97
N GLU A 60 -13.29 16.44 19.08
CA GLU A 60 -12.70 15.21 19.68
C GLU A 60 -11.30 15.51 20.21
N GLY A 61 -10.92 16.75 20.23
CA GLY A 61 -9.56 17.11 20.73
C GLY A 61 -8.50 16.56 19.78
N THR A 62 -7.98 17.40 18.92
CA THR A 62 -6.94 16.92 17.96
C THR A 62 -7.51 15.77 17.12
N GLU A 63 -6.93 15.52 15.98
CA GLU A 63 -7.43 14.41 15.12
C GLU A 63 -6.29 13.43 14.84
N THR A 64 -6.60 12.16 14.76
CA THR A 64 -5.54 11.15 14.47
C THR A 64 -5.54 10.83 12.97
N VAL A 65 -4.38 10.82 12.36
CA VAL A 65 -4.32 10.53 10.90
C VAL A 65 -3.00 9.81 10.58
N ASN A 66 -3.05 8.80 9.76
CA ASN A 66 -1.81 8.07 9.40
C ASN A 66 -0.82 9.03 8.75
N ASN A 67 0.44 8.90 9.05
CA ASN A 67 1.45 9.80 8.44
C ASN A 67 1.90 9.26 7.08
N LEU A 68 1.68 7.99 6.84
CA LEU A 68 2.09 7.40 5.55
C LEU A 68 0.97 7.62 4.53
N VAL A 69 -0.24 7.31 4.91
CA VAL A 69 -1.37 7.50 3.97
C VAL A 69 -1.59 9.00 3.73
N TYR A 70 -1.42 9.80 4.74
CA TYR A 70 -1.61 11.27 4.57
C TYR A 70 -0.48 11.83 3.71
N SER A 71 0.73 11.44 3.98
CA SER A 71 1.89 11.95 3.18
C SER A 71 1.75 11.52 1.71
N PHE A 72 1.26 10.34 1.47
CA PHE A 72 1.13 9.87 0.07
C PHE A 72 -0.33 9.96 -0.37
N ARG A 73 -1.19 10.46 0.48
CA ARG A 73 -2.63 10.57 0.11
C ARG A 73 -3.18 9.20 -0.29
N LEU A 74 -2.64 8.14 0.28
CA LEU A 74 -3.13 6.78 -0.06
C LEU A 74 -4.66 6.80 -0.14
N SER A 75 -5.23 5.97 -0.96
CA SER A 75 -6.72 5.95 -1.08
C SER A 75 -7.22 4.50 -0.98
N PRO A 76 -8.16 4.27 -0.09
CA PRO A 76 -8.75 2.93 0.13
C PRO A 76 -9.76 2.61 -0.97
N THR A 77 -9.55 1.54 -1.68
CA THR A 77 -10.51 1.17 -2.76
C THR A 77 -10.79 -0.33 -2.70
N SER A 78 -12.03 -0.71 -2.66
CA SER A 78 -12.37 -2.16 -2.61
C SER A 78 -12.14 -2.78 -3.98
N PHE A 79 -12.41 -4.06 -4.12
CA PHE A 79 -12.21 -4.72 -5.44
C PHE A 79 -12.94 -6.06 -5.45
N ASP A 80 -13.15 -6.62 -6.61
CA ASP A 80 -13.86 -7.93 -6.69
C ASP A 80 -12.89 -9.05 -6.31
N LYS A 81 -13.20 -9.80 -5.29
CA LYS A 81 -12.28 -10.91 -4.87
C LYS A 81 -12.11 -11.89 -6.04
N LYS A 82 -13.19 -12.38 -6.58
CA LYS A 82 -13.09 -13.34 -7.72
C LYS A 82 -12.31 -12.71 -8.87
N SER A 83 -12.62 -11.49 -9.19
CA SER A 83 -11.89 -10.81 -10.31
C SER A 83 -10.41 -10.70 -9.96
N TYR A 84 -10.10 -10.62 -8.70
CA TYR A 84 -8.68 -10.51 -8.28
C TYR A 84 -7.89 -11.72 -8.81
N MET A 85 -8.50 -12.87 -8.85
CA MET A 85 -7.78 -14.07 -9.35
C MET A 85 -7.22 -13.81 -10.75
N SER A 86 -8.06 -13.46 -11.68
CA SER A 86 -7.57 -13.19 -13.06
C SER A 86 -6.55 -12.04 -13.03
N TYR A 87 -6.79 -11.06 -12.20
CA TYR A 87 -5.84 -9.91 -12.11
C TYR A 87 -4.50 -10.40 -11.54
N ILE A 88 -4.53 -11.50 -10.82
CA ILE A 88 -3.27 -12.03 -10.23
C ILE A 88 -2.48 -12.77 -11.31
N LYS A 89 -3.17 -13.36 -12.26
CA LYS A 89 -2.45 -14.09 -13.33
C LYS A 89 -1.78 -13.08 -14.27
N GLY A 90 -2.50 -12.07 -14.68
CA GLY A 90 -1.92 -11.04 -15.60
C GLY A 90 -0.83 -10.26 -14.87
N TYR A 91 -0.96 -10.10 -13.57
CA TYR A 91 0.06 -9.35 -12.81
C TYR A 91 1.29 -10.23 -12.65
N MET A 92 1.09 -11.51 -12.49
CA MET A 92 2.22 -12.44 -12.33
C MET A 92 3.04 -12.48 -13.61
N LYS A 93 2.42 -12.76 -14.72
CA LYS A 93 3.17 -12.83 -16.01
C LYS A 93 3.86 -11.49 -16.27
N ALA A 94 3.24 -10.40 -15.95
CA ALA A 94 3.87 -9.07 -16.19
C ALA A 94 5.24 -9.05 -15.51
N ILE A 95 5.32 -9.50 -14.29
CA ILE A 95 6.63 -9.51 -13.58
C ILE A 95 7.56 -10.54 -14.22
N LYS A 96 7.03 -11.65 -14.64
CA LYS A 96 7.89 -12.69 -15.28
C LYS A 96 8.73 -12.05 -16.39
N ALA A 97 8.10 -11.26 -17.23
CA ALA A 97 8.86 -10.59 -18.33
C ALA A 97 9.81 -9.57 -17.72
N ARG A 98 9.38 -8.88 -16.69
CA ARG A 98 10.26 -7.85 -16.06
C ARG A 98 11.61 -8.49 -15.70
N LEU A 99 11.59 -9.67 -15.15
CA LEU A 99 12.87 -10.34 -14.78
C LEU A 99 13.58 -10.81 -16.06
N GLN A 100 12.84 -11.39 -16.97
CA GLN A 100 13.48 -11.86 -18.24
C GLN A 100 14.26 -10.71 -18.86
N GLU A 101 13.89 -9.49 -18.57
CA GLU A 101 14.62 -8.33 -19.15
C GLU A 101 15.81 -7.98 -18.25
N SER A 102 15.66 -8.15 -16.96
CA SER A 102 16.78 -7.84 -16.04
C SER A 102 17.55 -9.12 -15.72
N ASN A 103 17.16 -9.84 -14.70
CA ASN A 103 17.87 -11.10 -14.35
C ASN A 103 16.85 -12.25 -14.29
N PRO A 104 17.19 -13.34 -14.93
CA PRO A 104 16.32 -14.54 -14.97
C PRO A 104 16.34 -15.28 -13.63
N GLU A 105 17.34 -15.05 -12.82
CA GLU A 105 17.41 -15.75 -11.51
C GLU A 105 16.30 -15.25 -10.59
N ARG A 106 15.58 -14.25 -10.99
CA ARG A 106 14.49 -13.72 -10.12
C ARG A 106 13.15 -14.35 -10.53
N VAL A 107 13.14 -15.11 -11.59
CA VAL A 107 11.87 -15.74 -12.05
C VAL A 107 11.45 -16.88 -11.11
N PRO A 108 12.39 -17.70 -10.69
CA PRO A 108 12.09 -18.84 -9.80
C PRO A 108 11.87 -18.37 -8.37
N VAL A 109 12.82 -17.69 -7.79
CA VAL A 109 12.65 -17.20 -6.40
C VAL A 109 11.38 -16.35 -6.31
N PHE A 110 11.14 -15.53 -7.29
CA PHE A 110 9.92 -14.67 -7.27
C PHE A 110 8.66 -15.53 -7.35
N GLU A 111 8.69 -16.59 -8.11
CA GLU A 111 7.48 -17.45 -8.25
C GLU A 111 7.16 -18.14 -6.91
N LYS A 112 8.13 -18.77 -6.30
CA LYS A 112 7.86 -19.48 -5.01
C LYS A 112 7.49 -18.47 -3.91
N ASN A 113 8.27 -17.44 -3.75
CA ASN A 113 7.95 -16.44 -2.69
C ASN A 113 6.56 -15.85 -2.91
N ALA A 114 6.25 -15.48 -4.13
CA ALA A 114 4.91 -14.89 -4.42
C ALA A 114 3.84 -15.96 -4.20
N ILE A 115 4.17 -17.20 -4.35
CA ILE A 115 3.17 -18.28 -4.16
C ILE A 115 2.76 -18.35 -2.68
N GLY A 116 3.71 -18.33 -1.79
CA GLY A 116 3.38 -18.40 -0.34
C GLY A 116 2.66 -17.12 0.10
N PHE A 117 3.20 -15.98 -0.21
CA PHE A 117 2.55 -14.71 0.20
C PHE A 117 1.13 -14.64 -0.36
N VAL A 118 0.94 -15.10 -1.57
CA VAL A 118 -0.42 -15.06 -2.18
C VAL A 118 -1.34 -16.04 -1.43
N LYS A 119 -0.82 -17.19 -1.07
CA LYS A 119 -1.67 -18.18 -0.35
C LYS A 119 -2.18 -17.55 0.94
N LYS A 120 -1.42 -16.68 1.54
CA LYS A 120 -1.87 -16.04 2.81
C LYS A 120 -2.49 -14.68 2.51
N ILE A 121 -2.36 -14.20 1.30
CA ILE A 121 -2.93 -12.88 0.95
C ILE A 121 -4.43 -13.04 0.63
N LEU A 122 -4.76 -13.91 -0.28
CA LEU A 122 -6.19 -14.11 -0.64
C LEU A 122 -7.04 -14.26 0.63
N ALA A 123 -6.58 -15.04 1.57
CA ALA A 123 -7.37 -15.23 2.83
C ALA A 123 -7.57 -13.88 3.53
N ASN A 124 -6.59 -13.02 3.48
CA ASN A 124 -6.73 -11.71 4.15
C ASN A 124 -7.07 -10.61 3.13
N PHE A 125 -7.90 -10.92 2.16
CA PHE A 125 -8.28 -9.89 1.15
C PHE A 125 -9.02 -8.74 1.84
N LYS A 126 -10.05 -9.05 2.58
CA LYS A 126 -10.79 -7.98 3.28
C LYS A 126 -10.03 -7.57 4.55
N ASP A 127 -9.00 -8.31 4.88
CA ASP A 127 -8.22 -7.99 6.10
C ASP A 127 -7.24 -6.85 5.79
N TYR A 128 -6.64 -6.85 4.64
CA TYR A 128 -5.68 -5.75 4.31
C TYR A 128 -6.27 -4.82 3.26
N ASP A 129 -7.37 -5.20 2.67
CA ASP A 129 -8.00 -4.33 1.63
C ASP A 129 -6.97 -3.95 0.58
N PHE A 130 -7.40 -3.29 -0.47
CA PHE A 130 -6.44 -2.88 -1.53
C PHE A 130 -6.35 -1.36 -1.58
N TYR A 131 -5.18 -0.81 -1.41
CA TYR A 131 -5.03 0.66 -1.43
C TYR A 131 -4.44 1.13 -2.76
N ILE A 132 -4.31 2.41 -2.93
CA ILE A 132 -3.74 2.95 -4.19
C ILE A 132 -2.86 4.17 -3.90
N GLY A 133 -1.84 4.39 -4.68
CA GLY A 133 -0.96 5.56 -4.44
C GLY A 133 -1.68 6.84 -4.85
N GLU A 134 -1.03 7.97 -4.72
CA GLU A 134 -1.69 9.25 -5.10
C GLU A 134 -1.85 9.32 -6.62
N SER A 135 -1.13 8.50 -7.34
CA SER A 135 -1.25 8.52 -8.83
C SER A 135 -2.69 8.16 -9.22
N MET A 136 -3.26 7.20 -8.56
CA MET A 136 -4.66 6.80 -8.90
C MET A 136 -4.68 6.00 -10.20
N ASP A 137 -3.82 5.01 -10.31
CA ASP A 137 -3.80 4.19 -11.55
C ASP A 137 -4.12 2.73 -11.21
N PRO A 138 -4.99 2.14 -11.99
CA PRO A 138 -5.40 0.74 -11.78
C PRO A 138 -4.30 -0.21 -12.25
N ASP A 139 -3.26 0.31 -12.83
CA ASP A 139 -2.14 -0.56 -13.30
C ASP A 139 -0.99 -0.49 -12.29
N ALA A 140 -1.11 0.33 -11.28
CA ALA A 140 -0.03 0.42 -10.27
C ALA A 140 -0.20 -0.67 -9.22
N MET A 141 0.87 -1.31 -8.83
CA MET A 141 0.77 -2.39 -7.82
C MET A 141 -0.17 -1.96 -6.69
N VAL A 142 -0.79 -2.90 -6.04
CA VAL A 142 -1.73 -2.54 -4.92
C VAL A 142 -1.01 -2.76 -3.58
N VAL A 143 -1.24 -1.89 -2.64
CA VAL A 143 -0.57 -2.05 -1.32
C VAL A 143 -1.58 -2.62 -0.31
N LEU A 144 -1.13 -3.53 0.51
CA LEU A 144 -2.05 -4.13 1.52
C LEU A 144 -1.71 -3.58 2.91
N MET A 145 -2.68 -3.42 3.75
CA MET A 145 -2.40 -2.89 5.12
C MET A 145 -2.66 -3.97 6.16
N ASN A 146 -1.69 -4.27 6.98
CA ASN A 146 -1.87 -5.32 8.01
C ASN A 146 -1.24 -4.87 9.34
N TYR A 147 -1.50 -5.57 10.40
CA TYR A 147 -0.92 -5.18 11.71
C TYR A 147 0.26 -6.09 12.05
N ARG A 148 1.26 -5.56 12.70
CA ARG A 148 2.44 -6.41 13.05
C ARG A 148 2.95 -6.00 14.44
N GLU A 149 4.10 -6.51 14.83
CA GLU A 149 4.65 -6.14 16.17
C GLU A 149 3.68 -6.61 17.27
N ASP A 150 2.82 -5.75 17.72
CA ASP A 150 1.86 -6.15 18.79
C ASP A 150 0.45 -6.19 18.22
N GLY A 151 0.21 -5.50 17.14
CA GLY A 151 -1.16 -5.49 16.54
C GLY A 151 -1.65 -4.05 16.43
N ILE A 152 -1.05 -3.15 17.16
CA ILE A 152 -1.48 -1.73 17.09
C ILE A 152 -0.58 -0.96 16.12
N THR A 153 0.27 -1.67 15.42
CA THR A 153 1.18 -0.98 14.46
C THR A 153 0.78 -1.35 13.02
N PRO A 154 0.10 -0.45 12.37
CA PRO A 154 -0.36 -0.65 10.98
C PRO A 154 0.79 -0.39 10.00
N TYR A 155 0.91 -1.19 8.98
CA TYR A 155 2.01 -0.99 8.00
C TYR A 155 1.53 -1.35 6.60
N MET A 156 2.18 -0.85 5.59
CA MET A 156 1.77 -1.16 4.19
C MET A 156 2.79 -2.12 3.57
N ILE A 157 2.38 -2.87 2.58
CA ILE A 157 3.33 -3.82 1.94
C ILE A 157 3.43 -3.53 0.44
N PHE A 158 4.63 -3.46 -0.07
CA PHE A 158 4.80 -3.19 -1.52
C PHE A 158 5.68 -4.28 -2.13
N PHE A 159 5.14 -5.07 -3.02
CA PHE A 159 5.94 -6.17 -3.64
C PHE A 159 7.26 -5.62 -4.16
N LYS A 160 8.36 -6.20 -3.75
CA LYS A 160 9.68 -5.71 -4.22
C LYS A 160 9.85 -6.00 -5.72
N ASP A 161 9.37 -7.14 -6.17
CA ASP A 161 9.51 -7.47 -7.61
C ASP A 161 9.18 -6.24 -8.47
N GLY A 162 8.16 -5.51 -8.09
CA GLY A 162 7.80 -4.29 -8.88
C GLY A 162 8.13 -3.05 -8.06
N LEU A 163 9.35 -2.94 -7.60
CA LEU A 163 9.73 -1.74 -6.79
C LEU A 163 11.25 -1.55 -6.85
N VAL A 164 11.69 -0.32 -6.90
CA VAL A 164 13.16 -0.07 -6.96
C VAL A 164 13.55 0.91 -5.86
N SER A 165 14.78 0.84 -5.41
CA SER A 165 15.23 1.78 -4.34
C SER A 165 16.13 2.85 -4.96
N GLU A 166 15.76 4.09 -4.83
CA GLU A 166 16.58 5.19 -5.41
C GLU A 166 17.14 6.08 -4.30
N LYS A 167 18.42 6.30 -4.29
CA LYS A 167 19.02 7.15 -3.22
C LYS A 167 18.35 8.52 -3.22
N PHE A 168 18.22 9.14 -2.08
CA PHE A 168 17.58 10.48 -2.01
C PHE A 168 16.23 10.43 -2.73
N MET A 1 17.50 10.08 4.10
CA MET A 1 16.50 8.97 4.01
C MET A 1 16.46 8.43 2.57
N LEU A 2 15.87 7.28 2.39
CA LEU A 2 15.80 6.71 1.01
C LEU A 2 14.38 6.87 0.48
N LEU A 3 14.19 6.71 -0.80
CA LEU A 3 12.83 6.84 -1.38
C LEU A 3 12.50 5.59 -2.21
N TYR A 4 11.37 5.00 -1.98
CA TYR A 4 10.99 3.79 -2.75
C TYR A 4 9.82 4.12 -3.66
N LYS A 5 10.06 4.18 -4.95
CA LYS A 5 8.95 4.51 -5.89
C LYS A 5 8.73 3.32 -6.84
N ASP A 6 7.61 3.29 -7.51
CA ASP A 6 7.33 2.16 -8.44
C ASP A 6 8.14 2.33 -9.73
N VAL A 7 8.47 1.25 -10.38
CA VAL A 7 9.25 1.34 -11.64
C VAL A 7 8.30 1.15 -12.83
N ILE A 8 7.07 0.84 -12.58
CA ILE A 8 6.09 0.65 -13.71
C ILE A 8 5.29 1.93 -13.90
N SER A 9 4.30 2.16 -13.08
CA SER A 9 3.48 3.39 -13.23
C SER A 9 3.06 3.89 -11.85
N GLY A 10 3.99 4.35 -11.06
CA GLY A 10 3.65 4.84 -9.70
C GLY A 10 4.29 6.22 -9.47
N ASP A 11 5.59 6.27 -9.42
CA ASP A 11 6.27 7.59 -9.19
C ASP A 11 6.09 8.01 -7.73
N GLU A 12 5.65 7.10 -6.90
CA GLU A 12 5.45 7.44 -5.46
C GLU A 12 4.72 6.29 -4.78
N LEU A 13 5.41 5.55 -3.96
CA LEU A 13 4.77 4.40 -3.26
C LEU A 13 5.04 4.48 -1.75
N VAL A 14 6.28 4.34 -1.38
CA VAL A 14 6.61 4.38 0.08
C VAL A 14 8.09 4.77 0.23
N SER A 15 8.54 5.04 1.43
CA SER A 15 9.98 5.42 1.59
C SER A 15 10.45 5.10 3.02
N ASP A 16 11.68 5.45 3.32
CA ASP A 16 12.22 5.17 4.68
C ASP A 16 11.77 6.25 5.67
N ALA A 17 10.85 7.08 5.28
CA ALA A 17 10.37 8.15 6.22
C ALA A 17 9.65 7.49 7.39
N TYR A 18 9.38 6.22 7.30
CA TYR A 18 8.68 5.51 8.40
C TYR A 18 9.49 4.27 8.80
N ASP A 19 10.75 4.26 8.50
CA ASP A 19 11.60 3.08 8.85
C ASP A 19 11.11 1.89 8.02
N LEU A 20 12.01 1.20 7.38
CA LEU A 20 11.59 0.04 6.55
C LEU A 20 12.36 -1.22 6.94
N LYS A 21 11.74 -2.36 6.82
CA LYS A 21 12.42 -3.64 7.17
C LYS A 21 12.39 -4.56 5.95
N GLU A 22 13.50 -5.16 5.62
CA GLU A 22 13.52 -6.07 4.44
C GLU A 22 13.33 -7.51 4.93
N VAL A 23 12.33 -8.19 4.44
CA VAL A 23 12.11 -9.60 4.88
C VAL A 23 12.74 -10.55 3.86
N ASP A 24 13.03 -11.75 4.25
CA ASP A 24 13.64 -12.72 3.30
C ASP A 24 12.66 -13.02 2.17
N ASP A 25 11.43 -12.58 2.30
CA ASP A 25 10.43 -12.85 1.24
C ASP A 25 10.66 -11.89 0.07
N ILE A 26 11.66 -11.05 0.15
CA ILE A 26 11.95 -10.06 -0.93
C ILE A 26 10.93 -8.94 -0.87
N VAL A 27 10.38 -8.70 0.29
CA VAL A 27 9.36 -7.63 0.41
C VAL A 27 9.83 -6.56 1.41
N TYR A 28 9.32 -5.37 1.29
CA TYR A 28 9.72 -4.29 2.23
C TYR A 28 8.56 -4.00 3.19
N GLU A 29 8.85 -3.45 4.33
CA GLU A 29 7.75 -3.15 5.30
C GLU A 29 7.88 -1.70 5.78
N ALA A 30 6.90 -0.89 5.50
CA ALA A 30 6.97 0.53 5.95
C ALA A 30 5.94 0.77 7.05
N ASP A 31 6.40 1.06 8.25
CA ASP A 31 5.45 1.29 9.36
C ASP A 31 4.49 2.43 9.01
N CYS A 32 3.26 2.32 9.40
CA CYS A 32 2.28 3.41 9.09
C CYS A 32 2.05 4.26 10.34
N GLN A 33 1.31 5.33 10.21
CA GLN A 33 1.05 6.20 11.39
C GLN A 33 -0.41 6.64 11.39
N MET A 34 -0.96 6.89 12.55
CA MET A 34 -2.38 7.32 12.63
C MET A 34 -2.45 8.75 13.16
N VAL A 35 -3.19 9.60 12.50
CA VAL A 35 -3.29 11.02 12.97
C VAL A 35 -4.75 11.48 12.89
N THR A 36 -5.27 12.05 13.94
CA THR A 36 -6.68 12.52 13.90
C THR A 36 -6.77 13.83 13.12
N VAL A 37 -7.40 13.80 11.97
CA VAL A 37 -7.50 15.05 11.16
C VAL A 37 -8.98 15.29 10.81
N LYS A 38 -9.31 16.49 10.40
CA LYS A 38 -10.73 16.79 10.05
C LYS A 38 -11.01 16.35 8.61
N GLN A 39 -11.48 15.15 8.42
CA GLN A 39 -11.77 14.67 7.05
C GLN A 39 -13.24 14.24 6.96
N GLY A 40 -13.80 14.27 5.78
CA GLY A 40 -15.22 13.87 5.63
C GLY A 40 -15.70 14.20 4.21
N GLY A 41 -15.38 13.36 3.25
CA GLY A 41 -15.81 13.64 1.86
C GLY A 41 -16.44 12.37 1.25
N ASP A 42 -15.95 11.22 1.63
CA ASP A 42 -16.52 9.97 1.06
C ASP A 42 -17.74 9.54 1.88
N VAL A 43 -18.27 10.42 2.68
CA VAL A 43 -19.47 10.06 3.49
C VAL A 43 -20.73 10.49 2.76
N ASP A 44 -20.61 11.36 1.80
CA ASP A 44 -21.81 11.82 1.04
C ASP A 44 -22.95 12.09 2.01
N ILE A 45 -22.94 13.23 2.65
CA ILE A 45 -24.03 13.56 3.60
C ILE A 45 -23.89 15.00 4.08
N GLY A 46 -24.06 15.96 3.20
CA GLY A 46 -23.91 17.38 3.61
C GLY A 46 -24.68 17.61 4.91
N ALA A 47 -24.06 18.22 5.88
CA ALA A 47 -24.75 18.48 7.17
C ALA A 47 -25.32 19.90 7.18
N ASN A 48 -24.84 20.75 6.32
CA ASN A 48 -25.36 22.15 6.28
C ASN A 48 -25.51 22.60 4.82
N PRO A 49 -26.68 22.40 4.28
CA PRO A 49 -26.99 22.78 2.90
C PRO A 49 -27.23 24.29 2.79
N SER A 50 -27.01 24.86 1.63
CA SER A 50 -27.21 26.32 1.47
C SER A 50 -26.33 27.07 2.47
N ALA A 51 -25.20 26.52 2.79
CA ALA A 51 -24.28 27.19 3.76
C ALA A 51 -22.88 26.61 3.62
N GLU A 52 -22.28 26.74 2.47
CA GLU A 52 -20.91 26.18 2.28
C GLU A 52 -20.10 27.11 1.38
N ASP A 53 -18.81 27.04 1.45
CA ASP A 53 -17.96 27.93 0.60
C ASP A 53 -16.65 27.21 0.27
N ALA A 54 -16.61 26.52 -0.83
CA ALA A 54 -15.35 25.79 -1.20
C ALA A 54 -15.14 24.62 -0.24
N GLU A 55 -13.99 24.02 -0.26
CA GLU A 55 -13.73 22.87 0.65
C GLU A 55 -14.83 21.81 0.47
N GLU A 56 -14.81 20.77 1.26
CA GLU A 56 -15.85 19.72 1.13
C GLU A 56 -16.98 19.97 2.13
N ASN A 57 -16.89 21.05 2.88
CA ASN A 57 -17.96 21.34 3.87
C ASN A 57 -18.04 20.20 4.89
N ALA A 58 -19.04 20.21 5.72
CA ALA A 58 -19.19 19.13 6.73
C ALA A 58 -17.99 19.17 7.69
N GLU A 59 -18.23 19.57 8.92
CA GLU A 59 -17.12 19.64 9.91
C GLU A 59 -17.61 19.13 11.26
N GLU A 60 -17.96 17.88 11.34
CA GLU A 60 -18.45 17.31 12.63
C GLU A 60 -18.27 15.79 12.63
N GLY A 61 -17.06 15.32 12.46
CA GLY A 61 -16.84 13.85 12.45
C GLY A 61 -15.34 13.56 12.53
N THR A 62 -14.61 13.88 11.49
CA THR A 62 -13.14 13.63 11.50
C THR A 62 -12.88 12.13 11.70
N GLU A 63 -11.84 11.62 11.08
CA GLU A 63 -11.54 10.18 11.24
C GLU A 63 -10.03 9.96 11.18
N THR A 64 -9.52 9.03 11.93
CA THR A 64 -8.04 8.78 11.92
C THR A 64 -7.61 8.47 10.48
N VAL A 65 -6.51 9.04 10.05
CA VAL A 65 -6.03 8.78 8.67
C VAL A 65 -4.60 8.28 8.70
N ASN A 66 -4.23 7.44 7.78
CA ASN A 66 -2.83 6.91 7.76
C ASN A 66 -1.87 8.04 7.37
N ASN A 67 -0.65 7.96 7.80
CA ASN A 67 0.34 9.03 7.46
C ASN A 67 1.06 8.65 6.16
N LEU A 68 1.17 7.38 5.87
CA LEU A 68 1.86 6.97 4.62
C LEU A 68 0.92 7.20 3.46
N VAL A 69 -0.33 6.86 3.63
CA VAL A 69 -1.31 7.07 2.54
C VAL A 69 -1.62 8.56 2.41
N TYR A 70 -1.63 9.26 3.51
CA TYR A 70 -1.94 10.72 3.46
C TYR A 70 -0.87 11.47 2.66
N SER A 71 0.38 11.22 2.94
CA SER A 71 1.47 11.93 2.20
C SER A 71 1.60 11.36 0.79
N PHE A 72 1.51 10.08 0.64
CA PHE A 72 1.66 9.47 -0.72
C PHE A 72 0.30 9.48 -1.45
N ARG A 73 -0.70 10.06 -0.84
CA ARG A 73 -2.04 10.11 -1.49
C ARG A 73 -2.49 8.72 -1.92
N LEU A 74 -2.17 7.70 -1.17
CA LEU A 74 -2.60 6.33 -1.55
C LEU A 74 -4.13 6.31 -1.68
N SER A 75 -4.68 5.28 -2.25
CA SER A 75 -6.16 5.22 -2.39
C SER A 75 -6.68 3.88 -1.87
N PRO A 76 -7.50 3.93 -0.84
CA PRO A 76 -8.07 2.72 -0.24
C PRO A 76 -9.26 2.21 -1.06
N THR A 77 -9.20 0.98 -1.50
CA THR A 77 -10.33 0.43 -2.31
C THR A 77 -11.14 -0.54 -1.46
N SER A 78 -12.44 -0.37 -1.40
CA SER A 78 -13.28 -1.28 -0.57
C SER A 78 -13.95 -2.32 -1.48
N PHE A 79 -13.68 -2.29 -2.75
CA PHE A 79 -14.30 -3.28 -3.67
C PHE A 79 -13.22 -4.09 -4.37
N ASP A 80 -13.27 -5.39 -4.27
CA ASP A 80 -12.23 -6.23 -4.92
C ASP A 80 -12.49 -7.71 -4.62
N LYS A 81 -13.73 -8.09 -4.45
CA LYS A 81 -14.05 -9.51 -4.15
C LYS A 81 -13.60 -10.39 -5.33
N LYS A 82 -13.94 -9.99 -6.53
CA LYS A 82 -13.53 -10.79 -7.72
C LYS A 82 -12.55 -9.99 -8.56
N SER A 83 -12.55 -8.69 -8.43
CA SER A 83 -11.61 -7.85 -9.22
C SER A 83 -10.19 -8.02 -8.67
N TYR A 84 -10.05 -8.23 -7.40
CA TYR A 84 -8.69 -8.40 -6.80
C TYR A 84 -8.00 -9.60 -7.44
N MET A 85 -8.69 -10.70 -7.61
CA MET A 85 -8.06 -11.90 -8.21
C MET A 85 -7.56 -11.59 -9.63
N SER A 86 -8.39 -11.03 -10.45
CA SER A 86 -7.96 -10.71 -11.85
C SER A 86 -6.77 -9.75 -11.82
N TYR A 87 -6.76 -8.83 -10.90
CA TYR A 87 -5.63 -7.86 -10.84
C TYR A 87 -4.38 -8.54 -10.27
N ILE A 88 -4.57 -9.60 -9.52
CA ILE A 88 -3.41 -10.31 -8.93
C ILE A 88 -2.72 -11.13 -10.04
N LYS A 89 -3.47 -11.56 -11.01
CA LYS A 89 -2.86 -12.36 -12.11
C LYS A 89 -2.24 -11.42 -13.13
N GLY A 90 -2.86 -10.29 -13.38
CA GLY A 90 -2.29 -9.33 -14.37
C GLY A 90 -0.99 -8.74 -13.84
N TYR A 91 -0.88 -8.59 -12.53
CA TYR A 91 0.36 -8.03 -11.96
C TYR A 91 1.43 -9.12 -11.88
N MET A 92 1.04 -10.31 -11.53
CA MET A 92 2.03 -11.41 -11.43
C MET A 92 2.65 -11.65 -12.82
N LYS A 93 1.83 -11.74 -13.83
CA LYS A 93 2.36 -11.96 -15.20
C LYS A 93 3.21 -10.76 -15.62
N ALA A 94 2.80 -9.57 -15.28
CA ALA A 94 3.58 -8.37 -15.65
C ALA A 94 5.02 -8.54 -15.14
N ILE A 95 5.19 -8.93 -13.91
CA ILE A 95 6.57 -9.11 -13.37
C ILE A 95 7.24 -10.27 -14.10
N LYS A 96 6.50 -11.26 -14.51
CA LYS A 96 7.12 -12.39 -15.24
C LYS A 96 7.85 -11.85 -16.47
N ALA A 97 7.28 -10.85 -17.09
CA ALA A 97 7.91 -10.26 -18.30
C ALA A 97 9.14 -9.43 -17.90
N ARG A 98 9.00 -8.55 -16.94
CA ARG A 98 10.16 -7.72 -16.53
C ARG A 98 11.35 -8.62 -16.17
N LEU A 99 11.10 -9.77 -15.61
CA LEU A 99 12.21 -10.70 -15.26
C LEU A 99 12.74 -11.33 -16.53
N GLN A 100 11.89 -11.60 -17.48
CA GLN A 100 12.35 -12.23 -18.75
C GLN A 100 13.20 -11.22 -19.52
N GLU A 101 13.04 -9.95 -19.24
CA GLU A 101 13.84 -8.92 -19.96
C GLU A 101 15.18 -8.71 -19.27
N SER A 102 15.21 -8.68 -17.96
CA SER A 102 16.50 -8.47 -17.25
C SER A 102 16.52 -9.26 -15.94
N ASN A 103 16.14 -10.51 -15.98
CA ASN A 103 16.15 -11.34 -14.75
C ASN A 103 15.54 -12.71 -15.04
N PRO A 104 16.28 -13.52 -15.75
CA PRO A 104 15.85 -14.88 -16.14
C PRO A 104 15.92 -15.83 -14.94
N GLU A 105 16.97 -15.76 -14.17
CA GLU A 105 17.10 -16.65 -12.99
C GLU A 105 16.13 -16.23 -11.90
N ARG A 106 15.55 -15.06 -12.01
CA ARG A 106 14.59 -14.58 -10.97
C ARG A 106 13.16 -14.96 -11.38
N VAL A 107 12.98 -15.46 -12.57
CA VAL A 107 11.61 -15.82 -13.02
C VAL A 107 11.06 -17.02 -12.22
N PRO A 108 11.88 -18.03 -12.00
CA PRO A 108 11.46 -19.23 -11.25
C PRO A 108 11.41 -18.95 -9.75
N VAL A 109 12.49 -18.49 -9.18
CA VAL A 109 12.49 -18.22 -7.72
C VAL A 109 11.42 -17.17 -7.38
N PHE A 110 11.19 -16.24 -8.27
CA PHE A 110 10.16 -15.20 -8.00
C PHE A 110 8.76 -15.82 -8.00
N GLU A 111 8.48 -16.68 -8.96
CA GLU A 111 7.14 -17.30 -9.02
C GLU A 111 6.94 -18.24 -7.82
N LYS A 112 8.01 -18.84 -7.34
CA LYS A 112 7.88 -19.76 -6.18
C LYS A 112 7.59 -18.99 -4.89
N ASN A 113 8.35 -17.96 -4.62
CA ASN A 113 8.14 -17.19 -3.37
C ASN A 113 6.82 -16.41 -3.44
N ALA A 114 6.61 -15.67 -4.50
CA ALA A 114 5.34 -14.88 -4.61
C ALA A 114 4.14 -15.82 -4.45
N ILE A 115 4.28 -17.06 -4.77
CA ILE A 115 3.14 -18.01 -4.64
C ILE A 115 2.83 -18.22 -3.15
N GLY A 116 3.83 -18.31 -2.33
CA GLY A 116 3.59 -18.53 -0.87
C GLY A 116 2.92 -17.29 -0.27
N PHE A 117 3.46 -16.13 -0.53
CA PHE A 117 2.85 -14.89 0.03
C PHE A 117 1.41 -14.75 -0.48
N VAL A 118 1.14 -15.25 -1.66
CA VAL A 118 -0.24 -15.14 -2.21
C VAL A 118 -1.21 -15.93 -1.33
N LYS A 119 -0.81 -17.09 -0.88
CA LYS A 119 -1.71 -17.91 -0.01
C LYS A 119 -1.88 -17.23 1.34
N LYS A 120 -0.84 -16.62 1.86
CA LYS A 120 -0.96 -15.95 3.19
C LYS A 120 -1.99 -14.82 3.11
N ILE A 121 -1.77 -13.86 2.25
CA ILE A 121 -2.75 -12.73 2.14
C ILE A 121 -4.14 -13.27 1.82
N LEU A 122 -4.24 -14.15 0.86
CA LEU A 122 -5.58 -14.71 0.50
C LEU A 122 -6.31 -15.13 1.78
N ALA A 123 -5.60 -15.62 2.76
CA ALA A 123 -6.27 -16.06 4.02
C ALA A 123 -7.27 -14.99 4.47
N ASN A 124 -6.87 -13.76 4.51
CA ASN A 124 -7.80 -12.68 4.94
C ASN A 124 -7.58 -11.44 4.08
N PHE A 125 -7.72 -11.56 2.79
CA PHE A 125 -7.53 -10.39 1.89
C PHE A 125 -8.45 -9.25 2.32
N LYS A 126 -9.49 -9.57 3.05
CA LYS A 126 -10.43 -8.51 3.51
C LYS A 126 -9.77 -7.65 4.58
N ASP A 127 -9.13 -8.26 5.54
CA ASP A 127 -8.47 -7.49 6.62
C ASP A 127 -7.21 -6.81 6.07
N TYR A 128 -6.61 -7.37 5.05
CA TYR A 128 -5.38 -6.76 4.48
C TYR A 128 -5.76 -5.56 3.61
N ASP A 129 -6.96 -5.56 3.09
CA ASP A 129 -7.39 -4.42 2.23
C ASP A 129 -6.46 -4.32 1.01
N PHE A 130 -6.81 -3.50 0.06
CA PHE A 130 -5.94 -3.34 -1.14
C PHE A 130 -5.77 -1.85 -1.43
N TYR A 131 -4.56 -1.37 -1.45
CA TYR A 131 -4.35 0.07 -1.72
C TYR A 131 -3.92 0.29 -3.17
N ILE A 132 -3.95 1.51 -3.62
CA ILE A 132 -3.55 1.81 -5.02
C ILE A 132 -3.01 3.24 -5.11
N GLY A 133 -1.91 3.43 -5.79
CA GLY A 133 -1.33 4.79 -5.91
C GLY A 133 -2.40 5.75 -6.43
N GLU A 134 -2.10 7.02 -6.48
CA GLU A 134 -3.11 8.02 -6.96
C GLU A 134 -3.37 7.77 -8.45
N SER A 135 -2.44 7.17 -9.14
CA SER A 135 -2.65 6.91 -10.59
C SER A 135 -3.90 6.04 -10.77
N MET A 136 -4.14 5.13 -9.86
CA MET A 136 -5.33 4.25 -9.97
C MET A 136 -5.13 3.24 -11.10
N ASP A 137 -4.04 2.53 -11.08
CA ASP A 137 -3.78 1.53 -12.15
C ASP A 137 -3.40 0.18 -11.52
N PRO A 138 -4.00 -0.88 -12.02
CA PRO A 138 -3.74 -2.24 -11.51
C PRO A 138 -2.39 -2.75 -12.01
N ASP A 139 -1.69 -1.94 -12.77
CA ASP A 139 -0.36 -2.37 -13.27
C ASP A 139 0.73 -1.67 -12.46
N ALA A 140 0.35 -0.98 -11.41
CA ALA A 140 1.36 -0.28 -10.57
C ALA A 140 1.57 -1.03 -9.26
N MET A 141 1.16 -2.27 -9.19
CA MET A 141 1.36 -3.04 -7.93
C MET A 141 0.35 -2.58 -6.87
N VAL A 142 -0.06 -3.48 -6.02
CA VAL A 142 -1.03 -3.10 -4.94
C VAL A 142 -0.35 -3.24 -3.58
N VAL A 143 -0.58 -2.31 -2.69
CA VAL A 143 0.06 -2.40 -1.35
C VAL A 143 -0.97 -2.83 -0.30
N LEU A 144 -0.71 -3.88 0.43
CA LEU A 144 -1.67 -4.34 1.46
C LEU A 144 -1.14 -3.97 2.84
N MET A 145 -2.00 -3.72 3.79
CA MET A 145 -1.53 -3.35 5.15
C MET A 145 -2.50 -3.91 6.20
N ASN A 146 -2.00 -4.27 7.35
CA ASN A 146 -2.89 -4.80 8.41
C ASN A 146 -2.22 -4.60 9.78
N TYR A 147 -2.98 -4.67 10.84
CA TYR A 147 -2.39 -4.47 12.19
C TYR A 147 -1.40 -5.60 12.48
N ARG A 148 -0.29 -5.30 13.08
CA ARG A 148 0.71 -6.36 13.38
C ARG A 148 0.17 -7.27 14.50
N GLU A 149 0.99 -8.14 15.02
CA GLU A 149 0.52 -9.05 16.09
C GLU A 149 0.19 -8.24 17.36
N ASP A 150 0.83 -7.12 17.53
CA ASP A 150 0.54 -6.29 18.73
C ASP A 150 -0.80 -5.57 18.55
N GLY A 151 -1.31 -5.53 17.35
CA GLY A 151 -2.61 -4.84 17.12
C GLY A 151 -2.51 -3.39 17.60
N ILE A 152 -1.32 -2.87 17.69
CA ILE A 152 -1.15 -1.47 18.15
C ILE A 152 -0.71 -0.57 16.99
N THR A 153 -0.01 -1.13 16.03
CA THR A 153 0.45 -0.30 14.88
C THR A 153 0.28 -1.09 13.57
N PRO A 154 -0.26 -0.43 12.58
CA PRO A 154 -0.49 -1.04 11.25
C PRO A 154 0.80 -1.04 10.43
N TYR A 155 0.96 -1.97 9.54
CA TYR A 155 2.19 -2.01 8.70
C TYR A 155 1.84 -2.51 7.30
N MET A 156 2.33 -1.85 6.28
CA MET A 156 2.03 -2.29 4.89
C MET A 156 3.26 -2.96 4.28
N ILE A 157 3.08 -3.82 3.32
CA ILE A 157 4.25 -4.51 2.70
C ILE A 157 4.33 -4.13 1.22
N PHE A 158 5.51 -4.21 0.65
CA PHE A 158 5.67 -3.88 -0.79
C PHE A 158 6.51 -4.98 -1.45
N PHE A 159 6.51 -5.04 -2.76
CA PHE A 159 7.30 -6.09 -3.45
C PHE A 159 8.52 -5.45 -4.12
N LYS A 160 9.70 -5.87 -3.77
CA LYS A 160 10.92 -5.27 -4.38
C LYS A 160 10.90 -5.48 -5.90
N ASP A 161 10.33 -6.55 -6.36
CA ASP A 161 10.28 -6.80 -7.83
C ASP A 161 9.89 -5.51 -8.55
N GLY A 162 9.13 -4.66 -7.91
CA GLY A 162 8.72 -3.39 -8.56
C GLY A 162 8.99 -2.21 -7.63
N LEU A 163 10.21 -2.03 -7.24
CA LEU A 163 10.54 -0.88 -6.33
C LEU A 163 12.00 -0.48 -6.52
N VAL A 164 12.28 0.79 -6.56
CA VAL A 164 13.69 1.25 -6.76
C VAL A 164 14.14 2.07 -5.55
N SER A 165 15.28 1.76 -5.00
CA SER A 165 15.78 2.53 -3.82
C SER A 165 16.53 3.77 -4.31
N GLU A 166 16.15 4.94 -3.85
CA GLU A 166 16.84 6.17 -4.29
C GLU A 166 17.61 6.79 -3.12
N LYS A 167 18.77 7.33 -3.38
CA LYS A 167 19.57 7.96 -2.29
C LYS A 167 19.42 9.48 -2.37
N PHE A 168 19.04 10.12 -1.30
CA PHE A 168 18.87 11.60 -1.33
C PHE A 168 20.06 12.24 -2.06
N MET A 1 16.70 11.48 2.17
CA MET A 1 16.23 10.13 2.59
C MET A 1 15.90 9.31 1.34
N LEU A 2 16.06 8.01 1.41
CA LEU A 2 15.78 7.16 0.23
C LEU A 2 14.27 7.14 -0.05
N LEU A 3 13.91 7.12 -1.30
CA LEU A 3 12.46 7.09 -1.65
C LEU A 3 12.12 5.79 -2.35
N TYR A 4 11.11 5.10 -1.89
CA TYR A 4 10.72 3.81 -2.52
C TYR A 4 9.47 4.01 -3.36
N LYS A 5 9.47 3.53 -4.58
CA LYS A 5 8.29 3.70 -5.46
C LYS A 5 8.15 2.49 -6.38
N ASP A 6 7.00 2.33 -6.99
CA ASP A 6 6.80 1.17 -7.90
C ASP A 6 7.27 1.55 -9.31
N VAL A 7 7.80 0.61 -10.05
CA VAL A 7 8.26 0.92 -11.43
C VAL A 7 7.14 0.67 -12.43
N ILE A 8 6.09 0.01 -12.00
CA ILE A 8 4.96 -0.26 -12.94
C ILE A 8 4.48 1.05 -13.57
N SER A 9 3.87 1.90 -12.79
CA SER A 9 3.38 3.19 -13.34
C SER A 9 4.37 4.30 -12.99
N GLY A 10 4.73 4.42 -11.75
CA GLY A 10 5.71 5.49 -11.36
C GLY A 10 5.05 6.43 -10.36
N ASP A 11 5.25 6.21 -9.09
CA ASP A 11 4.64 7.10 -8.06
C ASP A 11 5.20 6.77 -6.69
N GLU A 12 5.22 7.72 -5.79
CA GLU A 12 5.76 7.46 -4.43
C GLU A 12 4.79 6.54 -3.68
N LEU A 13 5.24 5.39 -3.29
CA LEU A 13 4.35 4.45 -2.55
C LEU A 13 4.85 4.31 -1.11
N VAL A 14 6.14 4.21 -0.93
CA VAL A 14 6.69 4.07 0.46
C VAL A 14 8.11 4.63 0.47
N SER A 15 8.69 4.80 1.62
CA SER A 15 10.07 5.34 1.67
C SER A 15 10.79 4.87 2.94
N ASP A 16 12.03 5.24 3.09
CA ASP A 16 12.80 4.81 4.30
C ASP A 16 12.50 5.75 5.46
N ALA A 17 11.57 6.65 5.29
CA ALA A 17 11.25 7.59 6.41
C ALA A 17 10.57 6.81 7.54
N TYR A 18 10.24 5.57 7.31
CA TYR A 18 9.59 4.76 8.38
C TYR A 18 10.36 3.47 8.60
N ASP A 19 11.60 3.43 8.16
CA ASP A 19 12.40 2.18 8.34
C ASP A 19 11.72 1.06 7.57
N LEU A 20 12.39 0.48 6.62
CA LEU A 20 11.76 -0.61 5.82
C LEU A 20 12.42 -1.95 6.13
N LYS A 21 11.64 -2.98 6.25
CA LYS A 21 12.21 -4.32 6.55
C LYS A 21 11.86 -5.29 5.41
N GLU A 22 12.81 -6.09 4.98
CA GLU A 22 12.52 -7.05 3.89
C GLU A 22 12.27 -8.43 4.50
N VAL A 23 11.08 -8.96 4.34
CA VAL A 23 10.77 -10.30 4.90
C VAL A 23 11.51 -11.37 4.10
N ASP A 24 11.71 -12.54 4.68
CA ASP A 24 12.43 -13.63 3.96
C ASP A 24 12.01 -13.64 2.50
N ASP A 25 10.75 -13.43 2.22
CA ASP A 25 10.28 -13.41 0.81
C ASP A 25 10.87 -12.19 0.11
N ILE A 26 10.14 -11.57 -0.77
CA ILE A 26 10.67 -10.37 -1.48
C ILE A 26 9.69 -9.20 -1.31
N VAL A 27 9.47 -8.78 -0.09
CA VAL A 27 8.53 -7.65 0.14
C VAL A 27 9.11 -6.70 1.18
N TYR A 28 8.77 -5.44 1.11
CA TYR A 28 9.30 -4.47 2.10
C TYR A 28 8.20 -4.11 3.11
N GLU A 29 8.58 -3.65 4.27
CA GLU A 29 7.56 -3.28 5.30
C GLU A 29 7.77 -1.82 5.70
N ALA A 30 6.81 -0.97 5.45
CA ALA A 30 6.96 0.46 5.83
C ALA A 30 5.96 0.79 6.93
N ASP A 31 6.45 1.13 8.10
CA ASP A 31 5.52 1.46 9.22
C ASP A 31 4.84 2.81 8.97
N CYS A 32 3.64 2.98 9.46
CA CYS A 32 2.92 4.27 9.26
C CYS A 32 2.11 4.59 10.52
N GLN A 33 1.77 5.83 10.72
CA GLN A 33 0.99 6.20 11.93
C GLN A 33 -0.45 6.51 11.52
N MET A 34 -1.37 6.43 12.45
CA MET A 34 -2.79 6.72 12.12
C MET A 34 -3.20 8.05 12.75
N VAL A 35 -3.64 8.99 11.95
CA VAL A 35 -4.04 10.31 12.50
C VAL A 35 -5.52 10.57 12.18
N THR A 36 -6.14 11.46 12.91
CA THR A 36 -7.58 11.75 12.65
C THR A 36 -7.71 13.07 11.87
N VAL A 37 -8.58 13.10 10.90
CA VAL A 37 -8.76 14.35 10.10
C VAL A 37 -10.23 14.77 10.14
N LYS A 38 -10.49 16.05 10.22
CA LYS A 38 -11.90 16.52 10.26
C LYS A 38 -12.27 17.11 8.90
N GLN A 39 -13.08 16.41 8.14
CA GLN A 39 -13.47 16.93 6.80
C GLN A 39 -14.45 18.10 6.99
N GLY A 40 -14.60 18.92 5.98
CA GLY A 40 -15.53 20.08 6.10
C GLY A 40 -16.59 20.00 5.01
N GLY A 41 -17.53 19.11 5.14
CA GLY A 41 -18.59 18.98 4.10
C GLY A 41 -19.18 20.37 3.79
N ASP A 42 -20.11 20.44 2.89
CA ASP A 42 -20.72 21.76 2.54
C ASP A 42 -21.83 22.09 3.54
N VAL A 43 -22.25 21.13 4.32
CA VAL A 43 -23.33 21.40 5.31
C VAL A 43 -22.79 21.18 6.72
N ASP A 44 -22.46 19.97 7.05
CA ASP A 44 -21.93 19.68 8.42
C ASP A 44 -22.99 20.07 9.46
N ILE A 45 -22.84 21.22 10.09
CA ILE A 45 -23.84 21.64 11.12
C ILE A 45 -23.40 22.98 11.72
N GLY A 46 -22.96 23.90 10.90
CA GLY A 46 -22.53 25.22 11.44
C GLY A 46 -23.63 25.79 12.34
N ALA A 47 -24.41 26.69 11.83
CA ALA A 47 -25.49 27.29 12.66
C ALA A 47 -24.88 27.95 13.90
N ASN A 48 -24.75 27.22 14.97
CA ASN A 48 -24.15 27.81 16.20
C ASN A 48 -22.79 27.17 16.45
N PRO A 49 -21.89 27.95 17.00
CA PRO A 49 -20.52 27.50 17.30
C PRO A 49 -20.50 26.66 18.59
N SER A 50 -21.64 26.52 19.22
CA SER A 50 -21.68 25.72 20.47
C SER A 50 -22.82 24.69 20.38
N ALA A 51 -23.25 24.16 21.49
CA ALA A 51 -24.35 23.16 21.47
C ALA A 51 -23.90 21.93 20.68
N GLU A 52 -24.74 21.40 19.84
CA GLU A 52 -24.35 20.19 19.05
C GLU A 52 -22.91 20.34 18.54
N ASP A 53 -21.97 19.80 19.26
CA ASP A 53 -20.55 19.91 18.81
C ASP A 53 -19.98 18.51 18.58
N ALA A 54 -20.52 17.52 19.25
CA ALA A 54 -20.02 16.12 19.06
C ALA A 54 -18.49 16.10 19.23
N GLU A 55 -17.76 16.29 18.17
CA GLU A 55 -16.27 16.28 18.24
C GLU A 55 -15.76 14.84 18.18
N GLU A 56 -16.30 13.97 18.99
CA GLU A 56 -15.84 12.55 18.96
C GLU A 56 -16.94 11.66 18.37
N ASN A 57 -16.71 10.38 18.33
CA ASN A 57 -17.73 9.45 17.77
C ASN A 57 -17.99 9.79 16.30
N ALA A 58 -17.49 9.00 15.40
CA ALA A 58 -17.71 9.28 13.95
C ALA A 58 -19.20 9.52 13.71
N GLU A 59 -19.53 10.61 13.05
CA GLU A 59 -20.97 10.89 12.79
C GLU A 59 -21.09 11.82 11.58
N GLU A 60 -20.16 11.73 10.66
CA GLU A 60 -20.23 12.60 9.46
C GLU A 60 -19.15 12.18 8.47
N GLY A 61 -17.98 12.74 8.56
CA GLY A 61 -16.88 12.36 7.61
C GLY A 61 -15.57 12.23 8.36
N THR A 62 -15.60 11.80 9.60
CA THR A 62 -14.33 11.66 10.37
C THR A 62 -13.72 10.29 10.08
N GLU A 63 -12.51 10.27 9.61
CA GLU A 63 -11.86 8.96 9.30
C GLU A 63 -10.35 9.07 9.56
N THR A 64 -9.71 7.98 9.90
CA THR A 64 -8.25 8.03 10.17
C THR A 64 -7.47 7.81 8.87
N VAL A 65 -6.51 8.64 8.59
CA VAL A 65 -5.71 8.49 7.33
C VAL A 65 -4.25 8.19 7.68
N ASN A 66 -3.65 7.23 7.02
CA ASN A 66 -2.23 6.89 7.31
C ASN A 66 -1.33 8.03 6.82
N ASN A 67 -0.38 8.43 7.63
CA ASN A 67 0.53 9.53 7.21
C ASN A 67 1.21 9.17 5.89
N LEU A 68 1.32 7.90 5.59
CA LEU A 68 1.97 7.49 4.31
C LEU A 68 0.96 7.60 3.18
N VAL A 69 -0.28 7.31 3.46
CA VAL A 69 -1.34 7.39 2.41
C VAL A 69 -1.53 8.83 1.97
N TYR A 70 -1.80 9.71 2.90
CA TYR A 70 -2.01 11.15 2.52
C TYR A 70 -0.70 11.75 2.00
N SER A 71 0.39 11.48 2.65
CA SER A 71 1.70 12.04 2.19
C SER A 71 1.95 11.66 0.72
N PHE A 72 1.74 10.43 0.37
CA PHE A 72 1.98 10.01 -1.05
C PHE A 72 0.65 9.95 -1.80
N ARG A 73 -0.37 10.59 -1.29
CA ARG A 73 -1.68 10.56 -1.98
C ARG A 73 -2.04 9.12 -2.33
N LEU A 74 -2.73 8.44 -1.44
CA LEU A 74 -3.12 7.04 -1.70
C LEU A 74 -4.65 6.94 -1.72
N SER A 75 -5.19 6.12 -2.59
CA SER A 75 -6.67 5.99 -2.65
C SER A 75 -7.08 4.53 -2.39
N PRO A 76 -8.17 4.37 -1.70
CA PRO A 76 -8.71 3.03 -1.37
C PRO A 76 -9.45 2.44 -2.57
N THR A 77 -9.30 1.17 -2.81
CA THR A 77 -10.01 0.54 -3.95
C THR A 77 -10.89 -0.61 -3.44
N SER A 78 -12.10 -0.70 -3.91
CA SER A 78 -13.00 -1.79 -3.43
C SER A 78 -13.32 -2.74 -4.59
N PHE A 79 -13.45 -4.00 -4.31
CA PHE A 79 -13.76 -4.99 -5.38
C PHE A 79 -14.06 -6.35 -4.75
N ASP A 80 -14.31 -7.35 -5.55
CA ASP A 80 -14.61 -8.70 -4.99
C ASP A 80 -13.36 -9.58 -5.08
N LYS A 81 -13.39 -10.72 -4.44
CA LYS A 81 -12.20 -11.62 -4.49
C LYS A 81 -11.81 -11.91 -5.94
N LYS A 82 -12.76 -12.25 -6.77
CA LYS A 82 -12.45 -12.55 -8.18
C LYS A 82 -11.61 -11.40 -8.78
N SER A 83 -11.87 -10.19 -8.37
CA SER A 83 -11.09 -9.04 -8.92
C SER A 83 -9.67 -9.06 -8.35
N TYR A 84 -9.53 -9.44 -7.11
CA TYR A 84 -8.17 -9.47 -6.49
C TYR A 84 -7.30 -10.49 -7.22
N MET A 85 -7.80 -11.67 -7.45
CA MET A 85 -7.00 -12.71 -8.14
C MET A 85 -6.60 -12.22 -9.54
N SER A 86 -7.50 -11.58 -10.23
CA SER A 86 -7.18 -11.08 -11.60
C SER A 86 -6.16 -9.94 -11.51
N TYR A 87 -6.16 -9.21 -10.43
CA TYR A 87 -5.19 -8.07 -10.30
C TYR A 87 -3.78 -8.64 -10.12
N ILE A 88 -3.60 -9.60 -9.26
CA ILE A 88 -2.24 -10.17 -9.05
C ILE A 88 -1.88 -11.06 -10.25
N LYS A 89 -2.85 -11.43 -11.04
CA LYS A 89 -2.55 -12.29 -12.22
C LYS A 89 -1.88 -11.45 -13.30
N GLY A 90 -2.54 -10.42 -13.76
CA GLY A 90 -1.93 -9.55 -14.81
C GLY A 90 -0.73 -8.83 -14.22
N TYR A 91 -0.74 -8.62 -12.93
CA TYR A 91 0.41 -7.93 -12.28
C TYR A 91 1.58 -8.89 -12.26
N MET A 92 1.31 -10.15 -12.06
CA MET A 92 2.41 -11.15 -12.04
C MET A 92 3.07 -11.18 -13.41
N LYS A 93 2.30 -11.17 -14.46
CA LYS A 93 2.89 -11.18 -15.82
C LYS A 93 3.81 -9.97 -15.98
N ALA A 94 3.38 -8.81 -15.56
CA ALA A 94 4.25 -7.61 -15.67
C ALA A 94 5.58 -7.90 -14.98
N ILE A 95 5.54 -8.40 -13.78
CA ILE A 95 6.80 -8.72 -13.05
C ILE A 95 7.64 -9.68 -13.90
N LYS A 96 6.98 -10.50 -14.69
CA LYS A 96 7.73 -11.47 -15.54
C LYS A 96 8.76 -10.70 -16.39
N ALA A 97 8.34 -9.64 -17.02
CA ALA A 97 9.29 -8.86 -17.87
C ALA A 97 10.28 -8.10 -16.98
N ARG A 98 9.87 -7.71 -15.81
CA ARG A 98 10.79 -6.97 -14.90
C ARG A 98 12.01 -7.83 -14.57
N LEU A 99 11.80 -9.08 -14.26
CA LEU A 99 12.94 -9.96 -13.92
C LEU A 99 13.73 -10.29 -15.19
N GLN A 100 13.06 -10.72 -16.22
CA GLN A 100 13.78 -11.06 -17.48
C GLN A 100 14.61 -9.85 -17.93
N GLU A 101 14.21 -8.67 -17.56
CA GLU A 101 14.98 -7.46 -17.97
C GLU A 101 16.19 -7.31 -17.05
N SER A 102 16.01 -7.46 -15.77
CA SER A 102 17.15 -7.32 -14.83
C SER A 102 17.72 -8.71 -14.52
N ASN A 103 16.99 -9.51 -13.78
CA ASN A 103 17.50 -10.87 -13.45
C ASN A 103 16.48 -11.92 -13.92
N PRO A 104 16.89 -12.77 -14.82
CA PRO A 104 16.04 -13.84 -15.37
C PRO A 104 15.85 -14.97 -14.35
N GLU A 105 16.81 -15.17 -13.49
CA GLU A 105 16.69 -16.25 -12.48
C GLU A 105 15.63 -15.87 -11.44
N ARG A 106 15.12 -14.67 -11.51
CA ARG A 106 14.09 -14.24 -10.53
C ARG A 106 12.69 -14.60 -11.05
N VAL A 107 12.60 -15.13 -12.23
CA VAL A 107 11.27 -15.50 -12.78
C VAL A 107 10.68 -16.73 -12.07
N PRO A 108 11.50 -17.73 -11.85
CA PRO A 108 11.03 -18.97 -11.18
C PRO A 108 10.93 -18.77 -9.67
N VAL A 109 11.95 -18.25 -9.05
CA VAL A 109 11.90 -18.03 -7.57
C VAL A 109 10.76 -17.07 -7.23
N PHE A 110 10.67 -16.00 -7.95
CA PHE A 110 9.59 -14.99 -7.67
C PHE A 110 8.21 -15.58 -8.01
N GLU A 111 8.12 -16.35 -9.05
CA GLU A 111 6.81 -16.94 -9.44
C GLU A 111 6.25 -17.80 -8.31
N LYS A 112 7.05 -18.69 -7.76
CA LYS A 112 6.55 -19.56 -6.66
C LYS A 112 6.22 -18.73 -5.43
N ASN A 113 7.08 -17.81 -5.07
CA ASN A 113 6.82 -16.97 -3.88
C ASN A 113 5.52 -16.18 -4.06
N ALA A 114 5.21 -15.80 -5.27
CA ALA A 114 3.98 -15.00 -5.53
C ALA A 114 2.71 -15.78 -5.18
N ILE A 115 2.57 -16.99 -5.68
CA ILE A 115 1.34 -17.77 -5.39
C ILE A 115 1.22 -18.06 -3.89
N GLY A 116 2.29 -18.47 -3.28
CA GLY A 116 2.26 -18.77 -1.83
C GLY A 116 1.84 -17.54 -1.04
N PHE A 117 2.32 -16.39 -1.43
CA PHE A 117 1.96 -15.14 -0.69
C PHE A 117 0.52 -14.75 -1.01
N VAL A 118 0.05 -15.08 -2.19
CA VAL A 118 -1.35 -14.72 -2.56
C VAL A 118 -2.34 -15.48 -1.67
N LYS A 119 -2.11 -16.75 -1.46
CA LYS A 119 -3.03 -17.54 -0.61
C LYS A 119 -2.88 -17.13 0.86
N LYS A 120 -1.69 -16.75 1.26
CA LYS A 120 -1.48 -16.35 2.68
C LYS A 120 -2.10 -14.97 2.93
N ILE A 121 -2.16 -14.14 1.92
CA ILE A 121 -2.76 -12.79 2.12
C ILE A 121 -4.30 -12.90 2.09
N LEU A 122 -4.81 -13.85 1.36
CA LEU A 122 -6.29 -14.02 1.29
C LEU A 122 -6.83 -14.27 2.70
N ALA A 123 -6.04 -14.81 3.57
CA ALA A 123 -6.52 -15.09 4.95
C ALA A 123 -7.31 -13.89 5.47
N ASN A 124 -6.88 -12.70 5.18
CA ASN A 124 -7.63 -11.50 5.67
C ASN A 124 -7.57 -10.40 4.61
N PHE A 125 -8.04 -10.67 3.43
CA PHE A 125 -8.01 -9.62 2.36
C PHE A 125 -8.87 -8.43 2.79
N LYS A 126 -9.95 -8.69 3.49
CA LYS A 126 -10.83 -7.57 3.94
C LYS A 126 -10.18 -6.84 5.12
N ASP A 127 -9.36 -7.53 5.88
CA ASP A 127 -8.71 -6.87 7.04
C ASP A 127 -7.56 -5.99 6.55
N TYR A 128 -6.96 -6.33 5.44
CA TYR A 128 -5.83 -5.51 4.92
C TYR A 128 -6.35 -4.58 3.81
N ASP A 129 -7.61 -4.66 3.48
CA ASP A 129 -8.16 -3.78 2.41
C ASP A 129 -7.22 -3.78 1.21
N PHE A 130 -7.31 -2.79 0.37
CA PHE A 130 -6.42 -2.73 -0.82
C PHE A 130 -6.14 -1.27 -1.16
N TYR A 131 -4.90 -0.88 -1.17
CA TYR A 131 -4.57 0.54 -1.47
C TYR A 131 -4.15 0.68 -2.93
N ILE A 132 -4.06 1.89 -3.41
CA ILE A 132 -3.65 2.11 -4.83
C ILE A 132 -2.93 3.45 -4.96
N GLY A 133 -1.97 3.53 -5.84
CA GLY A 133 -1.24 4.82 -6.02
C GLY A 133 -2.16 5.86 -6.65
N GLU A 134 -1.75 7.10 -6.67
CA GLU A 134 -2.59 8.16 -7.28
C GLU A 134 -2.89 7.80 -8.74
N SER A 135 -2.07 6.96 -9.33
CA SER A 135 -2.30 6.57 -10.74
C SER A 135 -3.64 5.84 -10.86
N MET A 136 -3.94 4.98 -9.92
CA MET A 136 -5.25 4.24 -9.97
C MET A 136 -5.17 3.15 -11.04
N ASP A 137 -4.07 2.45 -11.11
CA ASP A 137 -3.95 1.37 -12.13
C ASP A 137 -4.03 0.00 -11.44
N PRO A 138 -4.88 -0.86 -11.94
CA PRO A 138 -5.07 -2.21 -11.38
C PRO A 138 -3.90 -3.11 -11.77
N ASP A 139 -3.09 -2.68 -12.71
CA ASP A 139 -1.93 -3.50 -13.11
C ASP A 139 -0.67 -2.99 -12.38
N ALA A 140 -0.85 -2.11 -11.45
CA ALA A 140 0.32 -1.57 -10.69
C ALA A 140 0.53 -2.41 -9.43
N MET A 141 1.27 -1.90 -8.47
CA MET A 141 1.51 -2.66 -7.22
C MET A 141 0.40 -2.38 -6.21
N VAL A 142 0.04 -3.35 -5.43
CA VAL A 142 -1.04 -3.13 -4.42
C VAL A 142 -0.44 -3.22 -3.02
N VAL A 143 -0.89 -2.38 -2.12
CA VAL A 143 -0.33 -2.42 -0.74
C VAL A 143 -1.39 -2.96 0.23
N LEU A 144 -0.99 -3.82 1.13
CA LEU A 144 -1.97 -4.38 2.11
C LEU A 144 -1.68 -3.78 3.48
N MET A 145 -2.68 -3.65 4.32
CA MET A 145 -2.45 -3.07 5.67
C MET A 145 -2.57 -4.17 6.73
N ASN A 146 -1.66 -4.20 7.66
CA ASN A 146 -1.71 -5.24 8.73
C ASN A 146 -0.98 -4.73 9.97
N TYR A 147 -1.48 -5.05 11.13
CA TYR A 147 -0.80 -4.58 12.38
C TYR A 147 0.57 -5.24 12.49
N ARG A 148 1.45 -4.66 13.27
CA ARG A 148 2.81 -5.25 13.41
C ARG A 148 2.70 -6.69 13.92
N GLU A 149 3.80 -7.39 13.98
CA GLU A 149 3.76 -8.80 14.46
C GLU A 149 3.23 -8.84 15.89
N ASP A 150 3.23 -7.72 16.57
CA ASP A 150 2.72 -7.70 17.97
C ASP A 150 1.38 -6.99 18.01
N GLY A 151 1.28 -5.84 17.37
CA GLY A 151 -0.01 -5.10 17.38
C GLY A 151 0.21 -3.72 18.01
N ILE A 152 1.39 -3.20 17.88
CA ILE A 152 1.70 -1.86 18.47
C ILE A 152 1.64 -0.80 17.37
N THR A 153 2.13 -1.12 16.20
CA THR A 153 2.11 -0.12 15.10
C THR A 153 1.69 -0.81 13.79
N PRO A 154 0.92 -0.10 13.00
CA PRO A 154 0.44 -0.61 11.71
C PRO A 154 1.53 -0.50 10.63
N TYR A 155 1.57 -1.41 9.71
CA TYR A 155 2.60 -1.34 8.64
C TYR A 155 2.02 -1.86 7.33
N MET A 156 2.62 -1.52 6.22
CA MET A 156 2.09 -1.99 4.90
C MET A 156 3.17 -2.78 4.18
N ILE A 157 2.80 -3.61 3.24
CA ILE A 157 3.83 -4.40 2.50
C ILE A 157 3.86 -3.95 1.04
N PHE A 158 5.03 -3.79 0.49
CA PHE A 158 5.15 -3.36 -0.94
C PHE A 158 5.98 -4.39 -1.71
N PHE A 159 5.40 -5.02 -2.69
CA PHE A 159 6.17 -6.03 -3.47
C PHE A 159 7.50 -5.43 -3.91
N LYS A 160 8.59 -6.03 -3.49
CA LYS A 160 9.93 -5.50 -3.88
C LYS A 160 10.13 -5.70 -5.39
N ASP A 161 9.75 -6.83 -5.91
CA ASP A 161 9.93 -7.08 -7.37
C ASP A 161 9.50 -5.83 -8.15
N GLY A 162 8.46 -5.19 -7.72
CA GLY A 162 7.99 -3.96 -8.43
C GLY A 162 8.29 -2.74 -7.56
N LEU A 163 9.51 -2.59 -7.13
CA LEU A 163 9.86 -1.41 -6.27
C LEU A 163 11.33 -1.05 -6.49
N VAL A 164 11.67 0.20 -6.35
CA VAL A 164 13.09 0.61 -6.55
C VAL A 164 13.48 1.62 -5.48
N SER A 165 14.75 1.74 -5.22
CA SER A 165 15.22 2.70 -4.19
C SER A 165 15.97 3.86 -4.87
N GLU A 166 15.51 5.06 -4.69
CA GLU A 166 16.20 6.22 -5.33
C GLU A 166 16.92 7.03 -4.26
N LYS A 167 18.03 7.62 -4.60
CA LYS A 167 18.78 8.43 -3.60
C LYS A 167 18.42 9.91 -3.76
N PHE A 168 17.81 10.49 -2.76
CA PHE A 168 17.44 11.93 -2.86
C PHE A 168 16.53 12.15 -4.08
N MET A 1 17.30 11.03 3.84
CA MET A 1 16.47 9.80 3.86
C MET A 1 16.45 9.16 2.48
N LEU A 2 15.64 8.16 2.28
CA LEU A 2 15.58 7.50 0.94
C LEU A 2 14.16 7.60 0.38
N LEU A 3 14.03 7.67 -0.92
CA LEU A 3 12.67 7.76 -1.53
C LEU A 3 12.26 6.39 -2.06
N TYR A 4 11.15 5.87 -1.60
CA TYR A 4 10.70 4.54 -2.09
C TYR A 4 9.51 4.71 -3.04
N LYS A 5 9.67 4.29 -4.26
CA LYS A 5 8.57 4.41 -5.26
C LYS A 5 8.36 3.06 -5.93
N ASP A 6 7.12 2.69 -6.18
CA ASP A 6 6.87 1.38 -6.85
C ASP A 6 5.42 1.31 -7.32
N VAL A 7 5.23 1.34 -8.61
CA VAL A 7 3.85 1.25 -9.16
C VAL A 7 3.90 0.53 -10.50
N ILE A 8 4.57 -0.60 -10.55
CA ILE A 8 4.68 -1.34 -11.83
C ILE A 8 5.43 -0.45 -12.84
N SER A 9 6.08 0.57 -12.33
CA SER A 9 6.83 1.50 -13.22
C SER A 9 7.82 2.34 -12.39
N GLY A 10 7.43 2.68 -11.18
CA GLY A 10 8.35 3.51 -10.33
C GLY A 10 7.85 4.95 -10.29
N ASP A 11 7.18 5.33 -9.24
CA ASP A 11 6.67 6.72 -9.14
C ASP A 11 7.06 7.33 -7.79
N GLU A 12 6.35 6.99 -6.74
CA GLU A 12 6.67 7.56 -5.39
C GLU A 12 5.47 7.39 -4.47
N LEU A 13 5.59 6.58 -3.46
CA LEU A 13 4.44 6.39 -2.53
C LEU A 13 4.92 6.15 -1.09
N VAL A 14 6.07 5.54 -0.92
CA VAL A 14 6.55 5.29 0.47
C VAL A 14 8.04 5.65 0.54
N SER A 15 8.62 5.62 1.71
CA SER A 15 10.07 5.97 1.82
C SER A 15 10.63 5.50 3.16
N ASP A 16 11.87 5.83 3.44
CA ASP A 16 12.49 5.41 4.72
C ASP A 16 12.13 6.40 5.82
N ALA A 17 11.19 7.26 5.58
CA ALA A 17 10.79 8.25 6.62
C ALA A 17 10.18 7.51 7.81
N TYR A 18 9.78 6.28 7.60
CA TYR A 18 9.17 5.49 8.71
C TYR A 18 10.04 4.25 8.98
N ASP A 19 11.27 4.28 8.57
CA ASP A 19 12.15 3.10 8.79
C ASP A 19 11.57 1.92 8.03
N LEU A 20 12.32 1.37 7.11
CA LEU A 20 11.79 0.22 6.32
C LEU A 20 12.58 -1.05 6.63
N LYS A 21 11.94 -2.18 6.48
CA LYS A 21 12.64 -3.48 6.76
C LYS A 21 12.47 -4.41 5.56
N GLU A 22 13.48 -5.16 5.23
CA GLU A 22 13.37 -6.09 4.07
C GLU A 22 12.95 -7.47 4.57
N VAL A 23 11.93 -8.04 4.00
CA VAL A 23 11.48 -9.39 4.44
C VAL A 23 12.38 -10.46 3.81
N ASP A 24 12.51 -11.59 4.45
CA ASP A 24 13.37 -12.67 3.90
C ASP A 24 12.91 -13.02 2.48
N ASP A 25 11.71 -12.63 2.11
CA ASP A 25 11.22 -12.94 0.74
C ASP A 25 11.78 -11.93 -0.26
N ILE A 26 11.01 -10.94 -0.64
CA ILE A 26 11.51 -9.93 -1.60
C ILE A 26 10.58 -8.70 -1.58
N VAL A 27 10.45 -8.06 -0.46
CA VAL A 27 9.55 -6.87 -0.39
C VAL A 27 10.03 -5.92 0.70
N TYR A 28 9.55 -4.70 0.67
CA TYR A 28 9.96 -3.70 1.70
C TYR A 28 8.81 -3.52 2.70
N GLU A 29 9.10 -3.06 3.88
CA GLU A 29 8.01 -2.86 4.88
C GLU A 29 8.07 -1.43 5.43
N ALA A 30 7.03 -0.66 5.23
CA ALA A 30 7.03 0.74 5.74
C ALA A 30 5.96 0.88 6.82
N ASP A 31 6.38 1.09 8.05
CA ASP A 31 5.38 1.24 9.16
C ASP A 31 4.81 2.64 9.15
N CYS A 32 3.59 2.80 9.58
CA CYS A 32 2.97 4.16 9.60
C CYS A 32 2.39 4.43 10.99
N GLN A 33 1.71 5.53 11.15
CA GLN A 33 1.11 5.84 12.48
C GLN A 33 -0.26 6.48 12.28
N MET A 34 -1.20 6.15 13.12
CA MET A 34 -2.57 6.74 12.97
C MET A 34 -2.66 8.02 13.80
N VAL A 35 -3.03 9.11 13.18
CA VAL A 35 -3.14 10.39 13.93
C VAL A 35 -4.56 10.94 13.79
N THR A 36 -4.97 11.81 14.68
CA THR A 36 -6.34 12.38 14.58
C THR A 36 -6.30 13.67 13.78
N VAL A 37 -7.05 13.74 12.71
CA VAL A 37 -7.06 14.98 11.87
C VAL A 37 -8.48 15.54 11.80
N LYS A 38 -8.62 16.83 11.90
CA LYS A 38 -9.98 17.44 11.83
C LYS A 38 -10.52 17.34 10.41
N GLN A 39 -11.26 16.31 10.11
CA GLN A 39 -11.82 16.16 8.75
C GLN A 39 -13.35 16.15 8.82
N GLY A 40 -14.01 16.79 7.90
CA GLY A 40 -15.49 16.82 7.92
C GLY A 40 -16.01 17.51 6.66
N GLY A 41 -15.56 18.71 6.40
CA GLY A 41 -16.03 19.44 5.19
C GLY A 41 -17.18 20.36 5.57
N ASP A 42 -18.33 20.16 4.99
CA ASP A 42 -19.50 21.03 5.31
C ASP A 42 -20.61 20.19 5.95
N VAL A 43 -20.46 18.90 5.94
CA VAL A 43 -21.50 18.02 6.54
C VAL A 43 -20.89 17.21 7.69
N ASP A 44 -20.43 16.02 7.41
CA ASP A 44 -19.82 15.18 8.48
C ASP A 44 -20.70 15.25 9.72
N ILE A 45 -21.96 14.97 9.59
CA ILE A 45 -22.88 15.01 10.77
C ILE A 45 -23.57 13.66 10.94
N GLY A 46 -23.08 12.65 10.28
CA GLY A 46 -23.71 11.30 10.41
C GLY A 46 -22.86 10.26 9.70
N ALA A 47 -21.59 10.20 10.01
CA ALA A 47 -20.71 9.20 9.34
C ALA A 47 -19.87 8.48 10.40
N ASN A 48 -19.49 7.25 10.14
CA ASN A 48 -18.68 6.49 11.14
C ASN A 48 -19.22 6.76 12.55
N PRO A 49 -20.30 6.10 12.88
CA PRO A 49 -20.95 6.24 14.19
C PRO A 49 -20.20 5.43 15.26
N SER A 50 -19.24 4.65 14.86
CA SER A 50 -18.48 3.84 15.85
C SER A 50 -19.45 2.97 16.66
N ALA A 51 -18.99 2.40 17.74
CA ALA A 51 -19.88 1.56 18.57
C ALA A 51 -19.70 1.92 20.05
N GLU A 52 -18.60 1.54 20.64
CA GLU A 52 -18.36 1.87 22.07
C GLU A 52 -17.26 2.91 22.17
N ASP A 53 -16.98 3.60 21.10
CA ASP A 53 -15.91 4.64 21.15
C ASP A 53 -14.61 4.00 21.62
N ALA A 54 -13.57 4.78 21.76
CA ALA A 54 -12.27 4.22 22.22
C ALA A 54 -11.90 4.82 23.57
N GLU A 55 -12.64 5.80 24.02
CA GLU A 55 -12.33 6.42 25.33
C GLU A 55 -11.05 7.26 25.21
N GLU A 56 -10.97 8.08 24.21
CA GLU A 56 -9.76 8.93 24.02
C GLU A 56 -10.16 10.26 23.38
N ASN A 57 -10.34 10.28 22.09
CA ASN A 57 -10.73 11.54 21.40
C ASN A 57 -12.25 11.55 21.19
N ALA A 58 -12.90 12.60 21.60
CA ALA A 58 -14.38 12.67 21.42
C ALA A 58 -14.73 12.43 19.95
N GLU A 59 -14.97 13.48 19.20
CA GLU A 59 -15.30 13.30 17.75
C GLU A 59 -15.35 14.67 17.07
N GLU A 60 -16.39 15.43 17.31
CA GLU A 60 -16.50 16.77 16.68
C GLU A 60 -16.00 16.71 15.23
N GLY A 61 -16.36 15.70 14.50
CA GLY A 61 -15.89 15.57 13.09
C GLY A 61 -14.39 15.28 13.08
N THR A 62 -14.00 14.12 13.49
CA THR A 62 -12.55 13.77 13.49
C THR A 62 -12.37 12.30 13.11
N GLU A 63 -11.56 12.03 12.12
CA GLU A 63 -11.35 10.62 11.70
C GLU A 63 -9.85 10.30 11.72
N THR A 64 -9.48 9.11 12.11
CA THR A 64 -8.04 8.75 12.14
C THR A 64 -7.57 8.41 10.73
N VAL A 65 -6.42 8.90 10.34
CA VAL A 65 -5.91 8.59 8.97
C VAL A 65 -4.44 8.18 9.07
N ASN A 66 -4.08 7.10 8.43
CA ASN A 66 -2.65 6.64 8.47
C ASN A 66 -1.73 7.84 8.25
N ASN A 67 -0.52 7.78 8.75
CA ASN A 67 0.42 8.92 8.57
C ASN A 67 1.20 8.73 7.27
N LEU A 68 1.40 7.51 6.85
CA LEU A 68 2.15 7.26 5.59
C LEU A 68 1.22 7.53 4.42
N VAL A 69 0.02 7.03 4.50
CA VAL A 69 -0.94 7.26 3.39
C VAL A 69 -1.24 8.76 3.30
N TYR A 70 -1.66 9.36 4.37
CA TYR A 70 -1.96 10.82 4.33
C TYR A 70 -0.73 11.58 3.83
N SER A 71 0.44 11.10 4.14
CA SER A 71 1.68 11.80 3.68
C SER A 71 1.84 11.67 2.16
N PHE A 72 1.51 10.52 1.61
CA PHE A 72 1.65 10.35 0.14
C PHE A 72 0.28 10.43 -0.55
N ARG A 73 -0.74 10.82 0.18
CA ARG A 73 -2.09 10.92 -0.44
C ARG A 73 -2.53 9.55 -0.96
N LEU A 74 -2.01 8.49 -0.39
CA LEU A 74 -2.41 7.13 -0.85
C LEU A 74 -3.93 7.08 -1.05
N SER A 75 -4.38 6.47 -2.11
CA SER A 75 -5.85 6.38 -2.36
C SER A 75 -6.32 4.95 -2.10
N PRO A 76 -7.22 4.80 -1.16
CA PRO A 76 -7.79 3.48 -0.80
C PRO A 76 -8.85 3.07 -1.82
N THR A 77 -8.82 1.85 -2.27
CA THR A 77 -9.83 1.40 -3.27
C THR A 77 -10.52 0.13 -2.77
N SER A 78 -11.44 -0.39 -3.53
CA SER A 78 -12.15 -1.62 -3.10
C SER A 78 -12.24 -2.58 -4.30
N PHE A 79 -11.90 -3.82 -4.09
CA PHE A 79 -11.95 -4.80 -5.21
C PHE A 79 -12.83 -6.00 -4.81
N ASP A 80 -13.29 -6.75 -5.77
CA ASP A 80 -14.14 -7.94 -5.46
C ASP A 80 -13.26 -9.16 -5.24
N LYS A 81 -13.71 -10.07 -4.41
CA LYS A 81 -12.89 -11.29 -4.14
C LYS A 81 -12.52 -11.97 -5.47
N LYS A 82 -13.37 -11.91 -6.45
CA LYS A 82 -13.06 -12.56 -7.75
C LYS A 82 -12.27 -11.60 -8.65
N SER A 83 -12.41 -10.32 -8.46
CA SER A 83 -11.66 -9.35 -9.31
C SER A 83 -10.16 -9.38 -8.95
N TYR A 84 -9.85 -9.53 -7.68
CA TYR A 84 -8.42 -9.57 -7.28
C TYR A 84 -7.77 -10.87 -7.79
N MET A 85 -8.51 -11.94 -7.82
CA MET A 85 -7.93 -13.22 -8.32
C MET A 85 -7.56 -13.09 -9.79
N SER A 86 -8.51 -12.71 -10.62
CA SER A 86 -8.21 -12.56 -12.07
C SER A 86 -7.10 -11.52 -12.26
N TYR A 87 -7.12 -10.48 -11.46
CA TYR A 87 -6.06 -9.43 -11.60
C TYR A 87 -4.75 -9.96 -11.00
N ILE A 88 -4.82 -10.95 -10.18
CA ILE A 88 -3.58 -11.51 -9.58
C ILE A 88 -2.84 -12.34 -10.64
N LYS A 89 -3.56 -12.95 -11.53
CA LYS A 89 -2.92 -13.77 -12.59
C LYS A 89 -2.22 -12.83 -13.59
N GLY A 90 -2.93 -11.88 -14.13
CA GLY A 90 -2.30 -10.95 -15.10
C GLY A 90 -1.27 -10.07 -14.40
N TYR A 91 -1.40 -9.90 -13.11
CA TYR A 91 -0.42 -9.08 -12.37
C TYR A 91 0.86 -9.89 -12.20
N MET A 92 0.72 -11.16 -11.99
CA MET A 92 1.91 -12.02 -11.83
C MET A 92 2.67 -12.10 -13.16
N LYS A 93 1.97 -12.36 -14.23
CA LYS A 93 2.64 -12.44 -15.56
C LYS A 93 3.41 -11.14 -15.82
N ALA A 94 2.83 -10.02 -15.49
CA ALA A 94 3.54 -8.73 -15.72
C ALA A 94 4.91 -8.79 -15.05
N ILE A 95 4.97 -9.31 -13.85
CA ILE A 95 6.28 -9.41 -13.14
C ILE A 95 7.15 -10.47 -13.83
N LYS A 96 6.55 -11.42 -14.47
CA LYS A 96 7.35 -12.46 -15.16
C LYS A 96 8.06 -11.82 -16.35
N ALA A 97 7.43 -10.87 -16.98
CA ALA A 97 8.07 -10.20 -18.15
C ALA A 97 9.20 -9.30 -17.66
N ARG A 98 8.96 -8.49 -16.66
CA ARG A 98 10.04 -7.59 -16.15
C ARG A 98 11.25 -8.43 -15.75
N LEU A 99 11.03 -9.62 -15.26
CA LEU A 99 12.18 -10.48 -14.87
C LEU A 99 12.88 -11.00 -16.13
N GLN A 100 12.14 -11.40 -17.12
CA GLN A 100 12.75 -11.91 -18.37
C GLN A 100 13.62 -10.81 -19.00
N GLU A 101 13.22 -9.57 -18.87
CA GLU A 101 14.03 -8.46 -19.46
C GLU A 101 15.29 -8.25 -18.63
N SER A 102 15.20 -8.35 -17.33
CA SER A 102 16.40 -8.16 -16.49
C SER A 102 17.08 -9.52 -16.26
N ASN A 103 16.59 -10.27 -15.31
CA ASN A 103 17.21 -11.60 -15.05
C ASN A 103 16.12 -12.69 -15.19
N PRO A 104 16.37 -13.65 -16.04
CA PRO A 104 15.43 -14.75 -16.28
C PRO A 104 15.44 -15.75 -15.11
N GLU A 105 16.54 -15.83 -14.41
CA GLU A 105 16.62 -16.78 -13.25
C GLU A 105 15.72 -16.27 -12.12
N ARG A 106 15.18 -15.09 -12.25
CA ARG A 106 14.29 -14.56 -11.18
C ARG A 106 12.84 -14.92 -11.47
N VAL A 107 12.60 -15.64 -12.54
CA VAL A 107 11.20 -16.02 -12.87
C VAL A 107 10.67 -17.06 -11.86
N PRO A 108 11.46 -18.06 -11.56
CA PRO A 108 11.07 -19.11 -10.60
C PRO A 108 11.23 -18.62 -9.16
N VAL A 109 12.23 -17.83 -8.89
CA VAL A 109 12.44 -17.32 -7.51
C VAL A 109 11.29 -16.39 -7.12
N PHE A 110 10.99 -15.43 -7.96
CA PHE A 110 9.90 -14.48 -7.65
C PHE A 110 8.55 -15.23 -7.65
N GLU A 111 8.37 -16.16 -8.53
CA GLU A 111 7.07 -16.91 -8.57
C GLU A 111 6.89 -17.70 -7.27
N LYS A 112 7.95 -18.22 -6.73
CA LYS A 112 7.84 -19.02 -5.47
C LYS A 112 7.52 -18.10 -4.28
N ASN A 113 8.16 -16.96 -4.21
CA ASN A 113 7.90 -16.04 -3.06
C ASN A 113 6.49 -15.46 -3.15
N ALA A 114 6.15 -14.85 -4.25
CA ALA A 114 4.78 -14.25 -4.38
C ALA A 114 3.73 -15.34 -4.21
N ILE A 115 4.04 -16.56 -4.51
CA ILE A 115 3.04 -17.65 -4.36
C ILE A 115 2.61 -17.74 -2.88
N GLY A 116 3.54 -17.77 -1.97
CA GLY A 116 3.18 -17.85 -0.53
C GLY A 116 2.48 -16.55 -0.08
N PHE A 117 2.96 -15.43 -0.53
CA PHE A 117 2.33 -14.14 -0.13
C PHE A 117 0.87 -14.09 -0.59
N VAL A 118 0.55 -14.73 -1.68
CA VAL A 118 -0.84 -14.72 -2.19
C VAL A 118 -1.77 -15.46 -1.22
N LYS A 119 -1.34 -16.58 -0.71
CA LYS A 119 -2.22 -17.35 0.22
C LYS A 119 -2.36 -16.60 1.55
N LYS A 120 -1.29 -16.07 2.07
CA LYS A 120 -1.37 -15.34 3.37
C LYS A 120 -2.38 -14.19 3.25
N ILE A 121 -2.25 -13.36 2.26
CA ILE A 121 -3.20 -12.22 2.11
C ILE A 121 -4.63 -12.76 1.99
N LEU A 122 -4.82 -13.78 1.20
CA LEU A 122 -6.19 -14.35 1.03
C LEU A 122 -6.74 -14.77 2.40
N ALA A 123 -5.90 -15.16 3.31
CA ALA A 123 -6.39 -15.59 4.65
C ALA A 123 -7.33 -14.53 5.22
N ASN A 124 -6.96 -13.28 5.14
CA ASN A 124 -7.83 -12.20 5.67
C ASN A 124 -7.74 -10.97 4.77
N PHE A 125 -8.03 -11.11 3.51
CA PHE A 125 -7.95 -9.95 2.58
C PHE A 125 -8.75 -8.78 3.15
N LYS A 126 -9.72 -9.05 3.98
CA LYS A 126 -10.54 -7.94 4.56
C LYS A 126 -9.63 -7.03 5.41
N ASP A 127 -8.79 -7.60 6.21
CA ASP A 127 -7.89 -6.78 7.07
C ASP A 127 -6.71 -6.27 6.23
N TYR A 128 -6.40 -6.94 5.16
CA TYR A 128 -5.26 -6.50 4.31
C TYR A 128 -5.68 -5.28 3.47
N ASP A 129 -6.95 -5.07 3.29
CA ASP A 129 -7.42 -3.90 2.51
C ASP A 129 -6.67 -3.84 1.17
N PHE A 130 -6.94 -2.82 0.39
CA PHE A 130 -6.25 -2.68 -0.92
C PHE A 130 -5.98 -1.19 -1.17
N TYR A 131 -4.75 -0.82 -1.34
CA TYR A 131 -4.44 0.62 -1.57
C TYR A 131 -4.02 0.87 -3.01
N ILE A 132 -3.78 2.10 -3.37
CA ILE A 132 -3.36 2.42 -4.76
C ILE A 132 -2.59 3.75 -4.76
N GLY A 133 -1.67 3.91 -5.69
CA GLY A 133 -0.89 5.18 -5.74
C GLY A 133 -1.76 6.27 -6.36
N GLU A 134 -1.22 7.45 -6.56
CA GLU A 134 -2.02 8.55 -7.15
C GLU A 134 -2.30 8.24 -8.62
N SER A 135 -1.53 7.35 -9.21
CA SER A 135 -1.76 7.00 -10.64
C SER A 135 -3.13 6.34 -10.79
N MET A 136 -3.53 5.54 -9.84
CA MET A 136 -4.85 4.88 -9.93
C MET A 136 -4.89 3.95 -11.15
N ASP A 137 -3.84 3.21 -11.38
CA ASP A 137 -3.82 2.29 -12.55
C ASP A 137 -4.19 0.87 -12.10
N PRO A 138 -5.16 0.28 -12.76
CA PRO A 138 -5.62 -1.08 -12.44
C PRO A 138 -4.62 -2.12 -12.96
N ASP A 139 -3.58 -1.67 -13.61
CA ASP A 139 -2.56 -2.61 -14.13
C ASP A 139 -1.24 -2.37 -13.40
N ALA A 140 -1.26 -1.59 -12.34
CA ALA A 140 0.00 -1.32 -11.60
C ALA A 140 0.03 -2.19 -10.34
N MET A 141 1.06 -2.03 -9.54
CA MET A 141 1.16 -2.86 -8.30
C MET A 141 0.34 -2.21 -7.19
N VAL A 142 -0.31 -3.01 -6.38
CA VAL A 142 -1.14 -2.45 -5.27
C VAL A 142 -0.45 -2.72 -3.94
N VAL A 143 -0.50 -1.77 -3.03
CA VAL A 143 0.13 -1.97 -1.71
C VAL A 143 -0.89 -2.56 -0.73
N LEU A 144 -0.60 -3.68 -0.16
CA LEU A 144 -1.57 -4.29 0.79
C LEU A 144 -1.28 -3.78 2.20
N MET A 145 -2.25 -3.21 2.85
CA MET A 145 -2.02 -2.69 4.24
C MET A 145 -2.67 -3.64 5.25
N ASN A 146 -1.93 -4.08 6.24
CA ASN A 146 -2.51 -5.01 7.25
C ASN A 146 -1.86 -4.73 8.62
N TYR A 147 -2.45 -5.24 9.67
CA TYR A 147 -1.88 -5.01 11.02
C TYR A 147 -0.79 -6.05 11.30
N ARG A 148 0.12 -5.76 12.19
CA ARG A 148 1.19 -6.74 12.50
C ARG A 148 0.71 -7.70 13.59
N GLU A 149 1.51 -8.68 13.92
CA GLU A 149 1.08 -9.64 14.98
C GLU A 149 0.94 -8.89 16.31
N ASP A 150 1.45 -7.69 16.38
CA ASP A 150 1.34 -6.92 17.65
C ASP A 150 -0.14 -6.70 17.96
N GLY A 151 -0.85 -6.02 17.09
CA GLY A 151 -2.29 -5.77 17.35
C GLY A 151 -2.61 -4.30 17.11
N ILE A 152 -1.64 -3.44 17.28
CA ILE A 152 -1.89 -1.99 17.07
C ILE A 152 -0.76 -1.39 16.23
N THR A 153 -0.27 -2.13 15.27
CA THR A 153 0.83 -1.61 14.42
C THR A 153 0.46 -1.78 12.94
N PRO A 154 0.01 -0.70 12.34
CA PRO A 154 -0.38 -0.69 10.92
C PRO A 154 0.85 -0.58 10.01
N TYR A 155 0.99 -1.47 9.07
CA TYR A 155 2.16 -1.41 8.16
C TYR A 155 1.75 -1.86 6.75
N MET A 156 2.49 -1.50 5.76
CA MET A 156 2.14 -1.91 4.37
C MET A 156 3.36 -2.53 3.70
N ILE A 157 3.17 -3.54 2.90
CA ILE A 157 4.33 -4.19 2.21
C ILE A 157 4.39 -3.72 0.76
N PHE A 158 5.57 -3.65 0.21
CA PHE A 158 5.70 -3.21 -1.21
C PHE A 158 6.53 -4.24 -1.99
N PHE A 159 5.94 -4.84 -2.99
CA PHE A 159 6.70 -5.85 -3.78
C PHE A 159 8.02 -5.25 -4.27
N LYS A 160 9.12 -5.82 -3.88
CA LYS A 160 10.44 -5.30 -4.31
C LYS A 160 10.61 -5.49 -5.81
N ASP A 161 10.15 -6.59 -6.34
CA ASP A 161 10.29 -6.83 -7.81
C ASP A 161 9.92 -5.56 -8.58
N GLY A 162 8.81 -4.96 -8.26
CA GLY A 162 8.39 -3.72 -8.99
C GLY A 162 8.61 -2.50 -8.09
N LEU A 163 9.79 -2.36 -7.53
CA LEU A 163 10.08 -1.19 -6.67
C LEU A 163 11.54 -0.78 -6.84
N VAL A 164 11.84 0.47 -6.58
CA VAL A 164 13.25 0.92 -6.73
C VAL A 164 13.59 1.96 -5.65
N SER A 165 14.73 1.83 -5.03
CA SER A 165 15.12 2.81 -3.98
C SER A 165 16.07 3.84 -4.58
N GLU A 166 15.89 5.09 -4.24
CA GLU A 166 16.76 6.16 -4.80
C GLU A 166 17.36 6.99 -3.67
N LYS A 167 18.61 7.34 -3.76
CA LYS A 167 19.25 8.15 -2.70
C LYS A 167 18.84 9.62 -2.86
N PHE A 168 18.31 10.22 -1.84
CA PHE A 168 17.89 11.64 -1.95
C PHE A 168 18.34 12.40 -0.70
N MET A 1 17.07 9.36 4.48
CA MET A 1 15.65 9.29 4.02
C MET A 1 15.63 8.93 2.53
N LEU A 2 15.54 7.67 2.22
CA LEU A 2 15.52 7.25 0.78
C LEU A 2 14.07 7.25 0.29
N LEU A 3 13.87 7.19 -1.01
CA LEU A 3 12.49 7.18 -1.55
C LEU A 3 12.26 5.91 -2.36
N TYR A 4 11.15 5.26 -2.17
CA TYR A 4 10.87 4.02 -2.94
C TYR A 4 9.58 4.17 -3.74
N LYS A 5 9.60 3.80 -4.99
CA LYS A 5 8.38 3.93 -5.83
C LYS A 5 8.18 2.64 -6.64
N ASP A 6 6.97 2.33 -7.01
CA ASP A 6 6.71 1.10 -7.79
C ASP A 6 7.46 1.18 -9.13
N VAL A 7 7.90 0.07 -9.64
CA VAL A 7 8.62 0.09 -10.95
C VAL A 7 7.62 -0.09 -12.09
N ILE A 8 6.61 0.72 -12.14
CA ILE A 8 5.60 0.59 -13.23
C ILE A 8 4.76 1.88 -13.29
N SER A 9 4.16 2.26 -12.20
CA SER A 9 3.33 3.50 -12.19
C SER A 9 2.72 3.70 -10.81
N GLY A 10 3.53 3.92 -9.81
CA GLY A 10 2.99 4.11 -8.43
C GLY A 10 3.19 5.57 -8.01
N ASP A 11 4.09 6.26 -8.65
CA ASP A 11 4.34 7.68 -8.26
C ASP A 11 4.45 7.78 -6.74
N GLU A 12 5.62 7.58 -6.22
CA GLU A 12 5.80 7.67 -4.73
C GLU A 12 4.87 6.64 -4.06
N LEU A 13 5.40 5.54 -3.63
CA LEU A 13 4.55 4.51 -2.98
C LEU A 13 4.99 4.33 -1.52
N VAL A 14 6.24 4.02 -1.30
CA VAL A 14 6.73 3.84 0.10
C VAL A 14 8.12 4.45 0.22
N SER A 15 8.60 4.68 1.42
CA SER A 15 9.95 5.28 1.57
C SER A 15 10.57 4.87 2.90
N ASP A 16 11.82 5.20 3.11
CA ASP A 16 12.50 4.83 4.38
C ASP A 16 12.14 5.84 5.47
N ALA A 17 11.31 6.79 5.16
CA ALA A 17 10.93 7.80 6.19
C ALA A 17 10.12 7.11 7.29
N TYR A 18 9.73 5.88 7.06
CA TYR A 18 8.94 5.14 8.09
C TYR A 18 9.67 3.84 8.44
N ASP A 19 10.94 3.77 8.16
CA ASP A 19 11.71 2.53 8.46
C ASP A 19 11.11 1.37 7.67
N LEU A 20 11.92 0.64 6.95
CA LEU A 20 11.38 -0.48 6.15
C LEU A 20 12.01 -1.79 6.61
N LYS A 21 11.29 -2.88 6.47
CA LYS A 21 11.84 -4.20 6.89
C LYS A 21 11.59 -5.23 5.79
N GLU A 22 12.63 -5.86 5.32
CA GLU A 22 12.45 -6.88 4.24
C GLU A 22 12.03 -8.20 4.89
N VAL A 23 10.89 -8.71 4.51
CA VAL A 23 10.42 -9.99 5.10
C VAL A 23 11.17 -11.17 4.49
N ASP A 24 11.27 -12.26 5.19
CA ASP A 24 12.00 -13.44 4.65
C ASP A 24 11.62 -13.65 3.18
N ASP A 25 10.42 -13.31 2.81
CA ASP A 25 10.00 -13.49 1.40
C ASP A 25 10.73 -12.46 0.52
N ILE A 26 10.02 -11.56 -0.11
CA ILE A 26 10.68 -10.55 -0.97
C ILE A 26 9.83 -9.28 -1.06
N VAL A 27 9.64 -8.62 0.05
CA VAL A 27 8.81 -7.39 0.03
C VAL A 27 9.25 -6.45 1.16
N TYR A 28 9.22 -5.15 0.91
CA TYR A 28 9.62 -4.19 1.97
C TYR A 28 8.37 -3.64 2.64
N GLU A 29 8.36 -3.58 3.95
CA GLU A 29 7.15 -3.07 4.65
C GLU A 29 7.45 -1.68 5.25
N ALA A 30 6.51 -0.78 5.14
CA ALA A 30 6.72 0.58 5.70
C ALA A 30 5.69 0.82 6.82
N ASP A 31 6.14 0.95 8.04
CA ASP A 31 5.18 1.17 9.16
C ASP A 31 4.50 2.53 9.00
N CYS A 32 3.29 2.65 9.48
CA CYS A 32 2.56 3.95 9.35
C CYS A 32 2.59 4.67 10.70
N GLN A 33 2.63 5.97 10.68
CA GLN A 33 2.66 6.73 11.97
C GLN A 33 1.58 7.82 11.94
N MET A 34 1.06 8.17 13.09
CA MET A 34 -0.01 9.22 13.14
C MET A 34 0.65 10.59 13.29
N VAL A 35 0.22 11.55 12.51
CA VAL A 35 0.82 12.91 12.61
C VAL A 35 -0.31 13.94 12.75
N THR A 36 -0.30 14.69 13.82
CA THR A 36 -1.38 15.70 14.03
C THR A 36 -1.11 16.91 13.14
N VAL A 37 -2.14 17.61 12.73
CA VAL A 37 -1.94 18.80 11.87
C VAL A 37 -2.86 19.93 12.35
N LYS A 38 -2.31 21.12 12.51
CA LYS A 38 -3.15 22.25 12.98
C LYS A 38 -4.00 22.79 11.82
N GLN A 39 -5.29 22.92 12.03
CA GLN A 39 -6.17 23.43 10.95
C GLN A 39 -6.49 24.90 11.21
N GLY A 40 -6.72 25.67 10.18
CA GLY A 40 -7.04 27.11 10.37
C GLY A 40 -8.56 27.28 10.43
N GLY A 41 -9.29 26.22 10.63
CA GLY A 41 -10.77 26.33 10.69
C GLY A 41 -11.20 26.66 12.13
N ASP A 42 -10.71 27.74 12.67
CA ASP A 42 -11.09 28.12 14.06
C ASP A 42 -10.76 29.59 14.29
N VAL A 43 -11.51 30.47 13.71
CA VAL A 43 -11.25 31.92 13.90
C VAL A 43 -11.17 32.23 15.40
N ASP A 44 -12.29 32.22 16.06
CA ASP A 44 -12.29 32.50 17.53
C ASP A 44 -12.37 31.19 18.31
N ILE A 45 -11.38 30.89 19.10
CA ILE A 45 -11.40 29.62 19.89
C ILE A 45 -10.70 29.84 21.23
N GLY A 46 -11.31 30.57 22.12
CA GLY A 46 -10.67 30.81 23.45
C GLY A 46 -11.08 29.72 24.42
N ALA A 47 -10.18 29.29 25.27
CA ALA A 47 -10.52 28.22 26.25
C ALA A 47 -9.52 28.24 27.40
N ASN A 48 -10.01 28.30 28.62
CA ASN A 48 -9.08 28.32 29.78
C ASN A 48 -7.93 29.28 29.51
N PRO A 49 -8.25 30.53 29.32
CA PRO A 49 -7.27 31.59 29.03
C PRO A 49 -6.55 32.01 30.32
N SER A 50 -5.64 31.21 30.80
CA SER A 50 -4.91 31.56 32.04
C SER A 50 -3.50 32.05 31.69
N ALA A 51 -3.38 32.85 30.66
CA ALA A 51 -2.04 33.36 30.27
C ALA A 51 -1.12 32.18 29.94
N GLU A 52 -1.56 31.30 29.08
CA GLU A 52 -0.71 30.13 28.71
C GLU A 52 0.02 30.42 27.40
N ASP A 53 0.11 31.67 27.03
CA ASP A 53 0.81 32.00 25.76
C ASP A 53 0.10 31.34 24.58
N ALA A 54 -0.12 32.08 23.52
CA ALA A 54 -0.81 31.50 22.34
C ALA A 54 -2.13 30.86 22.76
N GLU A 55 -2.77 30.14 21.88
CA GLU A 55 -4.07 29.50 22.22
C GLU A 55 -3.90 27.98 22.20
N GLU A 56 -4.88 27.27 22.68
CA GLU A 56 -4.79 25.77 22.68
C GLU A 56 -5.85 25.19 23.61
N ASN A 57 -6.10 23.92 23.51
CA ASN A 57 -7.13 23.28 24.39
C ASN A 57 -8.49 23.90 24.09
N ALA A 58 -9.48 23.08 23.86
CA ALA A 58 -10.84 23.62 23.56
C ALA A 58 -11.86 22.48 23.56
N GLU A 59 -11.90 21.73 22.50
CA GLU A 59 -12.87 20.59 22.43
C GLU A 59 -12.30 19.48 21.53
N GLU A 60 -12.06 19.79 20.28
CA GLU A 60 -11.50 18.76 19.36
C GLU A 60 -10.01 18.58 19.63
N GLY A 61 -9.20 19.45 19.10
CA GLY A 61 -7.72 19.33 19.33
C GLY A 61 -7.04 18.84 18.05
N THR A 62 -6.86 19.71 17.10
CA THR A 62 -6.21 19.30 15.83
C THR A 62 -6.75 17.95 15.37
N GLU A 63 -6.11 17.33 14.42
CA GLU A 63 -6.60 16.01 13.93
C GLU A 63 -5.41 15.13 13.54
N THR A 64 -5.53 13.84 13.74
CA THR A 64 -4.40 12.93 13.38
C THR A 64 -4.69 12.27 12.03
N VAL A 65 -3.73 12.23 11.15
CA VAL A 65 -3.96 11.60 9.83
C VAL A 65 -2.72 10.79 9.43
N ASN A 66 -2.90 9.71 8.73
CA ASN A 66 -1.73 8.88 8.32
C ASN A 66 -0.73 9.75 7.57
N ASN A 67 0.53 9.44 7.67
CA ASN A 67 1.56 10.25 6.97
C ASN A 67 1.97 9.54 5.67
N LEU A 68 1.75 8.24 5.60
CA LEU A 68 2.11 7.49 4.37
C LEU A 68 0.97 7.66 3.36
N VAL A 69 -0.24 7.56 3.82
CA VAL A 69 -1.40 7.70 2.91
C VAL A 69 -1.55 9.16 2.51
N TYR A 70 -1.26 10.07 3.40
CA TYR A 70 -1.38 11.52 3.07
C TYR A 70 -0.31 11.91 2.05
N SER A 71 0.94 11.72 2.39
CA SER A 71 2.03 12.09 1.44
C SER A 71 1.84 11.36 0.11
N PHE A 72 1.68 10.07 0.15
CA PHE A 72 1.50 9.30 -1.13
C PHE A 72 0.03 9.36 -1.55
N ARG A 73 -0.81 9.96 -0.74
CA ARG A 73 -2.24 10.05 -1.10
C ARG A 73 -2.78 8.64 -1.40
N LEU A 74 -2.29 7.65 -0.71
CA LEU A 74 -2.77 6.26 -0.95
C LEU A 74 -4.29 6.27 -1.11
N SER A 75 -4.81 5.46 -2.00
CA SER A 75 -6.29 5.44 -2.19
C SER A 75 -6.81 4.01 -2.00
N PRO A 76 -7.90 3.88 -1.28
CA PRO A 76 -8.53 2.58 -1.01
C PRO A 76 -9.35 2.14 -2.22
N THR A 77 -9.32 0.87 -2.55
CA THR A 77 -10.11 0.38 -3.71
C THR A 77 -11.08 -0.71 -3.26
N SER A 78 -11.91 -1.19 -4.14
CA SER A 78 -12.87 -2.25 -3.78
C SER A 78 -13.05 -3.20 -4.97
N PHE A 79 -13.37 -4.44 -4.71
CA PHE A 79 -13.55 -5.40 -5.84
C PHE A 79 -14.10 -6.72 -5.32
N ASP A 80 -14.27 -7.69 -6.17
CA ASP A 80 -14.80 -9.01 -5.73
C ASP A 80 -13.64 -10.00 -5.59
N LYS A 81 -13.87 -11.12 -4.96
CA LYS A 81 -12.78 -12.12 -4.80
C LYS A 81 -12.25 -12.52 -6.18
N LYS A 82 -13.11 -12.93 -7.06
CA LYS A 82 -12.66 -13.34 -8.42
C LYS A 82 -11.99 -12.16 -9.12
N SER A 83 -12.34 -10.95 -8.76
CA SER A 83 -11.72 -9.77 -9.42
C SER A 83 -10.27 -9.61 -8.95
N TYR A 84 -10.02 -9.82 -7.69
CA TYR A 84 -8.62 -9.67 -7.19
C TYR A 84 -7.70 -10.65 -7.91
N MET A 85 -8.16 -11.84 -8.15
CA MET A 85 -7.29 -12.84 -8.84
C MET A 85 -6.94 -12.35 -10.26
N SER A 86 -7.91 -11.82 -10.97
CA SER A 86 -7.64 -11.33 -12.34
C SER A 86 -6.62 -10.19 -12.31
N TYR A 87 -6.72 -9.31 -11.35
CA TYR A 87 -5.75 -8.18 -11.28
C TYR A 87 -4.35 -8.70 -10.95
N ILE A 88 -4.21 -9.38 -9.85
CA ILE A 88 -2.87 -9.91 -9.46
C ILE A 88 -2.28 -10.72 -10.62
N LYS A 89 -3.10 -11.22 -11.50
CA LYS A 89 -2.57 -12.01 -12.64
C LYS A 89 -1.92 -11.07 -13.66
N GLY A 90 -2.54 -9.96 -13.93
CA GLY A 90 -1.96 -9.00 -14.93
C GLY A 90 -0.66 -8.40 -14.38
N TYR A 91 -0.56 -8.26 -13.09
CA TYR A 91 0.68 -7.68 -12.51
C TYR A 91 1.74 -8.77 -12.43
N MET A 92 1.34 -9.98 -12.14
CA MET A 92 2.32 -11.09 -12.06
C MET A 92 2.97 -11.30 -13.42
N LYS A 93 2.19 -11.28 -14.47
CA LYS A 93 2.75 -11.48 -15.83
C LYS A 93 3.62 -10.27 -16.20
N ALA A 94 3.18 -9.09 -15.88
CA ALA A 94 3.99 -7.89 -16.22
C ALA A 94 5.38 -8.00 -15.60
N ILE A 95 5.46 -8.36 -14.34
CA ILE A 95 6.79 -8.49 -13.69
C ILE A 95 7.61 -9.57 -14.40
N LYS A 96 6.99 -10.68 -14.71
CA LYS A 96 7.74 -11.77 -15.40
C LYS A 96 8.52 -11.17 -16.57
N ALA A 97 7.87 -10.42 -17.42
CA ALA A 97 8.58 -9.80 -18.58
C ALA A 97 9.72 -8.92 -18.05
N ARG A 98 9.48 -8.21 -16.97
CA ARG A 98 10.54 -7.33 -16.41
C ARG A 98 11.79 -8.17 -16.10
N LEU A 99 11.60 -9.38 -15.67
CA LEU A 99 12.77 -10.25 -15.34
C LEU A 99 13.44 -10.70 -16.64
N GLN A 100 12.67 -11.22 -17.57
CA GLN A 100 13.27 -11.68 -18.85
C GLN A 100 14.02 -10.53 -19.52
N GLU A 101 13.66 -9.31 -19.21
CA GLU A 101 14.37 -8.15 -19.83
C GLU A 101 15.46 -7.65 -18.89
N SER A 102 15.35 -7.95 -17.62
CA SER A 102 16.38 -7.49 -16.66
C SER A 102 17.12 -8.70 -16.08
N ASN A 103 16.63 -9.25 -15.01
CA ASN A 103 17.30 -10.43 -14.40
C ASN A 103 16.33 -11.62 -14.37
N PRO A 104 16.48 -12.50 -15.32
CA PRO A 104 15.62 -13.70 -15.43
C PRO A 104 16.01 -14.73 -14.36
N GLU A 105 17.14 -14.54 -13.74
CA GLU A 105 17.57 -15.51 -12.68
C GLU A 105 16.62 -15.46 -11.49
N ARG A 106 15.71 -14.53 -11.48
CA ARG A 106 14.75 -14.44 -10.33
C ARG A 106 13.32 -14.64 -10.83
N VAL A 107 13.16 -15.27 -11.97
CA VAL A 107 11.80 -15.51 -12.51
C VAL A 107 11.06 -16.59 -11.70
N PRO A 108 11.74 -17.69 -11.43
CA PRO A 108 11.14 -18.80 -10.67
C PRO A 108 11.08 -18.48 -9.17
N VAL A 109 12.17 -18.03 -8.62
CA VAL A 109 12.17 -17.71 -7.16
C VAL A 109 11.09 -16.67 -6.87
N PHE A 110 10.98 -15.66 -7.69
CA PHE A 110 9.94 -14.62 -7.44
C PHE A 110 8.54 -15.21 -7.64
N GLU A 111 8.38 -16.08 -8.60
CA GLU A 111 7.04 -16.67 -8.85
C GLU A 111 6.56 -17.44 -7.62
N LYS A 112 7.34 -18.36 -7.13
CA LYS A 112 6.92 -19.15 -5.94
C LYS A 112 6.70 -18.22 -4.74
N ASN A 113 7.61 -17.32 -4.50
CA ASN A 113 7.46 -16.40 -3.33
C ASN A 113 6.12 -15.66 -3.43
N ALA A 114 5.74 -15.24 -4.61
CA ALA A 114 4.45 -14.51 -4.76
C ALA A 114 3.29 -15.49 -4.58
N ILE A 115 3.50 -16.74 -4.87
CA ILE A 115 2.41 -17.74 -4.72
C ILE A 115 2.10 -17.93 -3.22
N GLY A 116 3.12 -18.12 -2.42
CA GLY A 116 2.89 -18.32 -0.96
C GLY A 116 2.31 -17.04 -0.35
N PHE A 117 2.63 -15.91 -0.90
CA PHE A 117 2.09 -14.63 -0.34
C PHE A 117 0.60 -14.54 -0.63
N VAL A 118 0.18 -14.88 -1.82
CA VAL A 118 -1.27 -14.80 -2.16
C VAL A 118 -2.04 -15.87 -1.38
N LYS A 119 -1.44 -17.00 -1.12
CA LYS A 119 -2.15 -18.06 -0.36
C LYS A 119 -2.30 -17.65 1.10
N LYS A 120 -1.34 -16.95 1.64
CA LYS A 120 -1.43 -16.52 3.07
C LYS A 120 -2.25 -15.23 3.17
N ILE A 121 -2.42 -14.54 2.09
CA ILE A 121 -3.19 -13.27 2.13
C ILE A 121 -4.70 -13.59 2.07
N LEU A 122 -5.09 -14.50 1.22
CA LEU A 122 -6.53 -14.85 1.11
C LEU A 122 -7.06 -15.24 2.50
N ALA A 123 -6.22 -15.75 3.36
CA ALA A 123 -6.67 -16.14 4.72
C ALA A 123 -7.40 -14.98 5.37
N ASN A 124 -6.83 -13.81 5.35
CA ASN A 124 -7.49 -12.63 5.96
C ASN A 124 -7.47 -11.46 4.97
N PHE A 125 -8.13 -11.62 3.86
CA PHE A 125 -8.16 -10.53 2.85
C PHE A 125 -8.82 -9.29 3.44
N LYS A 126 -9.98 -9.44 4.03
CA LYS A 126 -10.66 -8.26 4.63
C LYS A 126 -9.73 -7.57 5.62
N ASP A 127 -8.84 -8.31 6.24
CA ASP A 127 -7.91 -7.69 7.23
C ASP A 127 -6.75 -7.02 6.49
N TYR A 128 -6.42 -7.49 5.31
CA TYR A 128 -5.29 -6.89 4.56
C TYR A 128 -5.78 -5.65 3.78
N ASP A 129 -7.05 -5.57 3.52
CA ASP A 129 -7.57 -4.39 2.77
C ASP A 129 -6.82 -4.29 1.44
N PHE A 130 -7.28 -3.45 0.55
CA PHE A 130 -6.57 -3.31 -0.76
C PHE A 130 -6.30 -1.83 -1.01
N TYR A 131 -5.05 -1.46 -1.16
CA TYR A 131 -4.74 -0.02 -1.39
C TYR A 131 -4.26 0.18 -2.83
N ILE A 132 -4.04 1.41 -3.21
CA ILE A 132 -3.56 1.70 -4.59
C ILE A 132 -2.70 2.96 -4.57
N GLY A 133 -1.91 3.16 -5.59
CA GLY A 133 -1.03 4.37 -5.64
C GLY A 133 -1.82 5.56 -6.20
N GLU A 134 -1.17 6.68 -6.36
CA GLU A 134 -1.88 7.87 -6.91
C GLU A 134 -2.22 7.62 -8.38
N SER A 135 -1.47 6.81 -9.05
CA SER A 135 -1.74 6.52 -10.48
C SER A 135 -3.14 5.90 -10.61
N MET A 136 -3.53 5.11 -9.65
CA MET A 136 -4.88 4.45 -9.71
C MET A 136 -4.90 3.47 -10.88
N ASP A 137 -3.83 2.76 -11.10
CA ASP A 137 -3.78 1.78 -12.21
C ASP A 137 -3.58 0.37 -11.64
N PRO A 138 -4.27 -0.58 -12.21
CA PRO A 138 -4.18 -1.98 -11.77
C PRO A 138 -2.85 -2.59 -12.23
N ASP A 139 -2.20 -1.96 -13.17
CA ASP A 139 -0.89 -2.50 -13.64
C ASP A 139 0.15 -2.32 -12.52
N ALA A 140 -0.17 -1.55 -11.52
CA ALA A 140 0.78 -1.35 -10.39
C ALA A 140 0.46 -2.33 -9.27
N MET A 141 1.45 -2.75 -8.52
CA MET A 141 1.19 -3.70 -7.40
C MET A 141 0.35 -3.01 -6.32
N VAL A 142 -0.61 -3.71 -5.77
CA VAL A 142 -1.46 -3.10 -4.72
C VAL A 142 -0.82 -3.32 -3.35
N VAL A 143 -0.89 -2.35 -2.48
CA VAL A 143 -0.28 -2.50 -1.14
C VAL A 143 -1.36 -2.93 -0.15
N LEU A 144 -1.03 -3.81 0.76
CA LEU A 144 -2.04 -4.25 1.74
C LEU A 144 -1.67 -3.73 3.13
N MET A 145 -2.62 -3.19 3.85
CA MET A 145 -2.33 -2.66 5.20
C MET A 145 -2.87 -3.63 6.26
N ASN A 146 -2.05 -4.03 7.19
CA ASN A 146 -2.53 -4.97 8.24
C ASN A 146 -1.77 -4.73 9.54
N TYR A 147 -2.32 -5.16 10.64
CA TYR A 147 -1.64 -4.95 11.95
C TYR A 147 -0.72 -6.15 12.22
N ARG A 148 0.53 -5.89 12.53
CA ARG A 148 1.47 -7.01 12.79
C ARG A 148 0.98 -7.82 13.99
N GLU A 149 1.82 -8.67 14.53
CA GLU A 149 1.40 -9.50 15.70
C GLU A 149 1.06 -8.58 16.87
N ASP A 150 1.70 -7.45 16.97
CA ASP A 150 1.43 -6.52 18.09
C ASP A 150 -0.07 -6.23 18.16
N GLY A 151 -0.62 -5.69 17.11
CA GLY A 151 -2.09 -5.37 17.11
C GLY A 151 -2.28 -3.86 17.11
N ILE A 152 -1.29 -3.12 17.56
CA ILE A 152 -1.40 -1.64 17.57
C ILE A 152 -0.35 -1.05 16.63
N THR A 153 0.31 -1.87 15.88
CA THR A 153 1.35 -1.36 14.93
C THR A 153 0.93 -1.68 13.50
N PRO A 154 0.40 -0.69 12.80
CA PRO A 154 -0.05 -0.84 11.41
C PRO A 154 1.16 -0.80 10.46
N TYR A 155 1.17 -1.66 9.48
CA TYR A 155 2.31 -1.67 8.52
C TYR A 155 1.81 -2.03 7.12
N MET A 156 2.31 -1.37 6.11
CA MET A 156 1.87 -1.68 4.72
C MET A 156 2.94 -2.54 4.04
N ILE A 157 2.62 -3.15 2.94
CA ILE A 157 3.64 -4.02 2.26
C ILE A 157 3.79 -3.59 0.80
N PHE A 158 5.01 -3.60 0.31
CA PHE A 158 5.26 -3.20 -1.10
C PHE A 158 6.17 -4.24 -1.76
N PHE A 159 5.69 -4.91 -2.78
CA PHE A 159 6.53 -5.94 -3.45
C PHE A 159 7.93 -5.37 -3.74
N LYS A 160 8.95 -6.14 -3.53
CA LYS A 160 10.33 -5.65 -3.80
C LYS A 160 10.49 -5.41 -5.30
N ASP A 161 10.18 -6.39 -6.10
CA ASP A 161 10.31 -6.21 -7.58
C ASP A 161 9.69 -4.87 -7.97
N GLY A 162 8.51 -4.60 -7.50
CA GLY A 162 7.84 -3.31 -7.84
C GLY A 162 8.28 -2.24 -6.83
N LEU A 163 9.56 -2.12 -6.61
CA LEU A 163 10.06 -1.11 -5.64
C LEU A 163 11.53 -0.80 -5.94
N VAL A 164 11.82 0.42 -6.30
CA VAL A 164 13.22 0.79 -6.61
C VAL A 164 13.72 1.80 -5.58
N SER A 165 14.99 1.77 -5.28
CA SER A 165 15.56 2.73 -4.29
C SER A 165 16.16 3.93 -5.02
N GLU A 166 15.66 5.11 -4.75
CA GLU A 166 16.22 6.32 -5.43
C GLU A 166 16.60 7.36 -4.38
N LYS A 167 17.81 7.87 -4.45
CA LYS A 167 18.24 8.89 -3.46
C LYS A 167 17.27 10.08 -3.50
N PHE A 168 16.76 10.48 -2.36
CA PHE A 168 15.81 11.62 -2.35
C PHE A 168 16.44 12.85 -2.99
N MET A 1 18.14 7.71 4.32
CA MET A 1 16.97 8.32 3.62
C MET A 1 16.89 7.77 2.20
N LEU A 2 16.11 6.74 2.00
CA LEU A 2 15.99 6.16 0.63
C LEU A 2 14.56 6.37 0.09
N LEU A 3 14.38 6.17 -1.19
CA LEU A 3 13.02 6.34 -1.78
C LEU A 3 12.65 5.08 -2.58
N TYR A 4 11.40 4.69 -2.54
CA TYR A 4 10.98 3.48 -3.29
C TYR A 4 9.88 3.84 -4.29
N LYS A 5 10.18 3.76 -5.56
CA LYS A 5 9.17 4.10 -6.59
C LYS A 5 8.78 2.83 -7.36
N ASP A 6 7.58 2.76 -7.85
CA ASP A 6 7.14 1.56 -8.61
C ASP A 6 7.90 1.48 -9.93
N VAL A 7 7.99 0.32 -10.51
CA VAL A 7 8.72 0.18 -11.81
C VAL A 7 7.71 0.27 -12.96
N ILE A 8 6.45 0.14 -12.68
CA ILE A 8 5.42 0.22 -13.75
C ILE A 8 4.98 1.67 -13.92
N SER A 9 5.11 2.46 -12.89
CA SER A 9 4.68 3.89 -12.99
C SER A 9 5.89 4.80 -12.71
N GLY A 10 6.63 4.51 -11.68
CA GLY A 10 7.81 5.36 -11.36
C GLY A 10 7.37 6.58 -10.55
N ASP A 11 6.74 6.37 -9.42
CA ASP A 11 6.29 7.53 -8.60
C ASP A 11 6.66 7.28 -7.14
N GLU A 12 6.34 8.20 -6.27
CA GLU A 12 6.67 8.01 -4.83
C GLU A 12 5.67 7.05 -4.18
N LEU A 13 5.94 5.78 -4.21
CA LEU A 13 5.01 4.80 -3.59
C LEU A 13 5.28 4.73 -2.08
N VAL A 14 6.45 4.32 -1.71
CA VAL A 14 6.80 4.24 -0.26
C VAL A 14 8.26 4.64 -0.08
N SER A 15 8.72 4.81 1.13
CA SER A 15 10.15 5.20 1.31
C SER A 15 10.65 4.79 2.70
N ASP A 16 11.90 5.05 2.98
CA ASP A 16 12.48 4.68 4.31
C ASP A 16 12.16 5.78 5.33
N ALA A 17 11.29 6.69 5.00
CA ALA A 17 10.94 7.76 5.97
C ALA A 17 10.23 7.14 7.18
N TYR A 18 9.88 5.88 7.09
CA TYR A 18 9.19 5.21 8.21
C TYR A 18 9.92 3.91 8.55
N ASP A 19 11.16 3.80 8.17
CA ASP A 19 11.92 2.54 8.46
C ASP A 19 11.24 1.40 7.70
N LEU A 20 11.98 0.66 6.92
CA LEU A 20 11.34 -0.45 6.16
C LEU A 20 11.98 -1.79 6.53
N LYS A 21 11.21 -2.85 6.50
CA LYS A 21 11.75 -4.18 6.84
C LYS A 21 11.50 -5.13 5.66
N GLU A 22 12.43 -5.98 5.34
CA GLU A 22 12.22 -6.91 4.20
C GLU A 22 11.82 -8.29 4.76
N VAL A 23 10.63 -8.73 4.48
CA VAL A 23 10.18 -10.05 4.98
C VAL A 23 10.97 -11.16 4.28
N ASP A 24 11.04 -12.32 4.87
CA ASP A 24 11.79 -13.45 4.23
C ASP A 24 11.49 -13.46 2.73
N ASP A 25 10.25 -13.36 2.36
CA ASP A 25 9.90 -13.36 0.91
C ASP A 25 10.56 -12.14 0.24
N ILE A 26 9.93 -11.59 -0.76
CA ILE A 26 10.52 -10.41 -1.44
C ILE A 26 9.55 -9.23 -1.34
N VAL A 27 9.23 -8.81 -0.14
CA VAL A 27 8.29 -7.68 0.04
C VAL A 27 8.85 -6.69 1.08
N TYR A 28 8.51 -5.43 0.94
CA TYR A 28 9.01 -4.43 1.92
C TYR A 28 7.84 -3.94 2.78
N GLU A 29 8.11 -3.44 3.96
CA GLU A 29 7.00 -2.96 4.82
C GLU A 29 7.37 -1.59 5.40
N ALA A 30 6.58 -0.59 5.13
CA ALA A 30 6.86 0.77 5.66
C ALA A 30 5.98 1.02 6.88
N ASP A 31 6.58 1.41 7.98
CA ASP A 31 5.77 1.67 9.21
C ASP A 31 4.89 2.89 9.01
N CYS A 32 3.72 2.90 9.58
CA CYS A 32 2.81 4.08 9.42
C CYS A 32 2.40 4.59 10.80
N GLN A 33 2.09 5.85 10.91
CA GLN A 33 1.68 6.40 12.23
C GLN A 33 0.29 7.02 12.13
N MET A 34 -0.45 7.04 13.20
CA MET A 34 -1.81 7.63 13.16
C MET A 34 -1.76 9.08 13.65
N VAL A 35 -2.41 9.98 12.98
CA VAL A 35 -2.39 11.41 13.42
C VAL A 35 -3.82 11.89 13.63
N THR A 36 -3.97 13.09 14.14
CA THR A 36 -5.34 13.63 14.37
C THR A 36 -5.69 14.65 13.29
N VAL A 37 -6.73 14.42 12.55
CA VAL A 37 -7.12 15.38 11.48
C VAL A 37 -8.64 15.58 11.50
N LYS A 38 -9.12 16.62 10.89
CA LYS A 38 -10.58 16.87 10.88
C LYS A 38 -11.08 16.96 9.43
N GLN A 39 -11.86 16.01 9.00
CA GLN A 39 -12.38 16.04 7.61
C GLN A 39 -13.91 16.15 7.62
N GLY A 40 -14.47 16.82 6.65
CA GLY A 40 -15.95 16.97 6.61
C GLY A 40 -16.61 15.62 6.92
N GLY A 41 -16.37 14.63 6.10
CA GLY A 41 -16.99 13.30 6.34
C GLY A 41 -17.87 12.91 5.15
N ASP A 42 -18.85 13.73 4.85
CA ASP A 42 -19.75 13.41 3.71
C ASP A 42 -19.78 14.59 2.73
N VAL A 43 -18.64 15.13 2.40
CA VAL A 43 -18.61 16.27 1.45
C VAL A 43 -19.34 15.90 0.17
N ASP A 44 -19.34 14.65 -0.19
CA ASP A 44 -20.04 14.22 -1.44
C ASP A 44 -21.51 13.94 -1.12
N ILE A 45 -22.32 13.73 -2.12
CA ILE A 45 -23.76 13.45 -1.87
C ILE A 45 -24.39 12.90 -3.15
N GLY A 46 -23.62 12.26 -3.98
CA GLY A 46 -24.19 11.68 -5.23
C GLY A 46 -24.24 12.76 -6.31
N ALA A 47 -23.61 13.88 -6.08
CA ALA A 47 -23.62 14.97 -7.10
C ALA A 47 -22.23 15.13 -7.71
N ASN A 48 -22.14 15.20 -9.00
CA ASN A 48 -20.80 15.36 -9.64
C ASN A 48 -19.90 14.18 -9.23
N PRO A 49 -19.99 13.11 -9.98
CA PRO A 49 -19.19 11.90 -9.71
C PRO A 49 -17.76 12.07 -10.23
N SER A 50 -16.80 12.03 -9.33
CA SER A 50 -15.38 12.19 -9.77
C SER A 50 -14.50 11.23 -8.98
N ALA A 51 -15.11 10.31 -8.26
CA ALA A 51 -14.30 9.33 -7.47
C ALA A 51 -15.21 8.20 -6.99
N GLU A 52 -16.14 8.49 -6.13
CA GLU A 52 -17.05 7.44 -5.62
C GLU A 52 -16.23 6.22 -5.19
N ASP A 53 -15.74 6.22 -3.98
CA ASP A 53 -14.94 5.07 -3.50
C ASP A 53 -15.63 4.42 -2.30
N ALA A 54 -16.92 4.22 -2.39
CA ALA A 54 -17.65 3.61 -1.25
C ALA A 54 -17.59 4.53 -0.03
N GLU A 55 -18.72 5.04 0.38
CA GLU A 55 -18.73 5.96 1.57
C GLU A 55 -18.75 5.12 2.85
N GLU A 56 -17.85 5.37 3.76
CA GLU A 56 -17.82 4.59 5.02
C GLU A 56 -17.32 5.48 6.16
N ASN A 57 -18.19 6.28 6.72
CA ASN A 57 -17.77 7.17 7.84
C ASN A 57 -18.49 6.74 9.12
N ALA A 58 -18.41 7.53 10.16
CA ALA A 58 -19.09 7.15 11.43
C ALA A 58 -18.88 8.25 12.48
N GLU A 59 -18.81 9.49 12.05
CA GLU A 59 -18.61 10.60 13.03
C GLU A 59 -17.46 10.25 13.98
N GLU A 60 -17.76 9.65 15.10
CA GLU A 60 -16.68 9.28 16.07
C GLU A 60 -15.76 10.49 16.29
N GLY A 61 -16.26 11.67 16.05
CA GLY A 61 -15.41 12.88 16.25
C GLY A 61 -14.25 12.86 15.25
N THR A 62 -14.43 13.46 14.10
CA THR A 62 -13.34 13.47 13.08
C THR A 62 -12.94 12.03 12.75
N GLU A 63 -11.79 11.86 12.16
CA GLU A 63 -11.34 10.48 11.81
C GLU A 63 -9.81 10.43 11.79
N THR A 64 -9.24 9.33 12.18
CA THR A 64 -7.76 9.22 12.18
C THR A 64 -7.28 8.70 10.81
N VAL A 65 -6.13 9.14 10.37
CA VAL A 65 -5.62 8.68 9.05
C VAL A 65 -4.13 8.33 9.17
N ASN A 66 -3.68 7.37 8.40
CA ASN A 66 -2.25 6.98 8.47
C ASN A 66 -1.40 8.10 7.85
N ASN A 67 -0.15 8.20 8.25
CA ASN A 67 0.71 9.27 7.69
C ASN A 67 1.25 8.83 6.33
N LEU A 68 1.20 7.56 6.04
CA LEU A 68 1.69 7.07 4.73
C LEU A 68 0.58 7.21 3.70
N VAL A 69 -0.64 7.01 4.10
CA VAL A 69 -1.77 7.15 3.14
C VAL A 69 -1.99 8.63 2.83
N TYR A 70 -1.99 9.47 3.82
CA TYR A 70 -2.21 10.91 3.58
C TYR A 70 -1.01 11.52 2.85
N SER A 71 0.18 11.06 3.16
CA SER A 71 1.39 11.62 2.50
C SER A 71 1.45 11.17 1.03
N PHE A 72 1.29 9.90 0.77
CA PHE A 72 1.34 9.42 -0.64
C PHE A 72 -0.05 9.40 -1.25
N ARG A 73 -1.06 9.78 -0.50
CA ARG A 73 -2.44 9.79 -1.04
C ARG A 73 -2.82 8.39 -1.54
N LEU A 74 -2.88 7.43 -0.66
CA LEU A 74 -3.26 6.05 -1.08
C LEU A 74 -4.77 5.99 -1.29
N SER A 75 -5.24 4.97 -1.96
CA SER A 75 -6.70 4.85 -2.20
C SER A 75 -7.17 3.44 -1.83
N PRO A 76 -7.85 3.32 -0.71
CA PRO A 76 -8.35 2.03 -0.23
C PRO A 76 -9.60 1.61 -1.02
N THR A 77 -9.54 0.48 -1.66
CA THR A 77 -10.73 0.01 -2.44
C THR A 77 -11.64 -0.80 -1.54
N SER A 78 -12.90 -0.92 -1.89
CA SER A 78 -13.84 -1.70 -1.05
C SER A 78 -14.33 -2.93 -1.83
N PHE A 79 -13.75 -3.18 -2.97
CA PHE A 79 -14.17 -4.37 -3.77
C PHE A 79 -12.93 -5.09 -4.31
N ASP A 80 -12.97 -6.39 -4.36
CA ASP A 80 -11.80 -7.16 -4.88
C ASP A 80 -12.01 -8.66 -4.66
N LYS A 81 -13.24 -9.11 -4.68
CA LYS A 81 -13.50 -10.55 -4.47
C LYS A 81 -12.85 -11.36 -5.61
N LYS A 82 -13.15 -11.00 -6.83
CA LYS A 82 -12.55 -11.74 -7.98
C LYS A 82 -11.71 -10.78 -8.81
N SER A 83 -12.08 -9.53 -8.85
CA SER A 83 -11.29 -8.53 -9.63
C SER A 83 -9.85 -8.50 -9.09
N TYR A 84 -9.70 -8.75 -7.82
CA TYR A 84 -8.34 -8.73 -7.21
C TYR A 84 -7.51 -9.89 -7.79
N MET A 85 -8.08 -11.05 -7.89
CA MET A 85 -7.33 -12.22 -8.43
C MET A 85 -6.89 -11.93 -9.87
N SER A 86 -7.77 -11.39 -10.67
CA SER A 86 -7.42 -11.09 -12.09
C SER A 86 -6.36 -9.98 -12.15
N TYR A 87 -6.31 -9.14 -11.16
CA TYR A 87 -5.30 -8.04 -11.18
C TYR A 87 -3.94 -8.57 -10.69
N ILE A 88 -3.95 -9.55 -9.84
CA ILE A 88 -2.67 -10.11 -9.33
C ILE A 88 -2.02 -10.98 -10.42
N LYS A 89 -2.82 -11.56 -11.28
CA LYS A 89 -2.26 -12.42 -12.35
C LYS A 89 -1.67 -11.53 -13.45
N GLY A 90 -2.42 -10.56 -13.90
CA GLY A 90 -1.90 -9.66 -14.97
C GLY A 90 -0.68 -8.90 -14.44
N TYR A 91 -0.68 -8.57 -13.19
CA TYR A 91 0.49 -7.86 -12.60
C TYR A 91 1.64 -8.84 -12.47
N MET A 92 1.32 -10.07 -12.17
CA MET A 92 2.39 -11.10 -12.05
C MET A 92 3.10 -11.23 -13.38
N LYS A 93 2.36 -11.17 -14.46
CA LYS A 93 3.00 -11.29 -15.81
C LYS A 93 3.88 -10.07 -16.06
N ALA A 94 3.45 -8.91 -15.65
CA ALA A 94 4.28 -7.69 -15.86
C ALA A 94 5.66 -7.94 -15.25
N ILE A 95 5.70 -8.41 -14.03
CA ILE A 95 7.01 -8.68 -13.37
C ILE A 95 7.76 -9.75 -14.16
N LYS A 96 7.07 -10.79 -14.57
CA LYS A 96 7.76 -11.86 -15.35
C LYS A 96 8.62 -11.23 -16.45
N ALA A 97 8.15 -10.17 -17.05
CA ALA A 97 8.93 -9.51 -18.12
C ALA A 97 10.11 -8.76 -17.49
N ARG A 98 9.86 -8.00 -16.46
CA ARG A 98 10.97 -7.25 -15.80
C ARG A 98 12.15 -8.19 -15.55
N LEU A 99 11.89 -9.36 -15.02
CA LEU A 99 12.99 -10.32 -14.76
C LEU A 99 13.63 -10.73 -16.09
N GLN A 100 12.83 -11.06 -17.06
CA GLN A 100 13.40 -11.46 -18.39
C GLN A 100 14.38 -10.37 -18.86
N GLU A 101 14.21 -9.17 -18.37
CA GLU A 101 15.11 -8.07 -18.78
C GLU A 101 16.43 -8.20 -18.02
N SER A 102 16.36 -8.38 -16.73
CA SER A 102 17.61 -8.51 -15.93
C SER A 102 18.12 -9.95 -16.01
N ASN A 103 17.45 -10.86 -15.37
CA ASN A 103 17.90 -12.29 -15.41
C ASN A 103 16.67 -13.20 -15.37
N PRO A 104 16.71 -14.25 -16.16
CA PRO A 104 15.61 -15.23 -16.23
C PRO A 104 15.60 -16.14 -15.00
N GLU A 105 16.66 -16.12 -14.22
CA GLU A 105 16.70 -16.98 -13.00
C GLU A 105 15.68 -16.49 -11.98
N ARG A 106 15.30 -15.23 -12.06
CA ARG A 106 14.31 -14.69 -11.09
C ARG A 106 12.89 -14.93 -11.62
N VAL A 107 12.77 -15.64 -12.71
CA VAL A 107 11.41 -15.91 -13.26
C VAL A 107 10.67 -16.91 -12.37
N PRO A 108 11.32 -18.01 -12.06
CA PRO A 108 10.74 -19.06 -11.20
C PRO A 108 10.85 -18.66 -9.73
N VAL A 109 11.90 -17.96 -9.37
CA VAL A 109 12.06 -17.55 -7.94
C VAL A 109 10.98 -16.54 -7.56
N PHE A 110 10.86 -15.48 -8.31
CA PHE A 110 9.83 -14.45 -7.98
C PHE A 110 8.43 -15.01 -8.23
N GLU A 111 8.27 -15.80 -9.25
CA GLU A 111 6.92 -16.37 -9.54
C GLU A 111 6.42 -17.20 -8.35
N LYS A 112 7.24 -18.08 -7.84
CA LYS A 112 6.82 -18.92 -6.69
C LYS A 112 6.71 -18.08 -5.41
N ASN A 113 7.60 -17.13 -5.23
CA ASN A 113 7.55 -16.29 -4.01
C ASN A 113 6.23 -15.50 -3.98
N ALA A 114 5.76 -15.08 -5.11
CA ALA A 114 4.48 -14.29 -5.15
C ALA A 114 3.31 -15.22 -4.83
N ILE A 115 3.43 -16.48 -5.13
CA ILE A 115 2.31 -17.43 -4.85
C ILE A 115 2.21 -17.65 -3.34
N GLY A 116 3.32 -17.64 -2.65
CA GLY A 116 3.29 -17.86 -1.17
C GLY A 116 2.59 -16.69 -0.48
N PHE A 117 2.92 -15.48 -0.87
CA PHE A 117 2.30 -14.29 -0.23
C PHE A 117 0.81 -14.24 -0.60
N VAL A 118 0.48 -14.45 -1.85
CA VAL A 118 -0.94 -14.40 -2.26
C VAL A 118 -1.76 -15.34 -1.38
N LYS A 119 -1.19 -16.45 -0.98
CA LYS A 119 -1.93 -17.41 -0.12
C LYS A 119 -2.08 -16.82 1.29
N LYS A 120 -1.04 -16.24 1.82
CA LYS A 120 -1.11 -15.65 3.18
C LYS A 120 -2.18 -14.56 3.22
N ILE A 121 -2.36 -13.85 2.15
CA ILE A 121 -3.38 -12.77 2.13
C ILE A 121 -4.78 -13.39 1.95
N LEU A 122 -4.89 -14.44 1.19
CA LEU A 122 -6.22 -15.08 1.00
C LEU A 122 -6.78 -15.53 2.35
N ALA A 123 -5.93 -15.86 3.28
CA ALA A 123 -6.42 -16.32 4.61
C ALA A 123 -7.26 -15.21 5.24
N ASN A 124 -6.87 -13.98 5.06
CA ASN A 124 -7.64 -12.85 5.65
C ASN A 124 -7.64 -11.67 4.67
N PHE A 125 -8.15 -11.88 3.49
CA PHE A 125 -8.19 -10.78 2.48
C PHE A 125 -8.97 -9.59 3.03
N LYS A 126 -9.92 -9.83 3.90
CA LYS A 126 -10.72 -8.70 4.46
C LYS A 126 -9.86 -7.90 5.45
N ASP A 127 -9.01 -8.56 6.18
CA ASP A 127 -8.15 -7.83 7.16
C ASP A 127 -6.97 -7.19 6.43
N TYR A 128 -6.61 -7.72 5.30
CA TYR A 128 -5.45 -7.14 4.55
C TYR A 128 -5.93 -5.99 3.67
N ASP A 129 -7.18 -5.99 3.30
CA ASP A 129 -7.69 -4.88 2.44
C ASP A 129 -6.82 -4.75 1.20
N PHE A 130 -7.18 -3.89 0.29
CA PHE A 130 -6.36 -3.70 -0.93
C PHE A 130 -6.23 -2.21 -1.22
N TYR A 131 -5.03 -1.69 -1.27
CA TYR A 131 -4.87 -0.25 -1.54
C TYR A 131 -4.46 -0.01 -2.99
N ILE A 132 -4.53 1.21 -3.43
CA ILE A 132 -4.15 1.51 -4.85
C ILE A 132 -3.76 2.99 -4.96
N GLY A 133 -2.78 3.28 -5.77
CA GLY A 133 -2.35 4.70 -5.92
C GLY A 133 -3.52 5.55 -6.43
N GLU A 134 -3.30 6.82 -6.61
CA GLU A 134 -4.39 7.70 -7.10
C GLU A 134 -4.73 7.33 -8.55
N SER A 135 -3.77 6.80 -9.27
CA SER A 135 -4.04 6.41 -10.68
C SER A 135 -5.16 5.36 -10.73
N MET A 136 -5.20 4.51 -9.75
CA MET A 136 -6.27 3.46 -9.71
C MET A 136 -5.88 2.31 -10.65
N ASP A 137 -4.62 2.19 -10.98
CA ASP A 137 -4.19 1.10 -11.89
C ASP A 137 -3.34 0.08 -11.10
N PRO A 138 -3.77 -1.17 -11.14
CA PRO A 138 -3.06 -2.25 -10.43
C PRO A 138 -1.77 -2.59 -11.17
N ASP A 139 -1.63 -2.11 -12.38
CA ASP A 139 -0.39 -2.39 -13.14
C ASP A 139 0.79 -1.77 -12.39
N ALA A 140 0.52 -0.79 -11.55
CA ALA A 140 1.62 -0.15 -10.78
C ALA A 140 2.05 -1.08 -9.64
N MET A 141 1.21 -1.23 -8.66
CA MET A 141 1.56 -2.12 -7.52
C MET A 141 0.48 -2.00 -6.43
N VAL A 142 0.07 -3.10 -5.86
CA VAL A 142 -0.97 -3.05 -4.80
C VAL A 142 -0.30 -3.13 -3.43
N VAL A 143 -0.80 -2.36 -2.48
CA VAL A 143 -0.19 -2.39 -1.11
C VAL A 143 -1.17 -3.02 -0.13
N LEU A 144 -0.70 -3.85 0.75
CA LEU A 144 -1.62 -4.49 1.74
C LEU A 144 -1.40 -3.86 3.12
N MET A 145 -2.46 -3.71 3.88
CA MET A 145 -2.32 -3.11 5.23
C MET A 145 -2.51 -4.20 6.29
N ASN A 146 -1.63 -4.26 7.25
CA ASN A 146 -1.75 -5.30 8.31
C ASN A 146 -1.32 -4.73 9.66
N TYR A 147 -1.73 -5.34 10.73
CA TYR A 147 -1.33 -4.83 12.08
C TYR A 147 -0.08 -5.57 12.56
N ARG A 148 0.77 -4.91 13.29
CA ARG A 148 2.00 -5.58 13.78
C ARG A 148 1.66 -6.47 14.98
N GLU A 149 2.65 -7.01 15.63
CA GLU A 149 2.38 -7.88 16.81
C GLU A 149 1.85 -7.03 17.97
N ASP A 150 2.11 -5.76 17.94
CA ASP A 150 1.62 -4.88 19.04
C ASP A 150 0.10 -4.77 18.97
N GLY A 151 -0.43 -4.32 17.86
CA GLY A 151 -1.91 -4.21 17.74
C GLY A 151 -2.29 -2.75 17.45
N ILE A 152 -1.36 -1.85 17.62
CA ILE A 152 -1.66 -0.42 17.35
C ILE A 152 -0.66 0.14 16.34
N THR A 153 0.18 -0.69 15.80
CA THR A 153 1.17 -0.20 14.80
C THR A 153 0.82 -0.78 13.42
N PRO A 154 0.19 0.03 12.61
CA PRO A 154 -0.20 -0.36 11.24
C PRO A 154 0.98 -0.23 10.27
N TYR A 155 1.22 -1.23 9.48
CA TYR A 155 2.36 -1.15 8.51
C TYR A 155 1.87 -1.62 7.13
N MET A 156 2.32 -1.00 6.09
CA MET A 156 1.88 -1.42 4.73
C MET A 156 2.95 -2.28 4.05
N ILE A 157 2.57 -3.02 3.04
CA ILE A 157 3.55 -3.89 2.34
C ILE A 157 3.55 -3.55 0.85
N PHE A 158 4.68 -3.63 0.21
CA PHE A 158 4.74 -3.31 -1.25
C PHE A 158 5.61 -4.35 -1.97
N PHE A 159 5.22 -4.74 -3.15
CA PHE A 159 6.03 -5.74 -3.90
C PHE A 159 7.44 -5.20 -4.11
N LYS A 160 8.43 -5.90 -3.61
CA LYS A 160 9.83 -5.43 -3.78
C LYS A 160 10.22 -5.50 -5.25
N ASP A 161 9.93 -6.59 -5.91
CA ASP A 161 10.28 -6.72 -7.34
C ASP A 161 9.72 -5.52 -8.12
N GLY A 162 8.67 -4.94 -7.62
CA GLY A 162 8.07 -3.76 -8.32
C GLY A 162 8.45 -2.48 -7.59
N LEU A 163 9.66 -2.40 -7.12
CA LEU A 163 10.10 -1.18 -6.38
C LEU A 163 11.60 -0.97 -6.59
N VAL A 164 12.03 0.25 -6.76
CA VAL A 164 13.48 0.51 -6.97
C VAL A 164 14.02 1.32 -5.78
N SER A 165 15.03 0.81 -5.12
CA SER A 165 15.60 1.54 -3.95
C SER A 165 16.57 2.60 -4.46
N GLU A 166 16.30 3.85 -4.15
CA GLU A 166 17.20 4.93 -4.62
C GLU A 166 17.81 5.64 -3.40
N LYS A 167 19.08 5.95 -3.46
CA LYS A 167 19.73 6.65 -2.31
C LYS A 167 19.40 8.14 -2.37
N PHE A 168 19.28 8.77 -1.24
CA PHE A 168 18.96 10.23 -1.24
C PHE A 168 20.08 11.00 -1.93
N MET A 1 18.06 9.11 3.28
CA MET A 1 16.60 9.06 3.04
C MET A 1 16.31 8.36 1.71
N LEU A 2 16.29 7.06 1.72
CA LEU A 2 16.04 6.31 0.45
C LEU A 2 14.54 6.39 0.11
N LEU A 3 14.20 6.22 -1.14
CA LEU A 3 12.77 6.29 -1.55
C LEU A 3 12.45 5.11 -2.48
N TYR A 4 11.47 4.32 -2.12
CA TYR A 4 11.11 3.16 -2.98
C TYR A 4 9.94 3.53 -3.90
N LYS A 5 10.21 3.65 -5.17
CA LYS A 5 9.13 4.02 -6.13
C LYS A 5 8.81 2.82 -7.01
N ASP A 6 7.60 2.73 -7.51
CA ASP A 6 7.24 1.56 -8.37
C ASP A 6 8.00 1.65 -9.69
N VAL A 7 8.55 0.57 -10.14
CA VAL A 7 9.31 0.59 -11.42
C VAL A 7 8.32 0.61 -12.60
N ILE A 8 7.23 -0.08 -12.46
CA ILE A 8 6.22 -0.11 -13.56
C ILE A 8 5.61 1.28 -13.73
N SER A 9 4.53 1.56 -13.06
CA SER A 9 3.90 2.91 -13.18
C SER A 9 3.53 3.42 -11.79
N GLY A 10 4.47 3.96 -11.07
CA GLY A 10 4.18 4.48 -9.71
C GLY A 10 5.02 5.72 -9.44
N ASP A 11 6.32 5.57 -9.42
CA ASP A 11 7.20 6.74 -9.16
C ASP A 11 7.02 7.22 -7.72
N GLU A 12 6.36 6.43 -6.91
CA GLU A 12 6.16 6.84 -5.49
C GLU A 12 5.21 5.86 -4.80
N LEU A 13 5.74 4.88 -4.13
CA LEU A 13 4.86 3.89 -3.44
C LEU A 13 5.21 3.86 -1.95
N VAL A 14 6.42 3.51 -1.62
CA VAL A 14 6.83 3.47 -0.19
C VAL A 14 8.22 4.10 -0.04
N SER A 15 8.63 4.40 1.17
CA SER A 15 9.98 5.01 1.34
C SER A 15 10.61 4.54 2.65
N ASP A 16 11.91 4.73 2.79
CA ASP A 16 12.60 4.31 4.02
C ASP A 16 12.44 5.36 5.12
N ALA A 17 11.62 6.35 4.88
CA ALA A 17 11.41 7.41 5.91
C ALA A 17 10.73 6.79 7.13
N TYR A 18 10.09 5.68 6.96
CA TYR A 18 9.41 5.01 8.11
C TYR A 18 10.16 3.73 8.48
N ASP A 19 11.40 3.62 8.10
CA ASP A 19 12.17 2.38 8.42
C ASP A 19 11.45 1.20 7.79
N LEU A 20 12.03 0.60 6.79
CA LEU A 20 11.36 -0.55 6.11
C LEU A 20 12.02 -1.86 6.51
N LYS A 21 11.24 -2.90 6.63
CA LYS A 21 11.83 -4.22 6.99
C LYS A 21 11.59 -5.19 5.84
N GLU A 22 12.60 -5.91 5.45
CA GLU A 22 12.45 -6.88 4.33
C GLU A 22 12.20 -8.28 4.92
N VAL A 23 11.10 -8.88 4.60
CA VAL A 23 10.80 -10.24 5.15
C VAL A 23 11.72 -11.26 4.47
N ASP A 24 11.97 -12.37 5.12
CA ASP A 24 12.86 -13.40 4.52
C ASP A 24 12.51 -13.58 3.04
N ASP A 25 11.26 -13.40 2.69
CA ASP A 25 10.86 -13.57 1.27
C ASP A 25 11.44 -12.42 0.43
N ILE A 26 10.64 -11.46 0.07
CA ILE A 26 11.16 -10.32 -0.75
C ILE A 26 10.14 -9.19 -0.75
N VAL A 27 9.85 -8.62 0.39
CA VAL A 27 8.85 -7.51 0.44
C VAL A 27 9.30 -6.47 1.45
N TYR A 28 9.08 -5.21 1.15
CA TYR A 28 9.48 -4.14 2.10
C TYR A 28 8.25 -3.66 2.87
N GLU A 29 8.35 -3.54 4.16
CA GLU A 29 7.19 -3.09 4.97
C GLU A 29 7.43 -1.67 5.46
N ALA A 30 6.54 -0.76 5.18
CA ALA A 30 6.73 0.65 5.64
C ALA A 30 5.77 0.94 6.80
N ASP A 31 6.31 1.20 7.96
CA ASP A 31 5.44 1.49 9.14
C ASP A 31 4.77 2.85 8.97
N CYS A 32 3.57 2.99 9.47
CA CYS A 32 2.86 4.30 9.34
C CYS A 32 2.64 4.90 10.72
N GLN A 33 2.26 6.15 10.80
CA GLN A 33 2.04 6.78 12.12
C GLN A 33 0.69 7.51 12.13
N MET A 34 0.05 7.57 13.25
CA MET A 34 -1.27 8.27 13.32
C MET A 34 -1.08 9.68 13.88
N VAL A 35 -1.46 10.68 13.13
CA VAL A 35 -1.31 12.08 13.62
C VAL A 35 -2.69 12.75 13.68
N THR A 36 -2.90 13.60 14.64
CA THR A 36 -4.22 14.28 14.76
C THR A 36 -4.30 15.43 13.76
N VAL A 37 -5.34 15.47 12.98
CA VAL A 37 -5.48 16.57 11.98
C VAL A 37 -6.89 17.16 12.05
N LYS A 38 -7.00 18.45 12.06
CA LYS A 38 -8.35 19.08 12.13
C LYS A 38 -8.83 19.44 10.73
N GLN A 39 -9.74 18.67 10.18
CA GLN A 39 -10.24 18.97 8.82
C GLN A 39 -11.72 19.34 8.90
N GLY A 40 -12.20 20.15 7.99
CA GLY A 40 -13.63 20.56 8.02
C GLY A 40 -14.17 20.62 6.58
N GLY A 41 -13.61 21.47 5.77
CA GLY A 41 -14.08 21.58 4.36
C GLY A 41 -13.45 22.81 3.71
N ASP A 42 -13.83 23.99 4.12
CA ASP A 42 -13.26 25.23 3.52
C ASP A 42 -13.08 25.04 2.01
N VAL A 43 -13.97 24.32 1.39
CA VAL A 43 -13.86 24.09 -0.08
C VAL A 43 -15.26 24.18 -0.72
N ASP A 44 -16.26 23.67 -0.05
CA ASP A 44 -17.63 23.73 -0.62
C ASP A 44 -17.59 23.34 -2.10
N ILE A 45 -17.77 22.08 -2.40
CA ILE A 45 -17.74 21.64 -3.83
C ILE A 45 -18.95 22.22 -4.56
N GLY A 46 -20.13 21.84 -4.16
CA GLY A 46 -21.35 22.37 -4.85
C GLY A 46 -22.33 22.89 -3.79
N ALA A 47 -23.02 23.95 -4.08
CA ALA A 47 -23.99 24.51 -3.10
C ALA A 47 -25.03 23.45 -2.75
N ASN A 48 -25.13 23.10 -1.50
CA ASN A 48 -26.13 22.07 -1.09
C ASN A 48 -26.02 21.83 0.42
N PRO A 49 -26.79 22.58 1.16
CA PRO A 49 -26.81 22.48 2.64
C PRO A 49 -27.65 21.28 3.08
N SER A 50 -27.02 20.22 3.48
CA SER A 50 -27.78 19.01 3.91
C SER A 50 -27.03 18.30 5.04
N ALA A 51 -26.82 18.98 6.15
CA ALA A 51 -26.10 18.33 7.28
C ALA A 51 -25.84 19.37 8.38
N GLU A 52 -25.81 18.94 9.61
CA GLU A 52 -25.56 19.89 10.74
C GLU A 52 -26.55 21.05 10.65
N ASP A 53 -27.82 20.75 10.57
CA ASP A 53 -28.83 21.84 10.50
C ASP A 53 -28.87 22.58 11.84
N ALA A 54 -28.73 21.88 12.93
CA ALA A 54 -28.75 22.55 14.26
C ALA A 54 -27.53 23.45 14.38
N GLU A 55 -27.74 24.70 14.71
CA GLU A 55 -26.59 25.65 14.83
C GLU A 55 -25.54 25.05 15.76
N GLU A 56 -24.42 24.63 15.22
CA GLU A 56 -23.34 24.07 16.07
C GLU A 56 -23.74 22.66 16.54
N ASN A 57 -22.86 21.71 16.39
CA ASN A 57 -23.19 20.31 16.82
C ASN A 57 -22.27 19.93 17.98
N ALA A 58 -22.10 18.66 18.23
CA ALA A 58 -21.21 18.23 19.34
C ALA A 58 -19.88 17.74 18.77
N GLU A 59 -19.92 16.74 17.93
CA GLU A 59 -18.65 16.21 17.34
C GLU A 59 -17.86 17.37 16.72
N GLU A 60 -16.58 17.16 16.49
CA GLU A 60 -15.76 18.24 15.89
C GLU A 60 -15.33 17.83 14.48
N GLY A 61 -15.35 16.55 14.20
CA GLY A 61 -14.94 16.08 12.84
C GLY A 61 -13.47 15.66 12.87
N THR A 62 -12.83 15.74 14.01
CA THR A 62 -11.40 15.34 14.09
C THR A 62 -11.25 13.89 13.64
N GLU A 63 -10.25 13.61 12.86
CA GLU A 63 -10.04 12.21 12.37
C GLU A 63 -8.55 11.93 12.23
N THR A 64 -8.12 10.73 12.56
CA THR A 64 -6.67 10.41 12.45
C THR A 64 -6.36 9.94 11.02
N VAL A 65 -5.18 10.23 10.55
CA VAL A 65 -4.80 9.80 9.17
C VAL A 65 -3.38 9.24 9.18
N ASN A 66 -3.14 8.18 8.47
CA ASN A 66 -1.77 7.58 8.46
C ASN A 66 -0.78 8.58 7.86
N ASN A 67 0.47 8.50 8.24
CA ASN A 67 1.48 9.45 7.70
C ASN A 67 1.93 8.97 6.32
N LEU A 68 1.76 7.70 6.03
CA LEU A 68 2.18 7.19 4.70
C LEU A 68 1.05 7.45 3.70
N VAL A 69 -0.17 7.27 4.13
CA VAL A 69 -1.32 7.51 3.22
C VAL A 69 -1.41 9.01 2.90
N TYR A 70 -1.27 9.84 3.89
CA TYR A 70 -1.34 11.31 3.65
C TYR A 70 -0.11 11.77 2.86
N SER A 71 1.04 11.25 3.19
CA SER A 71 2.28 11.67 2.47
C SER A 71 2.19 11.27 1.00
N PHE A 72 1.56 10.16 0.70
CA PHE A 72 1.47 9.74 -0.73
C PHE A 72 0.02 9.85 -1.21
N ARG A 73 -0.84 10.41 -0.41
CA ARG A 73 -2.26 10.57 -0.82
C ARG A 73 -2.83 9.20 -1.24
N LEU A 74 -2.38 8.15 -0.63
CA LEU A 74 -2.90 6.80 -1.00
C LEU A 74 -4.42 6.87 -1.16
N SER A 75 -5.01 5.87 -1.76
CA SER A 75 -6.49 5.89 -1.94
C SER A 75 -7.08 4.59 -1.40
N PRO A 76 -8.24 4.70 -0.77
CA PRO A 76 -8.95 3.55 -0.20
C PRO A 76 -9.68 2.77 -1.29
N THR A 77 -9.46 1.48 -1.38
CA THR A 77 -10.13 0.68 -2.43
C THR A 77 -10.60 -0.65 -1.83
N SER A 78 -11.27 -1.46 -2.60
CA SER A 78 -11.75 -2.78 -2.09
C SER A 78 -11.16 -3.89 -2.95
N PHE A 79 -11.87 -4.97 -3.08
CA PHE A 79 -11.35 -6.10 -3.92
C PHE A 79 -12.48 -7.07 -4.23
N ASP A 80 -12.20 -8.13 -4.93
CA ASP A 80 -13.27 -9.11 -5.26
C ASP A 80 -12.90 -10.50 -4.70
N LYS A 81 -13.85 -11.17 -4.11
CA LYS A 81 -13.56 -12.52 -3.53
C LYS A 81 -13.13 -13.47 -4.64
N LYS A 82 -13.73 -13.38 -5.80
CA LYS A 82 -13.36 -14.30 -6.92
C LYS A 82 -12.60 -13.50 -8.00
N SER A 83 -12.95 -12.26 -8.19
CA SER A 83 -12.26 -11.45 -9.23
C SER A 83 -10.82 -11.13 -8.78
N TYR A 84 -10.59 -11.05 -7.49
CA TYR A 84 -9.22 -10.73 -7.01
C TYR A 84 -8.23 -11.75 -7.55
N MET A 85 -8.63 -13.00 -7.67
CA MET A 85 -7.69 -14.03 -8.18
C MET A 85 -7.12 -13.58 -9.53
N SER A 86 -7.94 -13.05 -10.40
CA SER A 86 -7.44 -12.61 -11.72
C SER A 86 -6.58 -11.35 -11.57
N TYR A 87 -6.98 -10.44 -10.73
CA TYR A 87 -6.17 -9.20 -10.54
C TYR A 87 -4.74 -9.57 -10.13
N ILE A 88 -4.60 -10.30 -9.06
CA ILE A 88 -3.24 -10.70 -8.61
C ILE A 88 -2.54 -11.50 -9.71
N LYS A 89 -3.29 -12.19 -10.52
CA LYS A 89 -2.66 -12.98 -11.61
C LYS A 89 -1.93 -12.04 -12.56
N GLY A 90 -2.62 -11.08 -13.13
CA GLY A 90 -1.96 -10.13 -14.06
C GLY A 90 -0.96 -9.26 -13.30
N TYR A 91 -1.10 -9.17 -12.00
CA TYR A 91 -0.15 -8.36 -11.20
C TYR A 91 1.19 -9.09 -11.19
N MET A 92 1.14 -10.38 -11.06
CA MET A 92 2.40 -11.16 -11.04
C MET A 92 3.00 -11.14 -12.45
N LYS A 93 2.19 -11.27 -13.46
CA LYS A 93 2.71 -11.26 -14.85
C LYS A 93 3.55 -9.99 -15.07
N ALA A 94 3.10 -8.88 -14.53
CA ALA A 94 3.88 -7.63 -14.70
C ALA A 94 5.31 -7.85 -14.23
N ILE A 95 5.48 -8.46 -13.09
CA ILE A 95 6.85 -8.71 -12.58
C ILE A 95 7.59 -9.64 -13.54
N LYS A 96 6.89 -10.61 -14.09
CA LYS A 96 7.56 -11.55 -15.05
C LYS A 96 8.20 -10.73 -16.18
N ALA A 97 7.58 -9.66 -16.58
CA ALA A 97 8.14 -8.83 -17.68
C ALA A 97 9.37 -8.06 -17.17
N ARG A 98 9.29 -7.48 -16.00
CA ARG A 98 10.45 -6.71 -15.47
C ARG A 98 11.67 -7.63 -15.35
N LEU A 99 11.46 -8.89 -15.09
CA LEU A 99 12.60 -9.82 -14.96
C LEU A 99 13.19 -10.10 -16.35
N GLN A 100 12.35 -10.34 -17.32
CA GLN A 100 12.86 -10.62 -18.69
C GLN A 100 13.71 -9.44 -19.17
N GLU A 101 13.34 -8.23 -18.82
CA GLU A 101 14.12 -7.05 -19.26
C GLU A 101 15.31 -6.84 -18.30
N SER A 102 15.24 -7.41 -17.13
CA SER A 102 16.36 -7.25 -16.16
C SER A 102 17.01 -8.61 -15.90
N ASN A 103 16.36 -9.44 -15.13
CA ASN A 103 16.94 -10.78 -14.84
C ASN A 103 15.91 -11.86 -15.17
N PRO A 104 16.03 -12.40 -16.36
CA PRO A 104 15.12 -13.45 -16.84
C PRO A 104 15.42 -14.79 -16.16
N GLU A 105 16.61 -14.95 -15.65
CA GLU A 105 16.96 -16.22 -14.96
C GLU A 105 16.22 -16.30 -13.62
N ARG A 106 15.78 -15.19 -13.10
CA ARG A 106 15.06 -15.22 -11.81
C ARG A 106 13.54 -15.15 -12.06
N VAL A 107 13.12 -15.51 -13.25
CA VAL A 107 11.67 -15.47 -13.58
C VAL A 107 10.90 -16.55 -12.79
N PRO A 108 11.43 -17.75 -12.76
CA PRO A 108 10.78 -18.86 -12.04
C PRO A 108 11.01 -18.74 -10.54
N VAL A 109 12.06 -18.08 -10.14
CA VAL A 109 12.33 -17.92 -8.68
C VAL A 109 11.30 -16.97 -8.07
N PHE A 110 11.15 -15.80 -8.65
CA PHE A 110 10.17 -14.82 -8.12
C PHE A 110 8.75 -15.35 -8.33
N GLU A 111 8.49 -15.99 -9.43
CA GLU A 111 7.12 -16.52 -9.68
C GLU A 111 6.74 -17.52 -8.59
N LYS A 112 7.68 -18.32 -8.15
CA LYS A 112 7.36 -19.33 -7.09
C LYS A 112 7.13 -18.64 -5.75
N ASN A 113 7.88 -17.62 -5.45
CA ASN A 113 7.70 -16.91 -4.14
C ASN A 113 6.35 -16.19 -4.11
N ALA A 114 6.06 -15.42 -5.12
CA ALA A 114 4.77 -14.66 -5.14
C ALA A 114 3.58 -15.64 -5.06
N ILE A 115 3.72 -16.80 -5.63
CA ILE A 115 2.59 -17.77 -5.59
C ILE A 115 2.23 -18.07 -4.13
N GLY A 116 3.20 -18.33 -3.30
CA GLY A 116 2.91 -18.64 -1.87
C GLY A 116 2.36 -17.39 -1.16
N PHE A 117 2.95 -16.25 -1.39
CA PHE A 117 2.46 -15.00 -0.73
C PHE A 117 1.00 -14.76 -1.06
N VAL A 118 0.58 -15.07 -2.26
CA VAL A 118 -0.84 -14.84 -2.64
C VAL A 118 -1.77 -15.70 -1.76
N LYS A 119 -1.39 -16.92 -1.49
CA LYS A 119 -2.23 -17.80 -0.65
C LYS A 119 -2.18 -17.31 0.80
N LYS A 120 -1.11 -16.70 1.19
CA LYS A 120 -0.99 -16.18 2.59
C LYS A 120 -1.99 -15.05 2.80
N ILE A 121 -1.92 -14.03 2.00
CA ILE A 121 -2.87 -12.89 2.16
C ILE A 121 -4.31 -13.39 1.99
N LEU A 122 -4.56 -14.23 1.03
CA LEU A 122 -5.94 -14.75 0.82
C LEU A 122 -6.51 -15.22 2.15
N ALA A 123 -5.66 -15.64 3.07
CA ALA A 123 -6.16 -16.11 4.39
C ALA A 123 -7.08 -15.05 5.00
N ASN A 124 -6.64 -13.83 5.04
CA ASN A 124 -7.48 -12.75 5.63
C ASN A 124 -7.41 -11.51 4.73
N PHE A 125 -7.74 -11.65 3.47
CA PHE A 125 -7.70 -10.50 2.54
C PHE A 125 -8.62 -9.38 3.06
N LYS A 126 -9.70 -9.75 3.68
CA LYS A 126 -10.65 -8.72 4.21
C LYS A 126 -9.92 -7.81 5.20
N ASP A 127 -9.06 -8.35 6.01
CA ASP A 127 -8.33 -7.52 7.00
C ASP A 127 -7.17 -6.79 6.31
N TYR A 128 -6.68 -7.32 5.22
CA TYR A 128 -5.56 -6.66 4.50
C TYR A 128 -6.09 -5.48 3.70
N ASP A 129 -7.39 -5.35 3.59
CA ASP A 129 -7.97 -4.22 2.82
C ASP A 129 -7.26 -4.12 1.47
N PHE A 130 -7.58 -3.11 0.70
CA PHE A 130 -6.93 -2.96 -0.63
C PHE A 130 -6.64 -1.48 -0.85
N TYR A 131 -5.39 -1.12 -1.04
CA TYR A 131 -5.06 0.31 -1.26
C TYR A 131 -4.59 0.54 -2.68
N ILE A 132 -4.41 1.78 -3.06
CA ILE A 132 -3.94 2.08 -4.44
C ILE A 132 -3.12 3.37 -4.43
N GLY A 133 -2.05 3.42 -5.17
CA GLY A 133 -1.21 4.65 -5.20
C GLY A 133 -2.06 5.83 -5.69
N GLU A 134 -1.62 7.03 -5.40
CA GLU A 134 -2.40 8.22 -5.86
C GLU A 134 -2.44 8.26 -7.39
N SER A 135 -1.51 7.60 -8.03
CA SER A 135 -1.48 7.60 -9.52
C SER A 135 -2.72 6.88 -10.04
N MET A 136 -3.17 5.85 -9.35
CA MET A 136 -4.37 5.10 -9.81
C MET A 136 -3.99 4.22 -11.01
N ASP A 137 -3.07 3.32 -10.83
CA ASP A 137 -2.67 2.44 -11.96
C ASP A 137 -2.70 0.97 -11.49
N PRO A 138 -3.66 0.24 -12.00
CA PRO A 138 -3.82 -1.19 -11.64
C PRO A 138 -2.75 -2.04 -12.34
N ASP A 139 -1.93 -1.42 -13.14
CA ASP A 139 -0.86 -2.18 -13.84
C ASP A 139 0.49 -1.91 -13.16
N ALA A 140 0.50 -1.06 -12.17
CA ALA A 140 1.78 -0.74 -11.47
C ALA A 140 1.95 -1.68 -10.28
N MET A 141 1.18 -1.47 -9.24
CA MET A 141 1.30 -2.34 -8.03
C MET A 141 0.27 -1.92 -6.99
N VAL A 142 -0.32 -2.88 -6.31
CA VAL A 142 -1.33 -2.54 -5.26
C VAL A 142 -0.68 -2.68 -3.89
N VAL A 143 -1.00 -1.81 -2.97
CA VAL A 143 -0.40 -1.92 -1.61
C VAL A 143 -1.42 -2.52 -0.65
N LEU A 144 -0.96 -3.32 0.28
CA LEU A 144 -1.91 -3.93 1.25
C LEU A 144 -1.73 -3.26 2.61
N MET A 145 -2.81 -2.91 3.25
CA MET A 145 -2.70 -2.25 4.58
C MET A 145 -3.27 -3.18 5.66
N ASN A 146 -2.49 -3.49 6.66
CA ASN A 146 -2.99 -4.38 7.74
C ASN A 146 -2.41 -3.93 9.08
N TYR A 147 -3.17 -4.06 10.13
CA TYR A 147 -2.67 -3.64 11.46
C TYR A 147 -1.66 -4.68 11.98
N ARG A 148 -0.69 -4.26 12.73
CA ARG A 148 0.33 -5.22 13.25
C ARG A 148 -0.38 -6.34 14.01
N GLU A 149 0.37 -7.19 14.67
CA GLU A 149 -0.25 -8.30 15.43
C GLU A 149 -0.77 -7.79 16.78
N ASP A 150 -0.57 -6.52 17.05
CA ASP A 150 -1.04 -5.96 18.35
C ASP A 150 -2.30 -5.13 18.10
N GLY A 151 -2.37 -4.46 16.99
CA GLY A 151 -3.57 -3.62 16.69
C GLY A 151 -3.35 -2.21 17.22
N ILE A 152 -2.16 -1.69 17.11
CA ILE A 152 -1.88 -0.32 17.61
C ILE A 152 -1.22 0.51 16.51
N THR A 153 -0.53 -0.12 15.59
CA THR A 153 0.12 0.65 14.50
C THR A 153 -0.12 -0.07 13.15
N PRO A 154 -0.52 0.68 12.16
CA PRO A 154 -0.79 0.13 10.82
C PRO A 154 0.51 -0.03 10.03
N TYR A 155 0.54 -0.94 9.10
CA TYR A 155 1.78 -1.14 8.28
C TYR A 155 1.40 -1.52 6.86
N MET A 156 2.02 -0.92 5.89
CA MET A 156 1.69 -1.24 4.47
C MET A 156 2.77 -2.17 3.89
N ILE A 157 2.42 -2.96 2.91
CA ILE A 157 3.43 -3.89 2.32
C ILE A 157 3.68 -3.49 0.86
N PHE A 158 4.89 -3.65 0.39
CA PHE A 158 5.20 -3.29 -1.02
C PHE A 158 6.07 -4.38 -1.65
N PHE A 159 5.70 -4.86 -2.79
CA PHE A 159 6.51 -5.93 -3.45
C PHE A 159 7.91 -5.40 -3.74
N LYS A 160 8.93 -6.11 -3.32
CA LYS A 160 10.32 -5.64 -3.57
C LYS A 160 10.64 -5.71 -5.06
N ASP A 161 10.45 -6.86 -5.67
CA ASP A 161 10.74 -6.99 -7.12
C ASP A 161 10.19 -5.78 -7.87
N GLY A 162 9.08 -5.24 -7.44
CA GLY A 162 8.52 -4.06 -8.14
C GLY A 162 8.81 -2.79 -7.33
N LEU A 163 10.04 -2.54 -7.01
CA LEU A 163 10.39 -1.33 -6.22
C LEU A 163 11.89 -1.03 -6.36
N VAL A 164 12.23 0.18 -6.69
CA VAL A 164 13.67 0.53 -6.83
C VAL A 164 14.06 1.54 -5.75
N SER A 165 15.22 1.37 -5.16
CA SER A 165 15.65 2.32 -4.09
C SER A 165 16.27 3.57 -4.73
N GLU A 166 16.03 4.72 -4.15
CA GLU A 166 16.60 5.97 -4.73
C GLU A 166 17.22 6.81 -3.61
N LYS A 167 18.48 7.13 -3.72
CA LYS A 167 19.13 7.97 -2.67
C LYS A 167 19.12 9.43 -3.10
N PHE A 168 18.36 10.25 -2.42
CA PHE A 168 18.30 11.69 -2.79
C PHE A 168 18.03 11.83 -4.28
N MET A 1 16.99 8.64 4.09
CA MET A 1 15.71 9.07 3.46
C MET A 1 15.69 8.65 1.99
N LEU A 2 15.18 7.49 1.70
CA LEU A 2 15.14 7.02 0.28
C LEU A 2 13.71 7.13 -0.26
N LEU A 3 13.56 7.21 -1.54
CA LEU A 3 12.18 7.31 -2.12
C LEU A 3 11.79 5.96 -2.71
N TYR A 4 10.69 5.41 -2.28
CA TYR A 4 10.25 4.09 -2.82
C TYR A 4 9.03 4.29 -3.73
N LYS A 5 9.16 3.95 -4.99
CA LYS A 5 8.02 4.11 -5.92
C LYS A 5 7.94 2.90 -6.85
N ASP A 6 6.80 2.62 -7.40
CA ASP A 6 6.67 1.45 -8.31
C ASP A 6 7.53 1.67 -9.55
N VAL A 7 7.92 0.61 -10.21
CA VAL A 7 8.76 0.76 -11.43
C VAL A 7 7.88 0.67 -12.67
N ILE A 8 6.64 0.27 -12.51
CA ILE A 8 5.73 0.17 -13.68
C ILE A 8 4.97 1.50 -13.83
N SER A 9 4.84 2.24 -12.78
CA SER A 9 4.10 3.54 -12.86
C SER A 9 5.00 4.68 -12.38
N GLY A 10 6.11 4.36 -11.78
CA GLY A 10 7.02 5.43 -11.27
C GLY A 10 6.23 6.42 -10.43
N ASP A 11 5.59 5.96 -9.39
CA ASP A 11 4.80 6.88 -8.53
C ASP A 11 5.24 6.71 -7.07
N GLU A 12 5.44 7.79 -6.36
CA GLU A 12 5.87 7.69 -4.94
C GLU A 12 4.76 7.01 -4.13
N LEU A 13 5.05 5.86 -3.57
CA LEU A 13 4.03 5.13 -2.77
C LEU A 13 4.50 5.03 -1.32
N VAL A 14 5.73 4.61 -1.10
CA VAL A 14 6.24 4.50 0.28
C VAL A 14 7.66 5.06 0.34
N SER A 15 8.26 5.15 1.50
CA SER A 15 9.64 5.69 1.58
C SER A 15 10.32 5.25 2.87
N ASP A 16 11.59 5.54 3.01
CA ASP A 16 12.34 5.13 4.23
C ASP A 16 12.11 6.16 5.33
N ALA A 17 11.31 7.16 5.08
CA ALA A 17 11.05 8.18 6.13
C ALA A 17 10.29 7.53 7.30
N TYR A 18 9.81 6.34 7.10
CA TYR A 18 9.05 5.64 8.18
C TYR A 18 9.76 4.32 8.51
N ASP A 19 11.02 4.22 8.17
CA ASP A 19 11.77 2.96 8.46
C ASP A 19 11.19 1.84 7.59
N LEU A 20 12.05 1.08 6.95
CA LEU A 20 11.55 -0.02 6.08
C LEU A 20 12.26 -1.32 6.44
N LYS A 21 11.56 -2.42 6.38
CA LYS A 21 12.19 -3.73 6.71
C LYS A 21 11.90 -4.73 5.60
N GLU A 22 12.90 -5.45 5.16
CA GLU A 22 12.69 -6.44 4.08
C GLU A 22 12.37 -7.80 4.72
N VAL A 23 11.24 -8.37 4.40
CA VAL A 23 10.88 -9.68 4.99
C VAL A 23 11.67 -10.79 4.29
N ASP A 24 11.90 -11.89 4.96
CA ASP A 24 12.66 -13.01 4.33
C ASP A 24 12.18 -13.21 2.90
N ASP A 25 10.90 -13.06 2.67
CA ASP A 25 10.37 -13.25 1.29
C ASP A 25 10.98 -12.18 0.37
N ILE A 26 10.17 -11.38 -0.29
CA ILE A 26 10.72 -10.35 -1.20
C ILE A 26 9.82 -9.12 -1.17
N VAL A 27 9.70 -8.47 -0.05
CA VAL A 27 8.83 -7.26 0.04
C VAL A 27 9.35 -6.31 1.13
N TYR A 28 8.92 -5.09 1.11
CA TYR A 28 9.39 -4.12 2.14
C TYR A 28 8.18 -3.68 2.99
N GLU A 29 8.43 -3.22 4.18
CA GLU A 29 7.31 -2.79 5.06
C GLU A 29 7.59 -1.38 5.60
N ALA A 30 6.65 -0.48 5.44
CA ALA A 30 6.86 0.91 5.95
C ALA A 30 5.91 1.16 7.12
N ASP A 31 6.45 1.40 8.29
CA ASP A 31 5.58 1.66 9.47
C ASP A 31 4.77 2.93 9.24
N CYS A 32 3.54 2.95 9.68
CA CYS A 32 2.70 4.17 9.49
C CYS A 32 1.99 4.51 10.80
N GLN A 33 1.68 5.75 11.02
CA GLN A 33 0.98 6.13 12.28
C GLN A 33 -0.51 6.38 11.99
N MET A 34 -1.33 6.36 13.01
CA MET A 34 -2.78 6.60 12.80
C MET A 34 -3.14 8.00 13.26
N VAL A 35 -3.86 8.74 12.46
CA VAL A 35 -4.24 10.12 12.86
C VAL A 35 -5.71 10.35 12.49
N THR A 36 -6.51 10.80 13.42
CA THR A 36 -7.94 11.05 13.12
C THR A 36 -8.08 12.35 12.33
N VAL A 37 -8.89 12.35 11.30
CA VAL A 37 -9.06 13.59 10.50
C VAL A 37 -10.54 13.78 10.16
N LYS A 38 -10.96 15.01 9.97
CA LYS A 38 -12.39 15.26 9.63
C LYS A 38 -12.59 15.19 8.12
N GLN A 39 -13.02 14.07 7.62
CA GLN A 39 -13.24 13.94 6.15
C GLN A 39 -14.74 14.03 5.84
N GLY A 40 -15.09 14.72 4.79
CA GLY A 40 -16.53 14.84 4.44
C GLY A 40 -16.81 14.10 3.13
N GLY A 41 -17.01 14.81 2.06
CA GLY A 41 -17.29 14.15 0.75
C GLY A 41 -15.99 14.04 -0.06
N ASP A 42 -15.87 13.05 -0.89
CA ASP A 42 -14.64 12.89 -1.70
C ASP A 42 -15.02 12.71 -3.17
N VAL A 43 -15.77 11.69 -3.48
CA VAL A 43 -16.19 11.46 -4.89
C VAL A 43 -17.65 11.03 -4.93
N ASP A 44 -18.55 11.92 -4.61
CA ASP A 44 -19.99 11.55 -4.64
C ASP A 44 -20.54 11.65 -6.06
N ILE A 45 -21.82 11.50 -6.23
CA ILE A 45 -22.41 11.59 -7.59
C ILE A 45 -22.28 13.03 -8.11
N GLY A 46 -22.17 13.98 -7.22
CA GLY A 46 -22.04 15.39 -7.67
C GLY A 46 -23.07 16.25 -6.94
N ALA A 47 -23.08 16.20 -5.63
CA ALA A 47 -24.06 17.01 -4.86
C ALA A 47 -23.32 18.07 -4.04
N ASN A 48 -22.92 17.73 -2.84
CA ASN A 48 -22.20 18.71 -1.98
C ASN A 48 -21.07 19.37 -2.78
N PRO A 49 -20.25 18.56 -3.40
CA PRO A 49 -19.11 19.04 -4.19
C PRO A 49 -19.57 19.52 -5.57
N SER A 50 -20.75 19.17 -5.98
CA SER A 50 -21.26 19.62 -7.31
C SER A 50 -22.75 19.90 -7.24
N ALA A 51 -23.15 20.80 -6.37
CA ALA A 51 -24.61 21.12 -6.25
C ALA A 51 -24.81 22.17 -5.16
N GLU A 52 -24.55 21.82 -3.93
CA GLU A 52 -24.74 22.82 -2.83
C GLU A 52 -23.65 22.63 -1.77
N ASP A 53 -23.65 23.45 -0.75
CA ASP A 53 -22.62 23.33 0.32
C ASP A 53 -23.28 22.83 1.60
N ALA A 54 -24.32 22.04 1.49
CA ALA A 54 -25.00 21.53 2.71
C ALA A 54 -24.18 20.40 3.33
N GLU A 55 -23.68 20.60 4.52
CA GLU A 55 -22.88 19.54 5.19
C GLU A 55 -23.80 18.42 5.66
N GLU A 56 -23.94 17.37 4.89
CA GLU A 56 -24.84 16.26 5.29
C GLU A 56 -24.02 15.17 5.97
N ASN A 57 -23.75 15.32 7.24
CA ASN A 57 -22.96 14.28 7.97
C ASN A 57 -23.75 13.80 9.18
N ALA A 58 -23.10 13.12 10.10
CA ALA A 58 -23.82 12.62 11.30
C ALA A 58 -22.81 11.94 12.24
N GLU A 59 -21.68 12.57 12.46
CA GLU A 59 -20.67 11.96 13.36
C GLU A 59 -20.11 10.69 12.71
N GLU A 60 -20.20 10.58 11.41
CA GLU A 60 -19.68 9.37 10.72
C GLU A 60 -18.68 9.80 9.63
N GLY A 61 -18.25 11.02 9.65
CA GLY A 61 -17.28 11.49 8.62
C GLY A 61 -15.85 11.35 9.16
N THR A 62 -15.68 11.41 10.45
CA THR A 62 -14.32 11.28 11.03
C THR A 62 -13.78 9.87 10.76
N GLU A 63 -12.65 9.76 10.12
CA GLU A 63 -12.09 8.41 9.84
C GLU A 63 -10.60 8.40 10.19
N THR A 64 -10.09 7.26 10.60
CA THR A 64 -8.64 7.19 10.97
C THR A 64 -7.82 6.97 9.70
N VAL A 65 -6.96 7.91 9.37
CA VAL A 65 -6.13 7.75 8.14
C VAL A 65 -4.66 7.62 8.53
N ASN A 66 -3.92 6.81 7.82
CA ASN A 66 -2.47 6.65 8.15
C ASN A 66 -1.70 7.89 7.71
N ASN A 67 -0.58 8.15 8.32
CA ASN A 67 0.21 9.36 7.94
C ASN A 67 0.92 9.10 6.60
N LEU A 68 1.15 7.86 6.27
CA LEU A 68 1.83 7.55 4.98
C LEU A 68 0.79 7.60 3.86
N VAL A 69 -0.34 7.00 4.09
CA VAL A 69 -1.40 7.00 3.05
C VAL A 69 -1.89 8.44 2.82
N TYR A 70 -1.99 9.21 3.86
CA TYR A 70 -2.47 10.61 3.70
C TYR A 70 -1.40 11.44 2.99
N SER A 71 -0.15 11.18 3.26
CA SER A 71 0.94 11.96 2.61
C SER A 71 0.96 11.68 1.10
N PHE A 72 0.98 10.43 0.72
CA PHE A 72 1.02 10.10 -0.74
C PHE A 72 -0.39 10.15 -1.33
N ARG A 73 -1.38 10.39 -0.51
CA ARG A 73 -2.78 10.46 -1.05
C ARG A 73 -3.26 9.04 -1.39
N LEU A 74 -2.61 8.04 -0.85
CA LEU A 74 -3.02 6.63 -1.13
C LEU A 74 -4.54 6.53 -1.16
N SER A 75 -5.07 5.78 -2.09
CA SER A 75 -6.55 5.64 -2.18
C SER A 75 -6.93 4.16 -1.97
N PRO A 76 -7.61 3.89 -0.89
CA PRO A 76 -8.04 2.51 -0.55
C PRO A 76 -9.29 2.13 -1.36
N THR A 77 -9.43 0.87 -1.66
CA THR A 77 -10.62 0.43 -2.45
C THR A 77 -11.49 -0.46 -1.56
N SER A 78 -12.54 -1.03 -2.10
CA SER A 78 -13.41 -1.90 -1.28
C SER A 78 -13.82 -3.14 -2.08
N PHE A 79 -14.20 -2.96 -3.31
CA PHE A 79 -14.60 -4.12 -4.14
C PHE A 79 -13.36 -4.86 -4.65
N ASP A 80 -13.33 -6.15 -4.52
CA ASP A 80 -12.14 -6.92 -4.99
C ASP A 80 -12.39 -8.43 -4.82
N LYS A 81 -13.63 -8.84 -4.85
CA LYS A 81 -13.93 -10.30 -4.70
C LYS A 81 -13.28 -11.06 -5.85
N LYS A 82 -13.43 -10.58 -7.05
CA LYS A 82 -12.84 -11.29 -8.21
C LYS A 82 -11.88 -10.35 -8.95
N SER A 83 -12.17 -9.08 -8.96
CA SER A 83 -11.28 -8.11 -9.66
C SER A 83 -9.90 -8.14 -9.01
N TYR A 84 -9.84 -8.38 -7.73
CA TYR A 84 -8.51 -8.42 -7.04
C TYR A 84 -7.63 -9.50 -7.68
N MET A 85 -8.15 -10.68 -7.89
CA MET A 85 -7.34 -11.76 -8.50
C MET A 85 -6.87 -11.33 -9.90
N SER A 86 -7.68 -10.58 -10.60
CA SER A 86 -7.28 -10.13 -11.97
C SER A 86 -6.10 -9.16 -11.87
N TYR A 87 -6.11 -8.31 -10.89
CA TYR A 87 -4.99 -7.33 -10.75
C TYR A 87 -3.70 -8.07 -10.37
N ILE A 88 -3.77 -8.94 -9.41
CA ILE A 88 -2.54 -9.69 -9.00
C ILE A 88 -2.03 -10.51 -10.18
N LYS A 89 -2.90 -10.89 -11.08
CA LYS A 89 -2.45 -11.70 -12.25
C LYS A 89 -1.70 -10.80 -13.24
N GLY A 90 -2.20 -9.62 -13.49
CA GLY A 90 -1.50 -8.71 -14.43
C GLY A 90 -0.17 -8.26 -13.84
N TYR A 91 -0.06 -8.25 -12.54
CA TYR A 91 1.23 -7.82 -11.90
C TYR A 91 2.19 -9.00 -11.91
N MET A 92 1.69 -10.18 -11.71
CA MET A 92 2.58 -11.38 -11.70
C MET A 92 3.16 -11.60 -13.10
N LYS A 93 2.36 -11.45 -14.11
CA LYS A 93 2.87 -11.65 -15.49
C LYS A 93 3.81 -10.50 -15.85
N ALA A 94 3.45 -9.29 -15.51
CA ALA A 94 4.33 -8.14 -15.83
C ALA A 94 5.71 -8.38 -15.24
N ILE A 95 5.78 -8.75 -13.98
CA ILE A 95 7.10 -9.01 -13.35
C ILE A 95 7.84 -10.09 -14.14
N LYS A 96 7.14 -11.13 -14.54
CA LYS A 96 7.80 -12.22 -15.31
C LYS A 96 8.62 -11.59 -16.45
N ALA A 97 8.03 -10.69 -17.19
CA ALA A 97 8.76 -10.04 -18.31
C ALA A 97 9.95 -9.27 -17.75
N ARG A 98 9.81 -8.69 -16.59
CA ARG A 98 10.94 -7.93 -15.99
C ARG A 98 12.11 -8.87 -15.72
N LEU A 99 11.83 -10.10 -15.37
CA LEU A 99 12.93 -11.06 -15.09
C LEU A 99 13.61 -11.44 -16.41
N GLN A 100 12.84 -11.73 -17.42
CA GLN A 100 13.43 -12.12 -18.72
C GLN A 100 14.40 -11.02 -19.19
N GLU A 101 14.09 -9.78 -18.90
CA GLU A 101 14.99 -8.68 -19.33
C GLU A 101 16.23 -8.66 -18.42
N SER A 102 16.05 -8.89 -17.15
CA SER A 102 17.21 -8.88 -16.22
C SER A 102 17.79 -10.29 -16.13
N ASN A 103 17.16 -11.15 -15.38
CA ASN A 103 17.68 -12.55 -15.24
C ASN A 103 16.49 -13.52 -15.16
N PRO A 104 16.41 -14.42 -16.11
CA PRO A 104 15.34 -15.44 -16.15
C PRO A 104 15.56 -16.52 -15.09
N GLU A 105 16.75 -16.57 -14.52
CA GLU A 105 17.04 -17.60 -13.50
C GLU A 105 16.18 -17.35 -12.25
N ARG A 106 15.67 -16.15 -12.09
CA ARG A 106 14.84 -15.85 -10.89
C ARG A 106 13.36 -15.88 -11.28
N VAL A 107 13.05 -16.44 -12.42
CA VAL A 107 11.64 -16.51 -12.87
C VAL A 107 10.84 -17.54 -12.04
N PRO A 108 11.41 -18.71 -11.82
CA PRO A 108 10.74 -19.77 -11.05
C PRO A 108 10.77 -19.47 -9.56
N VAL A 109 11.92 -19.16 -9.03
CA VAL A 109 12.01 -18.86 -7.58
C VAL A 109 11.07 -17.70 -7.22
N PHE A 110 11.06 -16.67 -8.01
CA PHE A 110 10.18 -15.51 -7.73
C PHE A 110 8.70 -15.93 -7.84
N GLU A 111 8.38 -16.75 -8.79
CA GLU A 111 6.96 -17.18 -8.96
C GLU A 111 6.49 -17.96 -7.72
N LYS A 112 7.30 -18.86 -7.23
CA LYS A 112 6.89 -19.67 -6.04
C LYS A 112 6.76 -18.76 -4.82
N ASN A 113 7.57 -17.74 -4.72
CA ASN A 113 7.49 -16.84 -3.54
C ASN A 113 6.19 -16.02 -3.60
N ALA A 114 5.89 -15.46 -4.73
CA ALA A 114 4.63 -14.65 -4.84
C ALA A 114 3.41 -15.55 -4.64
N ILE A 115 3.54 -16.82 -4.95
CA ILE A 115 2.39 -17.75 -4.78
C ILE A 115 2.17 -18.02 -3.28
N GLY A 116 3.22 -18.27 -2.56
CA GLY A 116 3.06 -18.55 -1.10
C GLY A 116 2.53 -17.31 -0.38
N PHE A 117 3.11 -16.17 -0.63
CA PHE A 117 2.64 -14.93 0.05
C PHE A 117 1.17 -14.67 -0.31
N VAL A 118 0.81 -14.86 -1.55
CA VAL A 118 -0.60 -14.62 -1.97
C VAL A 118 -1.53 -15.59 -1.23
N LYS A 119 -1.07 -16.79 -0.96
CA LYS A 119 -1.94 -17.77 -0.25
C LYS A 119 -2.15 -17.34 1.19
N LYS A 120 -1.18 -16.72 1.79
CA LYS A 120 -1.31 -16.29 3.21
C LYS A 120 -2.18 -15.02 3.28
N ILE A 121 -2.11 -14.19 2.29
CA ILE A 121 -2.93 -12.95 2.30
C ILE A 121 -4.40 -13.30 2.08
N LEU A 122 -4.67 -14.34 1.33
CA LEU A 122 -6.09 -14.72 1.07
C LEU A 122 -6.76 -15.16 2.37
N ALA A 123 -5.99 -15.64 3.31
CA ALA A 123 -6.58 -16.08 4.61
C ALA A 123 -7.26 -14.90 5.31
N ASN A 124 -6.79 -13.71 5.09
CA ASN A 124 -7.42 -12.52 5.74
C ASN A 124 -7.39 -11.33 4.78
N PHE A 125 -7.95 -11.51 3.61
CA PHE A 125 -7.96 -10.39 2.62
C PHE A 125 -8.78 -9.22 3.16
N LYS A 126 -9.64 -9.47 4.11
CA LYS A 126 -10.47 -8.37 4.68
C LYS A 126 -9.61 -7.50 5.59
N ASP A 127 -8.85 -8.10 6.45
CA ASP A 127 -7.99 -7.30 7.38
C ASP A 127 -6.83 -6.69 6.59
N TYR A 128 -6.47 -7.29 5.49
CA TYR A 128 -5.35 -6.75 4.68
C TYR A 128 -5.80 -5.55 3.84
N ASP A 129 -7.08 -5.46 3.56
CA ASP A 129 -7.57 -4.32 2.75
C ASP A 129 -6.75 -4.22 1.45
N PHE A 130 -7.13 -3.36 0.56
CA PHE A 130 -6.36 -3.22 -0.71
C PHE A 130 -6.13 -1.74 -1.00
N TYR A 131 -4.90 -1.32 -1.12
CA TYR A 131 -4.63 0.12 -1.39
C TYR A 131 -4.19 0.31 -2.83
N ILE A 132 -4.22 1.54 -3.30
CA ILE A 132 -3.79 1.81 -4.70
C ILE A 132 -3.12 3.18 -4.77
N GLY A 133 -2.05 3.30 -5.51
CA GLY A 133 -1.36 4.63 -5.62
C GLY A 133 -2.37 5.71 -5.98
N GLU A 134 -2.11 6.94 -5.64
CA GLU A 134 -3.06 8.04 -5.97
C GLU A 134 -3.25 8.08 -7.49
N SER A 135 -2.30 7.59 -8.24
CA SER A 135 -2.43 7.60 -9.72
C SER A 135 -3.60 6.71 -10.13
N MET A 136 -3.82 5.64 -9.42
CA MET A 136 -4.94 4.73 -9.77
C MET A 136 -4.60 3.96 -11.06
N ASP A 137 -3.38 3.52 -11.19
CA ASP A 137 -2.99 2.77 -12.41
C ASP A 137 -3.23 1.28 -12.19
N PRO A 138 -3.85 0.64 -13.16
CA PRO A 138 -4.15 -0.79 -13.10
C PRO A 138 -2.88 -1.62 -13.32
N ASP A 139 -1.80 -0.97 -13.64
CA ASP A 139 -0.53 -1.70 -13.87
C ASP A 139 0.33 -1.63 -12.60
N ALA A 140 -0.12 -0.91 -11.61
CA ALA A 140 0.67 -0.80 -10.35
C ALA A 140 0.13 -1.80 -9.33
N MET A 141 1.00 -2.51 -8.66
CA MET A 141 0.54 -3.50 -7.66
C MET A 141 -0.17 -2.79 -6.51
N VAL A 142 -1.09 -3.46 -5.86
CA VAL A 142 -1.82 -2.81 -4.72
C VAL A 142 -1.05 -3.06 -3.43
N VAL A 143 -1.01 -2.09 -2.56
CA VAL A 143 -0.27 -2.28 -1.27
C VAL A 143 -1.24 -2.79 -0.22
N LEU A 144 -0.89 -3.83 0.47
CA LEU A 144 -1.80 -4.38 1.52
C LEU A 144 -1.30 -3.96 2.90
N MET A 145 -2.17 -3.52 3.76
CA MET A 145 -1.73 -3.11 5.12
C MET A 145 -2.23 -4.14 6.14
N ASN A 146 -1.43 -4.42 7.15
CA ASN A 146 -1.86 -5.41 8.17
C ASN A 146 -1.32 -5.01 9.54
N TYR A 147 -1.82 -5.61 10.59
CA TYR A 147 -1.33 -5.27 11.96
C TYR A 147 -0.15 -6.17 12.32
N ARG A 148 0.96 -5.57 12.70
CA ARG A 148 2.13 -6.40 13.07
C ARG A 148 1.83 -7.20 14.34
N GLU A 149 2.83 -7.80 14.93
CA GLU A 149 2.58 -8.59 16.17
C GLU A 149 2.40 -7.65 17.35
N ASP A 150 2.79 -6.41 17.20
CA ASP A 150 2.64 -5.43 18.32
C ASP A 150 1.16 -5.36 18.73
N GLY A 151 0.29 -5.05 17.80
CA GLY A 151 -1.16 -4.97 18.14
C GLY A 151 -1.70 -3.60 17.70
N ILE A 152 -0.85 -2.62 17.57
CA ILE A 152 -1.33 -1.28 17.14
C ILE A 152 -0.32 -0.67 16.17
N THR A 153 0.27 -1.48 15.33
CA THR A 153 1.27 -0.95 14.36
C THR A 153 0.90 -1.38 12.95
N PRO A 154 0.29 -0.47 12.21
CA PRO A 154 -0.12 -0.74 10.82
C PRO A 154 1.08 -0.59 9.89
N TYR A 155 1.29 -1.54 9.02
CA TYR A 155 2.45 -1.44 8.08
C TYR A 155 2.02 -1.82 6.67
N MET A 156 2.55 -1.15 5.69
CA MET A 156 2.17 -1.47 4.28
C MET A 156 3.25 -2.35 3.66
N ILE A 157 2.88 -3.21 2.75
CA ILE A 157 3.89 -4.10 2.11
C ILE A 157 3.97 -3.81 0.61
N PHE A 158 5.16 -3.83 0.06
CA PHE A 158 5.30 -3.56 -1.40
C PHE A 158 6.19 -4.63 -2.04
N PHE A 159 5.87 -5.05 -3.23
CA PHE A 159 6.70 -6.10 -3.90
C PHE A 159 8.05 -5.49 -4.30
N LYS A 160 9.13 -6.13 -3.92
CA LYS A 160 10.47 -5.60 -4.30
C LYS A 160 10.66 -5.71 -5.81
N ASP A 161 10.24 -6.80 -6.38
CA ASP A 161 10.38 -6.97 -7.86
C ASP A 161 9.80 -5.75 -8.58
N GLY A 162 8.76 -5.17 -8.03
CA GLY A 162 8.14 -3.98 -8.68
C GLY A 162 8.37 -2.75 -7.80
N LEU A 163 9.59 -2.52 -7.39
CA LEU A 163 9.87 -1.33 -6.53
C LEU A 163 11.33 -0.90 -6.73
N VAL A 164 11.55 0.36 -6.99
CA VAL A 164 12.94 0.84 -7.18
C VAL A 164 13.27 1.90 -6.13
N SER A 165 14.49 1.93 -5.66
CA SER A 165 14.87 2.93 -4.62
C SER A 165 15.71 4.03 -5.25
N GLU A 166 15.36 5.26 -5.02
CA GLU A 166 16.15 6.39 -5.58
C GLU A 166 16.68 7.27 -4.44
N LYS A 167 17.98 7.44 -4.36
CA LYS A 167 18.55 8.27 -3.27
C LYS A 167 17.93 9.67 -3.31
N PHE A 168 17.33 10.09 -2.22
CA PHE A 168 16.71 11.44 -2.18
C PHE A 168 17.80 12.51 -2.31
#